data_1Y3S
# 
_entry.id   1Y3S 
# 
_audit_conform.dict_name       mmcif_pdbx.dic 
_audit_conform.dict_version    5.386 
_audit_conform.dict_location   http://mmcif.pdb.org/dictionaries/ascii/mmcif_pdbx.dic 
# 
loop_
_database_2.database_id 
_database_2.database_code 
_database_2.pdbx_database_accession 
_database_2.pdbx_DOI 
PDB   1Y3S         pdb_00001y3s 10.2210/pdb1y3s/pdb 
NDB   UR0050       ?            ?                   
RCSB  RCSB031079   ?            ?                   
WWPDB D_1000031079 ?            ?                   
# 
loop_
_pdbx_audit_revision_history.ordinal 
_pdbx_audit_revision_history.data_content_type 
_pdbx_audit_revision_history.major_revision 
_pdbx_audit_revision_history.minor_revision 
_pdbx_audit_revision_history.revision_date 
1 'Structure model' 1 0 2005-11-08 
2 'Structure model' 1 1 2008-04-30 
3 'Structure model' 1 2 2011-07-13 
4 'Structure model' 1 3 2024-02-14 
# 
_pdbx_audit_revision_details.ordinal             1 
_pdbx_audit_revision_details.revision_ordinal    1 
_pdbx_audit_revision_details.data_content_type   'Structure model' 
_pdbx_audit_revision_details.provider            repository 
_pdbx_audit_revision_details.type                'Initial release' 
_pdbx_audit_revision_details.description         ? 
_pdbx_audit_revision_details.details             ? 
# 
loop_
_pdbx_audit_revision_group.ordinal 
_pdbx_audit_revision_group.revision_ordinal 
_pdbx_audit_revision_group.data_content_type 
_pdbx_audit_revision_group.group 
1 2 'Structure model' 'Version format compliance' 
2 3 'Structure model' 'Version format compliance' 
3 4 'Structure model' 'Data collection'           
4 4 'Structure model' 'Database references'       
5 4 'Structure model' 'Derived calculations'      
# 
loop_
_pdbx_audit_revision_category.ordinal 
_pdbx_audit_revision_category.revision_ordinal 
_pdbx_audit_revision_category.data_content_type 
_pdbx_audit_revision_category.category 
1 4 'Structure model' chem_comp_atom         
2 4 'Structure model' chem_comp_bond         
3 4 'Structure model' database_2             
4 4 'Structure model' pdbx_struct_conn_angle 
5 4 'Structure model' struct_conn            
6 4 'Structure model' struct_site            
# 
loop_
_pdbx_audit_revision_item.ordinal 
_pdbx_audit_revision_item.revision_ordinal 
_pdbx_audit_revision_item.data_content_type 
_pdbx_audit_revision_item.item 
1  4 'Structure model' '_database_2.pdbx_DOI'                        
2  4 'Structure model' '_database_2.pdbx_database_accession'         
3  4 'Structure model' '_pdbx_struct_conn_angle.ptnr1_auth_asym_id'  
4  4 'Structure model' '_pdbx_struct_conn_angle.ptnr1_auth_comp_id'  
5  4 'Structure model' '_pdbx_struct_conn_angle.ptnr1_auth_seq_id'   
6  4 'Structure model' '_pdbx_struct_conn_angle.ptnr1_label_asym_id' 
7  4 'Structure model' '_pdbx_struct_conn_angle.ptnr1_label_atom_id' 
8  4 'Structure model' '_pdbx_struct_conn_angle.ptnr1_label_comp_id' 
9  4 'Structure model' '_pdbx_struct_conn_angle.ptnr1_label_seq_id'  
10 4 'Structure model' '_pdbx_struct_conn_angle.ptnr3_auth_asym_id'  
11 4 'Structure model' '_pdbx_struct_conn_angle.ptnr3_auth_comp_id'  
12 4 'Structure model' '_pdbx_struct_conn_angle.ptnr3_auth_seq_id'   
13 4 'Structure model' '_pdbx_struct_conn_angle.ptnr3_label_asym_id' 
14 4 'Structure model' '_pdbx_struct_conn_angle.ptnr3_label_atom_id' 
15 4 'Structure model' '_pdbx_struct_conn_angle.ptnr3_label_comp_id' 
16 4 'Structure model' '_pdbx_struct_conn_angle.ptnr3_label_seq_id'  
17 4 'Structure model' '_pdbx_struct_conn_angle.value'               
18 4 'Structure model' '_struct_conn.conn_type_id'                   
19 4 'Structure model' '_struct_conn.id'                             
20 4 'Structure model' '_struct_conn.pdbx_dist_value'                
21 4 'Structure model' '_struct_conn.pdbx_leaving_atom_flag'         
22 4 'Structure model' '_struct_conn.ptnr1_auth_asym_id'             
23 4 'Structure model' '_struct_conn.ptnr1_auth_comp_id'             
24 4 'Structure model' '_struct_conn.ptnr1_auth_seq_id'              
25 4 'Structure model' '_struct_conn.ptnr1_label_asym_id'            
26 4 'Structure model' '_struct_conn.ptnr1_label_atom_id'            
27 4 'Structure model' '_struct_conn.ptnr1_label_comp_id'            
28 4 'Structure model' '_struct_conn.ptnr1_label_seq_id'             
29 4 'Structure model' '_struct_conn.ptnr2_auth_asym_id'             
30 4 'Structure model' '_struct_conn.ptnr2_auth_comp_id'             
31 4 'Structure model' '_struct_conn.ptnr2_auth_seq_id'              
32 4 'Structure model' '_struct_conn.ptnr2_label_asym_id'            
33 4 'Structure model' '_struct_conn.ptnr2_label_atom_id'            
34 4 'Structure model' '_struct_conn.ptnr2_label_comp_id'            
35 4 'Structure model' '_struct_conn.ptnr2_label_seq_id'             
36 4 'Structure model' '_struct_site.pdbx_auth_asym_id'              
37 4 'Structure model' '_struct_site.pdbx_auth_comp_id'              
38 4 'Structure model' '_struct_site.pdbx_auth_seq_id'               
# 
_pdbx_database_status.status_code                     REL 
_pdbx_database_status.entry_id                        1Y3S 
_pdbx_database_status.recvd_initial_deposition_date   2004-11-26 
_pdbx_database_status.deposit_site                    RCSB 
_pdbx_database_status.process_site                    RCSB 
_pdbx_database_status.status_code_sf                  REL 
_pdbx_database_status.status_code_mr                  ? 
_pdbx_database_status.SG_entry                        ? 
_pdbx_database_status.pdb_format_compatible           Y 
_pdbx_database_status.status_code_cs                  ? 
_pdbx_database_status.status_code_nmr_data            ? 
_pdbx_database_status.methods_development_category    ? 
# 
loop_
_pdbx_database_related.db_name 
_pdbx_database_related.db_id 
_pdbx_database_related.details 
_pdbx_database_related.content_type 
PDB 1XPF . unspecified 
PDB 1XPE . unspecified 
PDB 1XP7 . unspecified 
PDB 1Y3O . unspecified 
# 
loop_
_audit_author.name 
_audit_author.pdbx_ordinal 
'Ennifar, E.' 1 
'Dumas, P.'   2 
# 
_citation.id                        primary 
_citation.title                     
'Polymorphism of Bulged-out Residues in HIV-1 RNA DIS Kissing Complex and Structure Comparison with Solution Studies.' 
_citation.journal_abbrev            J.Mol.Biol. 
_citation.journal_volume            356 
_citation.page_first                771 
_citation.page_last                 782 
_citation.year                      2006 
_citation.journal_id_ASTM           JMOBAK 
_citation.country                   UK 
_citation.journal_id_ISSN           0022-2836 
_citation.journal_id_CSD            0070 
_citation.book_publisher            ? 
_citation.pdbx_database_id_PubMed   16403527 
_citation.pdbx_database_id_DOI      10.1016/j.jmb.2005.12.022 
# 
loop_
_citation_author.citation_id 
_citation_author.name 
_citation_author.ordinal 
_citation_author.identifier_ORCID 
primary 'Ennifar, E.' 1 ? 
primary 'Dumas, P.'   2 ? 
# 
loop_
_entity.id 
_entity.type 
_entity.src_method 
_entity.pdbx_description 
_entity.formula_weight 
_entity.pdbx_number_of_molecules 
_entity.pdbx_ec 
_entity.pdbx_mutation 
_entity.pdbx_fragment 
_entity.details 
1 polymer     syn "5'-R(*CP*UP*(5BU)P*GP*CP*UP*GP*AP*AP*GP*UP*GP*CP*AP*CP*AP*CP*AP*GP*CP*AP*AP*G)-3'" 7465.368 2   ? ? ? ? 
2 non-polymer syn 'POTASSIUM ION'                                                                     39.098   3   ? ? ? ? 
3 non-polymer syn 'MAGNESIUM ION'                                                                     24.305   2   ? ? ? ? 
4 water       nat water                                                                               18.015   113 ? ? ? ? 
# 
_entity_name_com.entity_id   1 
_entity_name_com.name        'HIV-1 genomic RNA DIS' 
# 
_entity_poly.entity_id                      1 
_entity_poly.type                           polyribonucleotide 
_entity_poly.nstd_linkage                   no 
_entity_poly.nstd_monomer                   yes 
_entity_poly.pdbx_seq_one_letter_code       'CU(5BU)GCUGAAGUGCACACAGCAAG' 
_entity_poly.pdbx_seq_one_letter_code_can   CUUGCUGAAGUGCACACAGCAAG 
_entity_poly.pdbx_strand_id                 A,B 
_entity_poly.pdbx_target_identifier         ? 
# 
loop_
_pdbx_entity_nonpoly.entity_id 
_pdbx_entity_nonpoly.name 
_pdbx_entity_nonpoly.comp_id 
2 'POTASSIUM ION' K   
3 'MAGNESIUM ION' MG  
4 water           HOH 
# 
loop_
_entity_poly_seq.entity_id 
_entity_poly_seq.num 
_entity_poly_seq.mon_id 
_entity_poly_seq.hetero 
1 1  C   n 
1 2  U   n 
1 3  5BU n 
1 4  G   n 
1 5  C   n 
1 6  U   n 
1 7  G   n 
1 8  A   n 
1 9  A   n 
1 10 G   n 
1 11 U   n 
1 12 G   n 
1 13 C   n 
1 14 A   n 
1 15 C   n 
1 16 A   n 
1 17 C   n 
1 18 A   n 
1 19 G   n 
1 20 C   n 
1 21 A   n 
1 22 A   n 
1 23 G   n 
# 
loop_
_chem_comp.id 
_chem_comp.type 
_chem_comp.mon_nstd_flag 
_chem_comp.name 
_chem_comp.pdbx_synonyms 
_chem_comp.formula 
_chem_comp.formula_weight 
5BU 'RNA linking' n "5-BROMO-URIDINE-5'-MONOPHOSPHATE" ? 'C9 H12 Br N2 O9 P' 403.077 
A   'RNA linking' y "ADENOSINE-5'-MONOPHOSPHATE"       ? 'C10 H14 N5 O7 P'   347.221 
C   'RNA linking' y "CYTIDINE-5'-MONOPHOSPHATE"        ? 'C9 H14 N3 O8 P'    323.197 
G   'RNA linking' y "GUANOSINE-5'-MONOPHOSPHATE"       ? 'C10 H14 N5 O8 P'   363.221 
HOH non-polymer   . WATER                              ? 'H2 O'              18.015  
K   non-polymer   . 'POTASSIUM ION'                    ? 'K 1'               39.098  
MG  non-polymer   . 'MAGNESIUM ION'                    ? 'Mg 2'              24.305  
U   'RNA linking' y "URIDINE-5'-MONOPHOSPHATE"         ? 'C9 H13 N2 O9 P'    324.181 
# 
loop_
_pdbx_poly_seq_scheme.asym_id 
_pdbx_poly_seq_scheme.entity_id 
_pdbx_poly_seq_scheme.seq_id 
_pdbx_poly_seq_scheme.mon_id 
_pdbx_poly_seq_scheme.ndb_seq_num 
_pdbx_poly_seq_scheme.pdb_seq_num 
_pdbx_poly_seq_scheme.auth_seq_num 
_pdbx_poly_seq_scheme.pdb_mon_id 
_pdbx_poly_seq_scheme.auth_mon_id 
_pdbx_poly_seq_scheme.pdb_strand_id 
_pdbx_poly_seq_scheme.pdb_ins_code 
_pdbx_poly_seq_scheme.hetero 
A 1 1  C   1  1  1  C   C   A . n 
A 1 2  U   2  2  2  U   U   A . n 
A 1 3  5BU 3  3  3  5BU 5BU A . n 
A 1 4  G   4  4  4  G   G   A . n 
A 1 5  C   5  5  5  C   C   A . n 
A 1 6  U   6  6  6  U   U   A . n 
A 1 7  G   7  7  7  G   G   A . n 
A 1 8  A   8  8  8  A   A   A . n 
A 1 9  A   9  9  9  A   A   A . n 
A 1 10 G   10 10 10 G   G   A . n 
A 1 11 U   11 11 11 U   U   A . n 
A 1 12 G   12 12 12 G   G   A . n 
A 1 13 C   13 13 13 C   C   A . n 
A 1 14 A   14 14 14 A   A   A . n 
A 1 15 C   15 15 15 C   C   A . n 
A 1 16 A   16 16 16 A   A   A . n 
A 1 17 C   17 17 17 C   C   A . n 
A 1 18 A   18 18 18 A   A   A . n 
A 1 19 G   19 19 19 G   G   A . n 
A 1 20 C   20 20 20 C   C   A . n 
A 1 21 A   21 21 21 A   A   A . n 
A 1 22 A   22 22 22 A   A   A . n 
A 1 23 G   23 23 23 G   G   A . n 
B 1 1  C   1  1  1  C   C   B . n 
B 1 2  U   2  2  2  U   U   B . n 
B 1 3  5BU 3  3  3  5BU 5BU B . n 
B 1 4  G   4  4  4  G   G   B . n 
B 1 5  C   5  5  5  C   C   B . n 
B 1 6  U   6  6  6  U   U   B . n 
B 1 7  G   7  7  7  G   G   B . n 
B 1 8  A   8  8  8  A   A   B . n 
B 1 9  A   9  9  9  A   A   B . n 
B 1 10 G   10 10 10 G   G   B . n 
B 1 11 U   11 11 11 U   U   B . n 
B 1 12 G   12 12 12 G   G   B . n 
B 1 13 C   13 13 13 C   C   B . n 
B 1 14 A   14 14 14 A   A   B . n 
B 1 15 C   15 15 15 C   C   B . n 
B 1 16 A   16 16 16 A   A   B . n 
B 1 17 C   17 17 17 C   C   B . n 
B 1 18 A   18 18 18 A   A   B . n 
B 1 19 G   19 19 19 G   G   B . n 
B 1 20 C   20 20 20 C   C   B . n 
B 1 21 A   21 21 21 A   A   B . n 
B 1 22 A   22 22 22 A   A   B . n 
B 1 23 G   23 23 23 G   G   B . n 
# 
loop_
_pdbx_nonpoly_scheme.asym_id 
_pdbx_nonpoly_scheme.entity_id 
_pdbx_nonpoly_scheme.mon_id 
_pdbx_nonpoly_scheme.ndb_seq_num 
_pdbx_nonpoly_scheme.pdb_seq_num 
_pdbx_nonpoly_scheme.auth_seq_num 
_pdbx_nonpoly_scheme.pdb_mon_id 
_pdbx_nonpoly_scheme.auth_mon_id 
_pdbx_nonpoly_scheme.pdb_strand_id 
_pdbx_nonpoly_scheme.pdb_ins_code 
C 2 K   1  24 1   K   K   A . 
D 3 MG  1  25 2   MG  MG  A . 
E 2 K   1  24 3   K   K   B . 
F 3 MG  1  25 4   MG  MG  B . 
G 2 K   1  26 5   K   K   B . 
H 4 HOH 1  26 12  HOH HOH A . 
H 4 HOH 2  27 20  HOH HOH A . 
H 4 HOH 3  28 9   HOH HOH A . 
H 4 HOH 4  29 14  HOH HOH A . 
H 4 HOH 5  30 15  HOH HOH A . 
H 4 HOH 6  31 18  HOH HOH A . 
H 4 HOH 7  32 19  HOH HOH A . 
H 4 HOH 8  33 28  HOH HOH A . 
H 4 HOH 9  34 32  HOH HOH A . 
H 4 HOH 10 35 34  HOH HOH A . 
H 4 HOH 11 36 36  HOH HOH A . 
H 4 HOH 12 37 38  HOH HOH A . 
H 4 HOH 13 38 40  HOH HOH A . 
H 4 HOH 14 39 41  HOH HOH A . 
H 4 HOH 15 40 42  HOH HOH A . 
H 4 HOH 16 41 44  HOH HOH A . 
H 4 HOH 17 42 46  HOH HOH A . 
H 4 HOH 18 43 50  HOH HOH A . 
H 4 HOH 19 44 51  HOH HOH A . 
H 4 HOH 20 45 53  HOH HOH A . 
H 4 HOH 21 46 54  HOH HOH A . 
H 4 HOH 22 47 57  HOH HOH A . 
H 4 HOH 23 48 58  HOH HOH A . 
H 4 HOH 24 49 62  HOH HOH A . 
H 4 HOH 25 50 63  HOH HOH A . 
H 4 HOH 26 51 64  HOH HOH A . 
H 4 HOH 27 52 67  HOH HOH A . 
H 4 HOH 28 53 70  HOH HOH A . 
H 4 HOH 29 54 72  HOH HOH A . 
H 4 HOH 30 55 73  HOH HOH A . 
H 4 HOH 31 56 74  HOH HOH A . 
H 4 HOH 32 57 76  HOH HOH A . 
H 4 HOH 33 58 77  HOH HOH A . 
H 4 HOH 34 59 78  HOH HOH A . 
H 4 HOH 35 60 80  HOH HOH A . 
H 4 HOH 36 61 81  HOH HOH A . 
H 4 HOH 37 62 84  HOH HOH A . 
H 4 HOH 38 63 85  HOH HOH A . 
H 4 HOH 39 64 86  HOH HOH A . 
H 4 HOH 40 65 89  HOH HOH A . 
H 4 HOH 41 66 91  HOH HOH A . 
H 4 HOH 42 67 94  HOH HOH A . 
H 4 HOH 43 68 97  HOH HOH A . 
H 4 HOH 44 69 98  HOH HOH A . 
H 4 HOH 45 70 99  HOH HOH A . 
H 4 HOH 46 71 102 HOH HOH A . 
H 4 HOH 47 72 105 HOH HOH A . 
H 4 HOH 48 73 107 HOH HOH A . 
H 4 HOH 49 74 109 HOH HOH A . 
H 4 HOH 50 75 111 HOH HOH A . 
H 4 HOH 51 76 112 HOH HOH A . 
H 4 HOH 52 77 113 HOH HOH A . 
H 4 HOH 53 78 115 HOH HOH A . 
H 4 HOH 54 79 118 HOH HOH A . 
H 4 HOH 55 80 119 HOH HOH A . 
H 4 HOH 56 81 122 HOH HOH A . 
H 4 HOH 57 82 124 HOH HOH A . 
H 4 HOH 58 83 126 HOH HOH A . 
H 4 HOH 59 84 129 HOH HOH A . 
H 4 HOH 60 85 130 HOH HOH A . 
I 4 HOH 1  27 6   HOH HOH B . 
I 4 HOH 2  28 7   HOH HOH B . 
I 4 HOH 3  29 8   HOH HOH B . 
I 4 HOH 4  30 10  HOH HOH B . 
I 4 HOH 5  31 11  HOH HOH B . 
I 4 HOH 6  32 13  HOH HOH B . 
I 4 HOH 7  33 16  HOH HOH B . 
I 4 HOH 8  34 17  HOH HOH B . 
I 4 HOH 9  35 21  HOH HOH B . 
I 4 HOH 10 36 22  HOH HOH B . 
I 4 HOH 11 37 23  HOH HOH B . 
I 4 HOH 12 38 24  HOH HOH B . 
I 4 HOH 13 39 25  HOH HOH B . 
I 4 HOH 14 40 26  HOH HOH B . 
I 4 HOH 15 41 27  HOH HOH B . 
I 4 HOH 16 42 31  HOH HOH B . 
I 4 HOH 17 43 39  HOH HOH B . 
I 4 HOH 18 44 43  HOH HOH B . 
I 4 HOH 19 45 45  HOH HOH B . 
I 4 HOH 20 46 47  HOH HOH B . 
I 4 HOH 21 47 49  HOH HOH B . 
I 4 HOH 22 48 55  HOH HOH B . 
I 4 HOH 23 49 56  HOH HOH B . 
I 4 HOH 24 50 59  HOH HOH B . 
I 4 HOH 25 51 60  HOH HOH B . 
I 4 HOH 26 52 61  HOH HOH B . 
I 4 HOH 27 53 65  HOH HOH B . 
I 4 HOH 28 54 66  HOH HOH B . 
I 4 HOH 29 55 68  HOH HOH B . 
I 4 HOH 30 56 69  HOH HOH B . 
I 4 HOH 31 57 75  HOH HOH B . 
I 4 HOH 32 58 82  HOH HOH B . 
I 4 HOH 33 59 83  HOH HOH B . 
I 4 HOH 34 60 88  HOH HOH B . 
I 4 HOH 35 61 90  HOH HOH B . 
I 4 HOH 36 62 93  HOH HOH B . 
I 4 HOH 37 63 95  HOH HOH B . 
I 4 HOH 38 64 96  HOH HOH B . 
I 4 HOH 39 65 100 HOH HOH B . 
I 4 HOH 40 66 101 HOH HOH B . 
I 4 HOH 41 67 103 HOH HOH B . 
I 4 HOH 42 68 106 HOH HOH B . 
I 4 HOH 43 69 108 HOH HOH B . 
I 4 HOH 44 70 110 HOH HOH B . 
I 4 HOH 45 71 114 HOH HOH B . 
I 4 HOH 46 72 116 HOH HOH B . 
I 4 HOH 47 73 117 HOH HOH B . 
I 4 HOH 48 74 120 HOH HOH B . 
I 4 HOH 49 75 121 HOH HOH B . 
I 4 HOH 50 76 123 HOH HOH B . 
I 4 HOH 51 77 127 HOH HOH B . 
I 4 HOH 52 78 128 HOH HOH B . 
I 4 HOH 53 79 131 HOH HOH B . 
# 
loop_
_software.name 
_software.classification 
_software.version 
_software.citation_id 
_software.pdbx_ordinal 
CNS       refinement       1.1 ? 1 
HKL-2000  'data reduction' .   ? 2 
SCALEPACK 'data scaling'   .   ? 3 
CNS       phasing          .   ? 4 
# 
_cell.entry_id           1Y3S 
_cell.length_a           27.243 
_cell.length_b           117.794 
_cell.length_c           94.587 
_cell.angle_alpha        90.00 
_cell.angle_beta         90.00 
_cell.angle_gamma        90.00 
_cell.Z_PDB              16 
_cell.pdbx_unique_axis   ? 
_cell.length_a_esd       ? 
_cell.length_b_esd       ? 
_cell.length_c_esd       ? 
_cell.angle_alpha_esd    ? 
_cell.angle_beta_esd     ? 
_cell.angle_gamma_esd    ? 
# 
_symmetry.entry_id                         1Y3S 
_symmetry.space_group_name_H-M             'C 2 2 21' 
_symmetry.pdbx_full_space_group_name_H-M   ? 
_symmetry.cell_setting                     ? 
_symmetry.Int_Tables_number                20 
_symmetry.space_group_name_Hall            ? 
# 
_exptl.entry_id          1Y3S 
_exptl.method            'X-RAY DIFFRACTION' 
_exptl.crystals_number   1 
# 
_exptl_crystal.id                    1 
_exptl_crystal.density_meas          ? 
_exptl_crystal.density_Matthews      2.54 
_exptl_crystal.density_percent_sol   51.60 
_exptl_crystal.description           ? 
_exptl_crystal.F_000                 ? 
_exptl_crystal.preparation           ? 
# 
_exptl_crystal_grow.crystal_id      1 
_exptl_crystal_grow.method          'VAPOR DIFFUSION, SITTING DROP' 
_exptl_crystal_grow.temp            310 
_exptl_crystal_grow.temp_details    ? 
_exptl_crystal_grow.pH              6.5 
_exptl_crystal_grow.pdbx_details    
'MPD, spermine, KCl, MgCl2, Na Cacodylate, pH 6.5, VAPOR DIFFUSION, SITTING DROP, temperature 310K' 
_exptl_crystal_grow.pdbx_pH_range   . 
# 
loop_
_exptl_crystal_grow_comp.crystal_id 
_exptl_crystal_grow_comp.id 
_exptl_crystal_grow_comp.sol_id 
_exptl_crystal_grow_comp.name 
_exptl_crystal_grow_comp.volume 
_exptl_crystal_grow_comp.conc 
_exptl_crystal_grow_comp.details 
1 1  1 MPD             ? ? ? 
1 2  1 spermine        ? ? ? 
1 3  1 KCl             ? ? ? 
1 4  1 MgCl2           ? ? ? 
1 5  1 'Na Cacodylate' ? ? ? 
1 6  1 H2O             ? ? ? 
1 7  2 MPD             ? ? ? 
1 8  2 KCl             ? ? ? 
1 9  2 MgCl2           ? ? ? 
1 10 2 'Na Cacodylate' ? ? ? 
# 
_diffrn.id                     1 
_diffrn.ambient_temp           90 
_diffrn.ambient_temp_details   ? 
_diffrn.crystal_id             1 
# 
_diffrn_detector.diffrn_id              1 
_diffrn_detector.detector               CCD 
_diffrn_detector.type                   MARRESEARCH 
_diffrn_detector.pdbx_collection_date   2004-11-05 
_diffrn_detector.details                ? 
# 
_diffrn_radiation.diffrn_id                        1 
_diffrn_radiation.wavelength_id                    1 
_diffrn_radiation.pdbx_monochromatic_or_laue_m_l   M 
_diffrn_radiation.monochromator                    CRYSTAL 
_diffrn_radiation.pdbx_diffrn_protocol             'SINGLE WAVELENGTH' 
_diffrn_radiation.pdbx_scattering_type             x-ray 
# 
_diffrn_radiation_wavelength.id           1 
_diffrn_radiation_wavelength.wavelength   0.9196 
_diffrn_radiation_wavelength.wt           1.0 
# 
_diffrn_source.diffrn_id                   1 
_diffrn_source.source                      SYNCHROTRON 
_diffrn_source.type                        'SLS BEAMLINE X06SA' 
_diffrn_source.pdbx_synchrotron_site       SLS 
_diffrn_source.pdbx_synchrotron_beamline   X06SA 
_diffrn_source.pdbx_wavelength             ? 
_diffrn_source.pdbx_wavelength_list        0.9196 
# 
_reflns.entry_id                     1Y3S 
_reflns.observed_criterion_sigma_I   0 
_reflns.observed_criterion_sigma_F   0 
_reflns.d_resolution_low             40 
_reflns.d_resolution_high            2.25 
_reflns.number_obs                   13511 
_reflns.number_all                   13794 
_reflns.percent_possible_obs         97.9 
_reflns.pdbx_Rmerge_I_obs            ? 
_reflns.pdbx_Rsym_value              0.056 
_reflns.pdbx_netI_over_sigmaI        30.86 
_reflns.B_iso_Wilson_estimate        61.9 
_reflns.pdbx_redundancy              5.7 
_reflns.R_free_details               ? 
_reflns.pdbx_chi_squared             ? 
_reflns.pdbx_scaling_rejects         ? 
_reflns.pdbx_diffrn_id               1 
_reflns.pdbx_ordinal                 1 
# 
_reflns_shell.d_res_high             2.25 
_reflns_shell.d_res_low              2.33 
_reflns_shell.percent_possible_all   100.0 
_reflns_shell.Rmerge_I_obs           ? 
_reflns_shell.pdbx_Rsym_value        0.383 
_reflns_shell.meanI_over_sigI_obs    4.35 
_reflns_shell.pdbx_redundancy        4.7 
_reflns_shell.percent_possible_obs   ? 
_reflns_shell.number_unique_all      ? 
_reflns_shell.number_measured_all    ? 
_reflns_shell.number_measured_obs    ? 
_reflns_shell.number_unique_obs      ? 
_reflns_shell.pdbx_chi_squared       ? 
_reflns_shell.pdbx_diffrn_id         ? 
_reflns_shell.pdbx_ordinal           1 
# 
_refine.entry_id                                 1Y3S 
_refine.ls_number_reflns_obs                     13509 
_refine.ls_number_reflns_all                     13794 
_refine.pdbx_ls_sigma_I                          ? 
_refine.pdbx_ls_sigma_F                          2.0 
_refine.pdbx_data_cutoff_high_absF               618415.02 
_refine.pdbx_data_cutoff_low_absF                0.000000 
_refine.pdbx_data_cutoff_high_rms_absF           ? 
_refine.ls_d_res_low                             10.00 
_refine.ls_d_res_high                            2.25 
_refine.ls_percent_reflns_obs                    97.9 
_refine.ls_R_factor_obs                          0.243 
_refine.ls_R_factor_all                          ? 
_refine.ls_R_factor_R_work                       0.243 
_refine.ls_R_factor_R_free                       0.262 
_refine.ls_R_factor_R_free_error                 0.007 
_refine.ls_R_factor_R_free_error_details         ? 
_refine.ls_percent_reflns_R_free                 9.8 
_refine.ls_number_reflns_R_free                  1323 
_refine.ls_number_parameters                     ? 
_refine.ls_number_restraints                     ? 
_refine.occupancy_min                            ? 
_refine.occupancy_max                            ? 
_refine.correlation_coeff_Fo_to_Fc               ? 
_refine.correlation_coeff_Fo_to_Fc_free          ? 
_refine.B_iso_mean                               44.9 
_refine.aniso_B[1][1]                            0.92 
_refine.aniso_B[2][2]                            -16.51 
_refine.aniso_B[3][3]                            15.60 
_refine.aniso_B[1][2]                            0.00 
_refine.aniso_B[1][3]                            0.00 
_refine.aniso_B[2][3]                            0.00 
_refine.solvent_model_details                    'FLAT MODEL' 
_refine.solvent_model_param_ksol                 0.344799 
_refine.solvent_model_param_bsol                 37.0914 
_refine.pdbx_solvent_vdw_probe_radii             ? 
_refine.pdbx_solvent_ion_probe_radii             ? 
_refine.pdbx_solvent_shrinkage_radii             ? 
_refine.pdbx_ls_cross_valid_method               THROUGHOUT 
_refine.details                                  ? 
_refine.pdbx_starting_model                      ? 
_refine.pdbx_method_to_determine_struct          'MOLECULAR REPLACEMENT' 
_refine.pdbx_isotropic_thermal_model             RESTRAINED 
_refine.pdbx_stereochemistry_target_values       ? 
_refine.pdbx_stereochem_target_val_spec_case     ? 
_refine.pdbx_R_Free_selection_details            RANDOM 
_refine.pdbx_overall_ESU_R                       ? 
_refine.pdbx_overall_ESU_R_Free                  ? 
_refine.overall_SU_ML                            ? 
_refine.overall_SU_B                             ? 
_refine.ls_redundancy_reflns_obs                 ? 
_refine.overall_SU_R_Cruickshank_DPI             ? 
_refine.overall_SU_R_free                        ? 
_refine.ls_wR_factor_R_free                      ? 
_refine.ls_wR_factor_R_work                      ? 
_refine.overall_FOM_free_R_set                   ? 
_refine.overall_FOM_work_R_set                   ? 
_refine.pdbx_refine_id                           'X-RAY DIFFRACTION' 
_refine.pdbx_diffrn_id                           1 
_refine.pdbx_TLS_residual_ADP_flag               ? 
_refine.pdbx_overall_phase_error                 ? 
_refine.pdbx_overall_SU_R_free_Cruickshank_DPI   ? 
_refine.pdbx_overall_SU_R_Blow_DPI               ? 
_refine.pdbx_overall_SU_R_free_Blow_DPI          ? 
# 
_refine_analyze.entry_id                        1Y3S 
_refine_analyze.Luzzati_coordinate_error_obs    0.39 
_refine_analyze.Luzzati_sigma_a_obs             0.53 
_refine_analyze.Luzzati_d_res_low_obs           5.00 
_refine_analyze.Luzzati_coordinate_error_free   0.41 
_refine_analyze.Luzzati_sigma_a_free            0.52 
_refine_analyze.Luzzati_d_res_low_free          ? 
_refine_analyze.number_disordered_residues      ? 
_refine_analyze.occupancy_sum_hydrogen          ? 
_refine_analyze.occupancy_sum_non_hydrogen      ? 
_refine_analyze.pdbx_refine_id                  'X-RAY DIFFRACTION' 
# 
_refine_hist.pdbx_refine_id                   'X-RAY DIFFRACTION' 
_refine_hist.cycle_id                         LAST 
_refine_hist.pdbx_number_atoms_protein        0 
_refine_hist.pdbx_number_atoms_nucleic_acid   980 
_refine_hist.pdbx_number_atoms_ligand         5 
_refine_hist.number_atoms_solvent             113 
_refine_hist.number_atoms_total               1098 
_refine_hist.d_res_high                       2.25 
_refine_hist.d_res_low                        10.00 
# 
loop_
_refine_ls_restr.type 
_refine_ls_restr.dev_ideal 
_refine_ls_restr.dev_ideal_target 
_refine_ls_restr.weight 
_refine_ls_restr.number 
_refine_ls_restr.pdbx_refine_id 
_refine_ls_restr.pdbx_restraint_function 
c_bond_d           0.006 ? ? ? 'X-RAY DIFFRACTION' ? 
c_angle_deg        1.0   ? ? ? 'X-RAY DIFFRACTION' ? 
c_dihedral_angle_d 8.0   ? ? ? 'X-RAY DIFFRACTION' ? 
c_improper_angle_d 1.49  ? ? ? 'X-RAY DIFFRACTION' ? 
# 
_refine_ls_shell.pdbx_total_number_of_bins_used   8 
_refine_ls_shell.d_res_high                       2.25 
_refine_ls_shell.d_res_low                        2.35 
_refine_ls_shell.number_reflns_R_work             1404 
_refine_ls_shell.R_factor_R_work                  0.426 
_refine_ls_shell.percent_reflns_obs               93.2 
_refine_ls_shell.R_factor_R_free                  0.383 
_refine_ls_shell.R_factor_R_free_error            0.031 
_refine_ls_shell.percent_reflns_R_free            9.9 
_refine_ls_shell.number_reflns_R_free             155 
_refine_ls_shell.redundancy_reflns_obs            ? 
_refine_ls_shell.number_reflns_all                ? 
_refine_ls_shell.number_reflns_obs                ? 
_refine_ls_shell.R_factor_all                     ? 
_refine_ls_shell.pdbx_refine_id                   'X-RAY DIFFRACTION' 
# 
loop_
_pdbx_xplor_file.serial_no 
_pdbx_xplor_file.param_file 
_pdbx_xplor_file.topol_file 
_pdbx_xplor_file.pdbx_refine_id 
1 WATER_REP.PARAM WATER.TOP   'X-RAY DIFFRACTION' 
2 LUC.PARAM       DNA-RNA.TOP 'X-RAY DIFFRACTION' 
3 ION.PARAM       ION2.TOP    'X-RAY DIFFRACTION' 
4 BRU_REP.PARAM   ?           'X-RAY DIFFRACTION' 
# 
_struct.entry_id                  1Y3S 
_struct.title                     'HIV-1 DIS RNA subtype F- MPD form' 
_struct.pdbx_model_details        ? 
_struct.pdbx_CASP_flag            ? 
_struct.pdbx_model_type_details   ? 
# 
_struct_keywords.entry_id        1Y3S 
_struct_keywords.pdbx_keywords   RNA 
_struct_keywords.text            'RNA, LOOP-LOOP COMPLEX, HIV-1' 
# 
loop_
_struct_asym.id 
_struct_asym.pdbx_blank_PDB_chainid_flag 
_struct_asym.pdbx_modified 
_struct_asym.entity_id 
_struct_asym.details 
A N N 1 ? 
B N N 1 ? 
C N N 2 ? 
D N N 3 ? 
E N N 2 ? 
F N N 3 ? 
G N N 2 ? 
H N N 4 ? 
I N N 4 ? 
# 
_struct_ref.id                         1 
_struct_ref.entity_id                  1 
_struct_ref.db_name                    PDB 
_struct_ref.db_code                    1Y3S 
_struct_ref.pdbx_db_accession          1Y3S 
_struct_ref.pdbx_db_isoform            ? 
_struct_ref.pdbx_seq_one_letter_code   ? 
_struct_ref.pdbx_align_begin           ? 
# 
loop_
_struct_ref_seq.align_id 
_struct_ref_seq.ref_id 
_struct_ref_seq.pdbx_PDB_id_code 
_struct_ref_seq.pdbx_strand_id 
_struct_ref_seq.seq_align_beg 
_struct_ref_seq.pdbx_seq_align_beg_ins_code 
_struct_ref_seq.seq_align_end 
_struct_ref_seq.pdbx_seq_align_end_ins_code 
_struct_ref_seq.pdbx_db_accession 
_struct_ref_seq.db_align_beg 
_struct_ref_seq.pdbx_db_align_beg_ins_code 
_struct_ref_seq.db_align_end 
_struct_ref_seq.pdbx_db_align_end_ins_code 
_struct_ref_seq.pdbx_auth_seq_align_beg 
_struct_ref_seq.pdbx_auth_seq_align_end 
1 1 1Y3S A 1 ? 23 ? 1Y3S 1 ? 23 ? 1 23 
2 1 1Y3S B 1 ? 23 ? 1Y3S 1 ? 23 ? 1 23 
# 
_pdbx_struct_assembly.id                   1 
_pdbx_struct_assembly.details              author_defined_assembly 
_pdbx_struct_assembly.method_details       ? 
_pdbx_struct_assembly.oligomeric_details   dimeric 
_pdbx_struct_assembly.oligomeric_count     2 
# 
_pdbx_struct_assembly_gen.assembly_id       1 
_pdbx_struct_assembly_gen.oper_expression   1 
_pdbx_struct_assembly_gen.asym_id_list      A,B,C,D,E,F,G,H,I 
# 
_pdbx_struct_oper_list.id                   1 
_pdbx_struct_oper_list.type                 'identity operation' 
_pdbx_struct_oper_list.name                 1_555 
_pdbx_struct_oper_list.symmetry_operation   x,y,z 
_pdbx_struct_oper_list.matrix[1][1]         1.0000000000 
_pdbx_struct_oper_list.matrix[1][2]         0.0000000000 
_pdbx_struct_oper_list.matrix[1][3]         0.0000000000 
_pdbx_struct_oper_list.vector[1]            0.0000000000 
_pdbx_struct_oper_list.matrix[2][1]         0.0000000000 
_pdbx_struct_oper_list.matrix[2][2]         1.0000000000 
_pdbx_struct_oper_list.matrix[2][3]         0.0000000000 
_pdbx_struct_oper_list.vector[2]            0.0000000000 
_pdbx_struct_oper_list.matrix[3][1]         0.0000000000 
_pdbx_struct_oper_list.matrix[3][2]         0.0000000000 
_pdbx_struct_oper_list.matrix[3][3]         1.0000000000 
_pdbx_struct_oper_list.vector[3]            0.0000000000 
# 
_struct_biol.id                    1 
_struct_biol.pdbx_parent_biol_id   ? 
_struct_biol.details               ? 
# 
loop_
_struct_conn.id 
_struct_conn.conn_type_id 
_struct_conn.pdbx_leaving_atom_flag 
_struct_conn.pdbx_PDB_id 
_struct_conn.ptnr1_label_asym_id 
_struct_conn.ptnr1_label_comp_id 
_struct_conn.ptnr1_label_seq_id 
_struct_conn.ptnr1_label_atom_id 
_struct_conn.pdbx_ptnr1_label_alt_id 
_struct_conn.pdbx_ptnr1_PDB_ins_code 
_struct_conn.pdbx_ptnr1_standard_comp_id 
_struct_conn.ptnr1_symmetry 
_struct_conn.ptnr2_label_asym_id 
_struct_conn.ptnr2_label_comp_id 
_struct_conn.ptnr2_label_seq_id 
_struct_conn.ptnr2_label_atom_id 
_struct_conn.pdbx_ptnr2_label_alt_id 
_struct_conn.pdbx_ptnr2_PDB_ins_code 
_struct_conn.ptnr1_auth_asym_id 
_struct_conn.ptnr1_auth_comp_id 
_struct_conn.ptnr1_auth_seq_id 
_struct_conn.ptnr2_auth_asym_id 
_struct_conn.ptnr2_auth_comp_id 
_struct_conn.ptnr2_auth_seq_id 
_struct_conn.ptnr2_symmetry 
_struct_conn.pdbx_ptnr3_label_atom_id 
_struct_conn.pdbx_ptnr3_label_seq_id 
_struct_conn.pdbx_ptnr3_label_comp_id 
_struct_conn.pdbx_ptnr3_label_asym_id 
_struct_conn.pdbx_ptnr3_label_alt_id 
_struct_conn.pdbx_ptnr3_PDB_ins_code 
_struct_conn.details 
_struct_conn.pdbx_dist_value 
_struct_conn.pdbx_value_order 
_struct_conn.pdbx_role 
covale1  covale both ? A U   2  "O3'" ? ? ? 1_555 A 5BU 3  P  ? ? A U   2  A 5BU 3  1_555 ? ? ? ? ? ? ?            1.615 ? ? 
covale2  covale both ? A 5BU 3  "O3'" ? ? ? 1_555 A G   4  P  ? ? A 5BU 3  A G   4  1_555 ? ? ? ? ? ? ?            1.616 ? ? 
covale3  covale both ? B U   2  "O3'" ? ? ? 1_555 B 5BU 3  P  ? ? B U   2  B 5BU 3  1_555 ? ? ? ? ? ? ?            1.606 ? ? 
covale4  covale both ? B 5BU 3  "O3'" ? ? ? 1_555 B G   4  P  ? ? B 5BU 3  B G   4  1_555 ? ? ? ? ? ? ?            1.603 ? ? 
metalc1  metalc ?    ? A 5BU 3  O4    ? ? ? 1_555 C K   .  K  ? ? A 5BU 3  A K   24 1_555 ? ? ? ? ? ? ?            2.722 ? ? 
metalc2  metalc ?    ? A G   4  O6    ? ? ? 1_555 C K   .  K  ? ? A G   4  A K   24 1_555 ? ? ? ? ? ? ?            3.001 ? ? 
metalc3  metalc ?    ? A G   12 O6    ? ? ? 1_555 D MG  .  MG ? ? A G   12 A MG  25 1_555 ? ? ? ? ? ? ?            3.135 ? ? 
metalc4  metalc ?    ? C K   .  K     ? ? ? 1_555 H HOH .  O  ? ? A K   24 A HOH 30 1_555 ? ? ? ? ? ? ?            2.215 ? ? 
metalc5  metalc ?    ? C K   .  K     ? ? ? 1_555 H HOH .  O  ? ? A K   24 A HOH 40 1_555 ? ? ? ? ? ? ?            2.693 ? ? 
metalc6  metalc ?    ? C K   .  K     ? ? ? 1_555 H HOH .  O  ? ? A K   24 A HOH 42 1_555 ? ? ? ? ? ? ?            3.122 ? ? 
metalc7  metalc ?    ? D MG  .  MG    ? ? ? 1_555 H HOH .  O  ? ? A MG  25 A HOH 70 1_555 ? ? ? ? ? ? ?            2.103 ? ? 
metalc8  metalc ?    ? D MG  .  MG    ? ? ? 1_555 I HOH .  O  ? ? A MG  25 B HOH 32 1_555 ? ? ? ? ? ? ?            3.113 ? ? 
metalc9  metalc ?    ? D MG  .  MG    ? ? ? 1_555 I HOH .  O  ? ? A MG  25 B HOH 51 1_555 ? ? ? ? ? ? ?            2.718 ? ? 
metalc10 metalc ?    ? B 5BU 3  BR    ? ? ? 1_555 E K   .  K  ? ? B 5BU 3  B K   24 1_555 ? ? ? ? ? ? ?            3.699 ? ? 
metalc11 metalc ?    ? B 5BU 3  O4    ? ? ? 1_555 E K   .  K  ? ? B 5BU 3  B K   24 1_555 ? ? ? ? ? ? ?            2.767 ? ? 
metalc12 metalc ?    ? B G   4  O6    ? ? ? 1_555 E K   .  K  ? ? B G   4  B K   24 1_555 ? ? ? ? ? ? ?            2.573 ? ? 
metalc13 metalc ?    ? B U   6  O4    ? ? ? 1_555 G K   .  K  ? ? B U   6  B K   26 1_555 ? ? ? ? ? ? ?            2.825 ? ? 
metalc14 metalc ?    ? B G   7  O6    ? ? ? 1_555 G K   .  K  ? ? B G   7  B K   26 1_555 ? ? ? ? ? ? ?            2.894 ? ? 
metalc15 metalc ?    ? E K   .  K     ? ? ? 1_555 I HOH .  O  ? ? B K   24 B HOH 56 1_555 ? ? ? ? ? ? ?            2.855 ? ? 
metalc16 metalc ?    ? E K   .  K     ? ? ? 1_555 I HOH .  O  ? ? B K   24 B HOH 66 1_555 ? ? ? ? ? ? ?            2.594 ? ? 
metalc17 metalc ?    ? F MG  .  MG    ? ? ? 1_555 I HOH .  O  ? ? B MG  25 B HOH 55 1_555 ? ? ? ? ? ? ?            2.748 ? ? 
metalc18 metalc ?    ? G K   .  K     ? ? ? 1_555 I HOH .  O  ? ? B K   26 B HOH 38 1_555 ? ? ? ? ? ? ?            2.740 ? ? 
metalc19 metalc ?    ? G K   .  K     ? ? ? 1_555 I HOH .  O  ? ? B K   26 B HOH 49 1_555 ? ? ? ? ? ? ?            2.542 ? ? 
metalc20 metalc ?    ? G K   .  K     ? ? ? 1_555 I HOH .  O  ? ? B K   26 B HOH 50 1_555 ? ? ? ? ? ? ?            2.816 ? ? 
metalc21 metalc ?    ? G K   .  K     ? ? ? 1_555 I HOH .  O  ? ? B K   26 B HOH 55 1_555 ? ? ? ? ? ? ?            2.868 ? ? 
metalc22 metalc ?    ? G K   .  K     ? ? ? 1_555 I HOH .  O  ? ? B K   26 B HOH 67 1_555 ? ? ? ? ? ? ?            2.994 ? ? 
hydrog1  hydrog ?    ? A C   1  N3    ? ? ? 1_555 A G   23 N1 ? ? A C   1  A G   23 1_555 ? ? ? ? ? ? WATSON-CRICK ?     ? ? 
hydrog2  hydrog ?    ? A C   1  N4    ? ? ? 1_555 A G   23 O6 ? ? A C   1  A G   23 1_555 ? ? ? ? ? ? WATSON-CRICK ?     ? ? 
hydrog3  hydrog ?    ? A C   1  O2    ? ? ? 1_555 A G   23 N2 ? ? A C   1  A G   23 1_555 ? ? ? ? ? ? WATSON-CRICK ?     ? ? 
hydrog4  hydrog ?    ? A U   2  N3    ? ? ? 1_555 A A   22 N1 ? ? A U   2  A A   22 1_555 ? ? ? ? ? ? WATSON-CRICK ?     ? ? 
hydrog5  hydrog ?    ? A U   2  O4    ? ? ? 1_555 A A   22 N6 ? ? A U   2  A A   22 1_555 ? ? ? ? ? ? WATSON-CRICK ?     ? ? 
hydrog6  hydrog ?    ? A 5BU 3  N3    ? ? ? 1_555 A A   21 N1 ? ? A 5BU 3  A A   21 1_555 ? ? ? ? ? ? WATSON-CRICK ?     ? ? 
hydrog7  hydrog ?    ? A 5BU 3  O4    ? ? ? 1_555 A A   21 N6 ? ? A 5BU 3  A A   21 1_555 ? ? ? ? ? ? WATSON-CRICK ?     ? ? 
hydrog8  hydrog ?    ? A G   4  N1    ? ? ? 1_555 A C   20 N3 ? ? A G   4  A C   20 1_555 ? ? ? ? ? ? WATSON-CRICK ?     ? ? 
hydrog9  hydrog ?    ? A G   4  N2    ? ? ? 1_555 A C   20 O2 ? ? A G   4  A C   20 1_555 ? ? ? ? ? ? WATSON-CRICK ?     ? ? 
hydrog10 hydrog ?    ? A G   4  O6    ? ? ? 1_555 A C   20 N4 ? ? A G   4  A C   20 1_555 ? ? ? ? ? ? WATSON-CRICK ?     ? ? 
hydrog11 hydrog ?    ? A C   5  N3    ? ? ? 1_555 A G   19 N1 ? ? A C   5  A G   19 1_555 ? ? ? ? ? ? WATSON-CRICK ?     ? ? 
hydrog12 hydrog ?    ? A C   5  N4    ? ? ? 1_555 A G   19 O6 ? ? A C   5  A G   19 1_555 ? ? ? ? ? ? WATSON-CRICK ?     ? ? 
hydrog13 hydrog ?    ? A C   5  O2    ? ? ? 1_555 A G   19 N2 ? ? A C   5  A G   19 1_555 ? ? ? ? ? ? WATSON-CRICK ?     ? ? 
hydrog14 hydrog ?    ? A U   6  N3    ? ? ? 1_555 A A   18 N1 ? ? A U   6  A A   18 1_555 ? ? ? ? ? ? WATSON-CRICK ?     ? ? 
hydrog15 hydrog ?    ? A U   6  O4    ? ? ? 1_555 A A   18 N6 ? ? A U   6  A A   18 1_555 ? ? ? ? ? ? WATSON-CRICK ?     ? ? 
hydrog16 hydrog ?    ? A G   7  N1    ? ? ? 1_555 A C   17 N3 ? ? A G   7  A C   17 1_555 ? ? ? ? ? ? WATSON-CRICK ?     ? ? 
hydrog17 hydrog ?    ? A G   7  N2    ? ? ? 1_555 A C   17 O2 ? ? A G   7  A C   17 1_555 ? ? ? ? ? ? WATSON-CRICK ?     ? ? 
hydrog18 hydrog ?    ? A G   7  O6    ? ? ? 1_555 A C   17 N4 ? ? A G   7  A C   17 1_555 ? ? ? ? ? ? WATSON-CRICK ?     ? ? 
hydrog19 hydrog ?    ? A G   10 N1    ? ? ? 1_555 B C   15 N3 ? ? A G   10 B C   15 1_555 ? ? ? ? ? ? WATSON-CRICK ?     ? ? 
hydrog20 hydrog ?    ? A G   10 N2    ? ? ? 1_555 B C   15 O2 ? ? A G   10 B C   15 1_555 ? ? ? ? ? ? WATSON-CRICK ?     ? ? 
hydrog21 hydrog ?    ? A G   10 O6    ? ? ? 1_555 B C   15 N4 ? ? A G   10 B C   15 1_555 ? ? ? ? ? ? WATSON-CRICK ?     ? ? 
hydrog22 hydrog ?    ? A U   11 N3    ? ? ? 1_555 B A   14 N1 ? ? A U   11 B A   14 1_555 ? ? ? ? ? ? WATSON-CRICK ?     ? ? 
hydrog23 hydrog ?    ? A U   11 O4    ? ? ? 1_555 B A   14 N6 ? ? A U   11 B A   14 1_555 ? ? ? ? ? ? WATSON-CRICK ?     ? ? 
hydrog24 hydrog ?    ? A G   12 N1    ? ? ? 1_555 B C   13 N3 ? ? A G   12 B C   13 1_555 ? ? ? ? ? ? WATSON-CRICK ?     ? ? 
hydrog25 hydrog ?    ? A G   12 N2    ? ? ? 1_555 B C   13 O2 ? ? A G   12 B C   13 1_555 ? ? ? ? ? ? WATSON-CRICK ?     ? ? 
hydrog26 hydrog ?    ? A G   12 O6    ? ? ? 1_555 B C   13 N4 ? ? A G   12 B C   13 1_555 ? ? ? ? ? ? WATSON-CRICK ?     ? ? 
hydrog27 hydrog ?    ? A C   13 N3    ? ? ? 1_555 B G   12 N1 ? ? A C   13 B G   12 1_555 ? ? ? ? ? ? WATSON-CRICK ?     ? ? 
hydrog28 hydrog ?    ? A C   13 N4    ? ? ? 1_555 B G   12 O6 ? ? A C   13 B G   12 1_555 ? ? ? ? ? ? WATSON-CRICK ?     ? ? 
hydrog29 hydrog ?    ? A C   13 O2    ? ? ? 1_555 B G   12 N2 ? ? A C   13 B G   12 1_555 ? ? ? ? ? ? WATSON-CRICK ?     ? ? 
hydrog30 hydrog ?    ? A A   14 N1    ? ? ? 1_555 B U   11 N3 ? ? A A   14 B U   11 1_555 ? ? ? ? ? ? WATSON-CRICK ?     ? ? 
hydrog31 hydrog ?    ? A A   14 N6    ? ? ? 1_555 B U   11 O4 ? ? A A   14 B U   11 1_555 ? ? ? ? ? ? WATSON-CRICK ?     ? ? 
hydrog32 hydrog ?    ? A C   15 N3    ? ? ? 1_555 B G   10 N1 ? ? A C   15 B G   10 1_555 ? ? ? ? ? ? WATSON-CRICK ?     ? ? 
hydrog33 hydrog ?    ? A C   15 N4    ? ? ? 1_555 B G   10 O6 ? ? A C   15 B G   10 1_555 ? ? ? ? ? ? WATSON-CRICK ?     ? ? 
hydrog34 hydrog ?    ? A C   15 O2    ? ? ? 1_555 B G   10 N2 ? ? A C   15 B G   10 1_555 ? ? ? ? ? ? WATSON-CRICK ?     ? ? 
hydrog35 hydrog ?    ? B C   1  N3    ? ? ? 1_555 B G   23 N1 ? ? B C   1  B G   23 1_555 ? ? ? ? ? ? WATSON-CRICK ?     ? ? 
hydrog36 hydrog ?    ? B C   1  N4    ? ? ? 1_555 B G   23 O6 ? ? B C   1  B G   23 1_555 ? ? ? ? ? ? WATSON-CRICK ?     ? ? 
hydrog37 hydrog ?    ? B C   1  O2    ? ? ? 1_555 B G   23 N2 ? ? B C   1  B G   23 1_555 ? ? ? ? ? ? WATSON-CRICK ?     ? ? 
hydrog38 hydrog ?    ? B U   2  N3    ? ? ? 1_555 B A   22 N1 ? ? B U   2  B A   22 1_555 ? ? ? ? ? ? WATSON-CRICK ?     ? ? 
hydrog39 hydrog ?    ? B U   2  O4    ? ? ? 1_555 B A   22 N6 ? ? B U   2  B A   22 1_555 ? ? ? ? ? ? WATSON-CRICK ?     ? ? 
hydrog40 hydrog ?    ? B 5BU 3  N3    ? ? ? 1_555 B A   21 N1 ? ? B 5BU 3  B A   21 1_555 ? ? ? ? ? ? WATSON-CRICK ?     ? ? 
hydrog41 hydrog ?    ? B 5BU 3  O4    ? ? ? 1_555 B A   21 N6 ? ? B 5BU 3  B A   21 1_555 ? ? ? ? ? ? WATSON-CRICK ?     ? ? 
hydrog42 hydrog ?    ? B G   4  N1    ? ? ? 1_555 B C   20 N3 ? ? B G   4  B C   20 1_555 ? ? ? ? ? ? WATSON-CRICK ?     ? ? 
hydrog43 hydrog ?    ? B G   4  N2    ? ? ? 1_555 B C   20 O2 ? ? B G   4  B C   20 1_555 ? ? ? ? ? ? WATSON-CRICK ?     ? ? 
hydrog44 hydrog ?    ? B G   4  O6    ? ? ? 1_555 B C   20 N4 ? ? B G   4  B C   20 1_555 ? ? ? ? ? ? WATSON-CRICK ?     ? ? 
hydrog45 hydrog ?    ? B C   5  N3    ? ? ? 1_555 B G   19 N1 ? ? B C   5  B G   19 1_555 ? ? ? ? ? ? WATSON-CRICK ?     ? ? 
hydrog46 hydrog ?    ? B C   5  N4    ? ? ? 1_555 B G   19 O6 ? ? B C   5  B G   19 1_555 ? ? ? ? ? ? WATSON-CRICK ?     ? ? 
hydrog47 hydrog ?    ? B C   5  O2    ? ? ? 1_555 B G   19 N2 ? ? B C   5  B G   19 1_555 ? ? ? ? ? ? WATSON-CRICK ?     ? ? 
hydrog48 hydrog ?    ? B U   6  N3    ? ? ? 1_555 B A   18 N1 ? ? B U   6  B A   18 1_555 ? ? ? ? ? ? WATSON-CRICK ?     ? ? 
hydrog49 hydrog ?    ? B U   6  O4    ? ? ? 1_555 B A   18 N6 ? ? B U   6  B A   18 1_555 ? ? ? ? ? ? WATSON-CRICK ?     ? ? 
hydrog50 hydrog ?    ? B G   7  N1    ? ? ? 1_555 B C   17 N3 ? ? B G   7  B C   17 1_555 ? ? ? ? ? ? WATSON-CRICK ?     ? ? 
hydrog51 hydrog ?    ? B G   7  N2    ? ? ? 1_555 B C   17 O2 ? ? B G   7  B C   17 1_555 ? ? ? ? ? ? WATSON-CRICK ?     ? ? 
hydrog52 hydrog ?    ? B G   7  O6    ? ? ? 1_555 B C   17 N4 ? ? B G   7  B C   17 1_555 ? ? ? ? ? ? WATSON-CRICK ?     ? ? 
# 
loop_
_struct_conn_type.id 
_struct_conn_type.criteria 
_struct_conn_type.reference 
covale ? ? 
metalc ? ? 
hydrog ? ? 
# 
loop_
_pdbx_struct_conn_angle.id 
_pdbx_struct_conn_angle.ptnr1_label_atom_id 
_pdbx_struct_conn_angle.ptnr1_label_alt_id 
_pdbx_struct_conn_angle.ptnr1_label_asym_id 
_pdbx_struct_conn_angle.ptnr1_label_comp_id 
_pdbx_struct_conn_angle.ptnr1_label_seq_id 
_pdbx_struct_conn_angle.ptnr1_auth_atom_id 
_pdbx_struct_conn_angle.ptnr1_auth_asym_id 
_pdbx_struct_conn_angle.ptnr1_auth_comp_id 
_pdbx_struct_conn_angle.ptnr1_auth_seq_id 
_pdbx_struct_conn_angle.ptnr1_PDB_ins_code 
_pdbx_struct_conn_angle.ptnr1_symmetry 
_pdbx_struct_conn_angle.ptnr2_label_atom_id 
_pdbx_struct_conn_angle.ptnr2_label_alt_id 
_pdbx_struct_conn_angle.ptnr2_label_asym_id 
_pdbx_struct_conn_angle.ptnr2_label_comp_id 
_pdbx_struct_conn_angle.ptnr2_label_seq_id 
_pdbx_struct_conn_angle.ptnr2_auth_atom_id 
_pdbx_struct_conn_angle.ptnr2_auth_asym_id 
_pdbx_struct_conn_angle.ptnr2_auth_comp_id 
_pdbx_struct_conn_angle.ptnr2_auth_seq_id 
_pdbx_struct_conn_angle.ptnr2_PDB_ins_code 
_pdbx_struct_conn_angle.ptnr2_symmetry 
_pdbx_struct_conn_angle.ptnr3_label_atom_id 
_pdbx_struct_conn_angle.ptnr3_label_alt_id 
_pdbx_struct_conn_angle.ptnr3_label_asym_id 
_pdbx_struct_conn_angle.ptnr3_label_comp_id 
_pdbx_struct_conn_angle.ptnr3_label_seq_id 
_pdbx_struct_conn_angle.ptnr3_auth_atom_id 
_pdbx_struct_conn_angle.ptnr3_auth_asym_id 
_pdbx_struct_conn_angle.ptnr3_auth_comp_id 
_pdbx_struct_conn_angle.ptnr3_auth_seq_id 
_pdbx_struct_conn_angle.ptnr3_PDB_ins_code 
_pdbx_struct_conn_angle.ptnr3_symmetry 
_pdbx_struct_conn_angle.value 
_pdbx_struct_conn_angle.value_esd 
1  O4 ? A 5BU 3  ? A 5BU 3  ? 1_555 K  ? C K  . ? A K  24 ? 1_555 O6 ? A G   4 ? A G   4  ? 1_555 76.5  ? 
2  O4 ? A 5BU 3  ? A 5BU 3  ? 1_555 K  ? C K  . ? A K  24 ? 1_555 O  ? H HOH . ? A HOH 30 ? 1_555 152.6 ? 
3  O6 ? A G   4  ? A G   4  ? 1_555 K  ? C K  . ? A K  24 ? 1_555 O  ? H HOH . ? A HOH 30 ? 1_555 92.2  ? 
4  O4 ? A 5BU 3  ? A 5BU 3  ? 1_555 K  ? C K  . ? A K  24 ? 1_555 O  ? H HOH . ? A HOH 40 ? 1_555 86.8  ? 
5  O6 ? A G   4  ? A G   4  ? 1_555 K  ? C K  . ? A K  24 ? 1_555 O  ? H HOH . ? A HOH 40 ? 1_555 85.0  ? 
6  O  ? H HOH .  ? A HOH 30 ? 1_555 K  ? C K  . ? A K  24 ? 1_555 O  ? H HOH . ? A HOH 40 ? 1_555 117.4 ? 
7  O4 ? A 5BU 3  ? A 5BU 3  ? 1_555 K  ? C K  . ? A K  24 ? 1_555 O  ? H HOH . ? A HOH 42 ? 1_555 78.4  ? 
8  O6 ? A G   4  ? A G   4  ? 1_555 K  ? C K  . ? A K  24 ? 1_555 O  ? H HOH . ? A HOH 42 ? 1_555 89.8  ? 
9  O  ? H HOH .  ? A HOH 30 ? 1_555 K  ? C K  . ? A K  24 ? 1_555 O  ? H HOH . ? A HOH 42 ? 1_555 76.7  ? 
10 O  ? H HOH .  ? A HOH 40 ? 1_555 K  ? C K  . ? A K  24 ? 1_555 O  ? H HOH . ? A HOH 42 ? 1_555 165.1 ? 
11 O6 ? A G   12 ? A G   12 ? 1_555 MG ? D MG . ? A MG 25 ? 1_555 O  ? H HOH . ? A HOH 70 ? 1_555 128.0 ? 
12 O6 ? A G   12 ? A G   12 ? 1_555 MG ? D MG . ? A MG 25 ? 1_555 O  ? I HOH . ? B HOH 32 ? 1_555 123.7 ? 
13 O  ? H HOH .  ? A HOH 70 ? 1_555 MG ? D MG . ? A MG 25 ? 1_555 O  ? I HOH . ? B HOH 32 ? 1_555 102.2 ? 
14 O6 ? A G   12 ? A G   12 ? 1_555 MG ? D MG . ? A MG 25 ? 1_555 O  ? I HOH . ? B HOH 51 ? 1_555 157.5 ? 
15 O  ? H HOH .  ? A HOH 70 ? 1_555 MG ? D MG . ? A MG 25 ? 1_555 O  ? I HOH . ? B HOH 51 ? 1_555 69.4  ? 
16 O  ? I HOH .  ? B HOH 32 ? 1_555 MG ? D MG . ? A MG 25 ? 1_555 O  ? I HOH . ? B HOH 51 ? 1_555 54.1  ? 
17 BR ? B 5BU 3  ? B 5BU 3  ? 1_555 K  ? E K  . ? B K  24 ? 1_555 O4 ? B 5BU 3 ? B 5BU 3  ? 1_555 57.2  ? 
18 BR ? B 5BU 3  ? B 5BU 3  ? 1_555 K  ? E K  . ? B K  24 ? 1_555 O6 ? B G   4 ? B G   4  ? 1_555 123.4 ? 
19 O4 ? B 5BU 3  ? B 5BU 3  ? 1_555 K  ? E K  . ? B K  24 ? 1_555 O6 ? B G   4 ? B G   4  ? 1_555 82.9  ? 
20 BR ? B 5BU 3  ? B 5BU 3  ? 1_555 K  ? E K  . ? B K  24 ? 1_555 O  ? I HOH . ? B HOH 56 ? 1_555 141.8 ? 
21 O4 ? B 5BU 3  ? B 5BU 3  ? 1_555 K  ? E K  . ? B K  24 ? 1_555 O  ? I HOH . ? B HOH 56 ? 1_555 145.2 ? 
22 O6 ? B G   4  ? B G   4  ? 1_555 K  ? E K  . ? B K  24 ? 1_555 O  ? I HOH . ? B HOH 56 ? 1_555 94.1  ? 
23 BR ? B 5BU 3  ? B 5BU 3  ? 1_555 K  ? E K  . ? B K  24 ? 1_555 O  ? I HOH . ? B HOH 66 ? 1_555 58.0  ? 
24 O4 ? B 5BU 3  ? B 5BU 3  ? 1_555 K  ? E K  . ? B K  24 ? 1_555 O  ? I HOH . ? B HOH 66 ? 1_555 81.5  ? 
25 O6 ? B G   4  ? B G   4  ? 1_555 K  ? E K  . ? B K  24 ? 1_555 O  ? I HOH . ? B HOH 66 ? 1_555 79.5  ? 
26 O  ? I HOH .  ? B HOH 56 ? 1_555 K  ? E K  . ? B K  24 ? 1_555 O  ? I HOH . ? B HOH 66 ? 1_555 132.3 ? 
27 O4 ? B U   6  ? B U   6  ? 1_555 K  ? G K  . ? B K  26 ? 1_555 O6 ? B G   7 ? B G   7  ? 1_555 68.4  ? 
28 O4 ? B U   6  ? B U   6  ? 1_555 K  ? G K  . ? B K  26 ? 1_555 O  ? I HOH . ? B HOH 38 ? 1_555 79.4  ? 
29 O6 ? B G   7  ? B G   7  ? 1_555 K  ? G K  . ? B K  26 ? 1_555 O  ? I HOH . ? B HOH 38 ? 1_555 83.1  ? 
30 O4 ? B U   6  ? B U   6  ? 1_555 K  ? G K  . ? B K  26 ? 1_555 O  ? I HOH . ? B HOH 49 ? 1_555 137.3 ? 
31 O6 ? B G   7  ? B G   7  ? 1_555 K  ? G K  . ? B K  26 ? 1_555 O  ? I HOH . ? B HOH 49 ? 1_555 152.1 ? 
32 O  ? I HOH .  ? B HOH 38 ? 1_555 K  ? G K  . ? B K  26 ? 1_555 O  ? I HOH . ? B HOH 49 ? 1_555 91.1  ? 
33 O4 ? B U   6  ? B U   6  ? 1_555 K  ? G K  . ? B K  26 ? 1_555 O  ? I HOH . ? B HOH 50 ? 1_555 63.9  ? 
34 O6 ? B G   7  ? B G   7  ? 1_555 K  ? G K  . ? B K  26 ? 1_555 O  ? I HOH . ? B HOH 50 ? 1_555 132.3 ? 
35 O  ? I HOH .  ? B HOH 38 ? 1_555 K  ? G K  . ? B K  26 ? 1_555 O  ? I HOH . ? B HOH 50 ? 1_555 91.0  ? 
36 O  ? I HOH .  ? B HOH 49 ? 1_555 K  ? G K  . ? B K  26 ? 1_555 O  ? I HOH . ? B HOH 50 ? 1_555 74.9  ? 
37 O4 ? B U   6  ? B U   6  ? 1_555 K  ? G K  . ? B K  26 ? 1_555 O  ? I HOH . ? B HOH 55 ? 1_555 82.8  ? 
38 O6 ? B G   7  ? B G   7  ? 1_555 K  ? G K  . ? B K  26 ? 1_555 O  ? I HOH . ? B HOH 55 ? 1_555 101.1 ? 
39 O  ? I HOH .  ? B HOH 38 ? 1_555 K  ? G K  . ? B K  26 ? 1_555 O  ? I HOH . ? B HOH 55 ? 1_555 158.8 ? 
40 O  ? I HOH .  ? B HOH 49 ? 1_555 K  ? G K  . ? B K  26 ? 1_555 O  ? I HOH . ? B HOH 55 ? 1_555 94.2  ? 
41 O  ? I HOH .  ? B HOH 50 ? 1_555 K  ? G K  . ? B K  26 ? 1_555 O  ? I HOH . ? B HOH 55 ? 1_555 70.7  ? 
42 O4 ? B U   6  ? B U   6  ? 1_555 K  ? G K  . ? B K  26 ? 1_555 O  ? I HOH . ? B HOH 67 ? 1_555 140.5 ? 
43 O6 ? B G   7  ? B G   7  ? 1_555 K  ? G K  . ? B K  26 ? 1_555 O  ? I HOH . ? B HOH 67 ? 1_555 85.2  ? 
44 O  ? I HOH .  ? B HOH 38 ? 1_555 K  ? G K  . ? B K  26 ? 1_555 O  ? I HOH . ? B HOH 67 ? 1_555 127.6 ? 
45 O  ? I HOH .  ? B HOH 49 ? 1_555 K  ? G K  . ? B K  26 ? 1_555 O  ? I HOH . ? B HOH 67 ? 1_555 76.8  ? 
46 O  ? I HOH .  ? B HOH 50 ? 1_555 K  ? G K  . ? B K  26 ? 1_555 O  ? I HOH . ? B HOH 67 ? 1_555 132.0 ? 
47 O  ? I HOH .  ? B HOH 55 ? 1_555 K  ? G K  . ? B K  26 ? 1_555 O  ? I HOH . ? B HOH 67 ? 1_555 73.6  ? 
# 
loop_
_struct_site.id 
_struct_site.pdbx_evidence_code 
_struct_site.pdbx_auth_asym_id 
_struct_site.pdbx_auth_comp_id 
_struct_site.pdbx_auth_seq_id 
_struct_site.pdbx_auth_ins_code 
_struct_site.pdbx_num_residues 
_struct_site.details 
AC1 Software A K  24 ? 4 'BINDING SITE FOR RESIDUE K A 24'  
AC2 Software A MG 25 ? 4 'BINDING SITE FOR RESIDUE MG A 25' 
AC3 Software B K  24 ? 4 'BINDING SITE FOR RESIDUE K B 24'  
AC4 Software B MG 25 ? 1 'BINDING SITE FOR RESIDUE MG B 25' 
AC5 Software B K  26 ? 7 'BINDING SITE FOR RESIDUE K B 26'  
# 
loop_
_struct_site_gen.id 
_struct_site_gen.site_id 
_struct_site_gen.pdbx_num_res 
_struct_site_gen.label_comp_id 
_struct_site_gen.label_asym_id 
_struct_site_gen.label_seq_id 
_struct_site_gen.pdbx_auth_ins_code 
_struct_site_gen.auth_comp_id 
_struct_site_gen.auth_asym_id 
_struct_site_gen.auth_seq_id 
_struct_site_gen.label_atom_id 
_struct_site_gen.label_alt_id 
_struct_site_gen.symmetry 
_struct_site_gen.details 
1  AC1 4 5BU A 3  ? 5BU A 3  . ? 1_555 ? 
2  AC1 4 G   A 4  ? G   A 4  . ? 1_555 ? 
3  AC1 4 HOH H .  ? HOH A 30 . ? 1_555 ? 
4  AC1 4 HOH H .  ? HOH A 40 . ? 1_555 ? 
5  AC2 4 U   A 11 ? U   A 11 . ? 1_555 ? 
6  AC2 4 G   A 12 ? G   A 12 . ? 1_555 ? 
7  AC2 4 HOH H .  ? HOH A 70 . ? 1_555 ? 
8  AC2 4 HOH I .  ? HOH B 51 . ? 1_555 ? 
9  AC3 4 5BU B 3  ? 5BU B 3  . ? 1_555 ? 
10 AC3 4 G   B 4  ? G   B 4  . ? 1_555 ? 
11 AC3 4 HOH I .  ? HOH B 56 . ? 1_555 ? 
12 AC3 4 HOH I .  ? HOH B 66 . ? 1_555 ? 
13 AC4 1 HOH I .  ? HOH B 55 . ? 1_555 ? 
14 AC5 7 U   B 6  ? U   B 6  . ? 1_555 ? 
15 AC5 7 G   B 7  ? G   B 7  . ? 1_555 ? 
16 AC5 7 HOH I .  ? HOH B 38 . ? 1_555 ? 
17 AC5 7 HOH I .  ? HOH B 49 . ? 1_555 ? 
18 AC5 7 HOH I .  ? HOH B 50 . ? 1_555 ? 
19 AC5 7 HOH I .  ? HOH B 55 . ? 1_555 ? 
20 AC5 7 HOH I .  ? HOH B 67 . ? 1_555 ? 
# 
loop_
_pdbx_validate_planes.id 
_pdbx_validate_planes.PDB_model_num 
_pdbx_validate_planes.auth_comp_id 
_pdbx_validate_planes.auth_asym_id 
_pdbx_validate_planes.auth_seq_id 
_pdbx_validate_planes.PDB_ins_code 
_pdbx_validate_planes.label_alt_id 
_pdbx_validate_planes.rmsd 
_pdbx_validate_planes.type 
1 1 A A 9 ? ? 0.059 'SIDE CHAIN' 
2 1 U B 2 ? ? 0.076 'SIDE CHAIN' 
3 1 A B 9 ? ? 0.061 'SIDE CHAIN' 
# 
loop_
_pdbx_struct_mod_residue.id 
_pdbx_struct_mod_residue.label_asym_id 
_pdbx_struct_mod_residue.label_comp_id 
_pdbx_struct_mod_residue.label_seq_id 
_pdbx_struct_mod_residue.auth_asym_id 
_pdbx_struct_mod_residue.auth_comp_id 
_pdbx_struct_mod_residue.auth_seq_id 
_pdbx_struct_mod_residue.PDB_ins_code 
_pdbx_struct_mod_residue.parent_comp_id 
_pdbx_struct_mod_residue.details 
1 A 5BU 3 A 5BU 3 ? U "5-BROMO-URIDINE-5'-MONOPHOSPHATE" 
2 B 5BU 3 B 5BU 3 ? U "5-BROMO-URIDINE-5'-MONOPHOSPHATE" 
# 
_pdbx_struct_special_symmetry.id              1 
_pdbx_struct_special_symmetry.PDB_model_num   1 
_pdbx_struct_special_symmetry.auth_asym_id    B 
_pdbx_struct_special_symmetry.auth_comp_id    HOH 
_pdbx_struct_special_symmetry.auth_seq_id     34 
_pdbx_struct_special_symmetry.PDB_ins_code    ? 
_pdbx_struct_special_symmetry.label_asym_id   I 
_pdbx_struct_special_symmetry.label_comp_id   HOH 
_pdbx_struct_special_symmetry.label_seq_id    . 
# 
loop_
_chem_comp_atom.comp_id 
_chem_comp_atom.atom_id 
_chem_comp_atom.type_symbol 
_chem_comp_atom.pdbx_aromatic_flag 
_chem_comp_atom.pdbx_stereo_config 
_chem_comp_atom.pdbx_ordinal 
5BU P      P  N N 1   
5BU OP1    O  N N 2   
5BU OP2    O  N N 3   
5BU OP3    O  N N 4   
5BU "O5'"  O  N N 5   
5BU "C5'"  C  N N 6   
5BU "C4'"  C  N R 7   
5BU "O4'"  O  N N 8   
5BU "C3'"  C  N S 9   
5BU "O3'"  O  N N 10  
5BU "C2'"  C  N R 11  
5BU "O2'"  O  N N 12  
5BU "C1'"  C  N R 13  
5BU N1     N  N N 14  
5BU C2     C  N N 15  
5BU O2     O  N N 16  
5BU N3     N  N N 17  
5BU C4     C  N N 18  
5BU O4     O  N N 19  
5BU C5     C  N N 20  
5BU C6     C  N N 21  
5BU BR     BR N N 22  
5BU HOP2   H  N N 23  
5BU HOP3   H  N N 24  
5BU "H5'"  H  N N 25  
5BU "H5''" H  N N 26  
5BU "H4'"  H  N N 27  
5BU "H3'"  H  N N 28  
5BU "HO3'" H  N N 29  
5BU "H2'"  H  N N 30  
5BU "HO2'" H  N N 31  
5BU "H1'"  H  N N 32  
5BU H3     H  N N 33  
5BU H6     H  N N 34  
A   OP3    O  N N 35  
A   P      P  N N 36  
A   OP1    O  N N 37  
A   OP2    O  N N 38  
A   "O5'"  O  N N 39  
A   "C5'"  C  N N 40  
A   "C4'"  C  N R 41  
A   "O4'"  O  N N 42  
A   "C3'"  C  N S 43  
A   "O3'"  O  N N 44  
A   "C2'"  C  N R 45  
A   "O2'"  O  N N 46  
A   "C1'"  C  N R 47  
A   N9     N  Y N 48  
A   C8     C  Y N 49  
A   N7     N  Y N 50  
A   C5     C  Y N 51  
A   C6     C  Y N 52  
A   N6     N  N N 53  
A   N1     N  Y N 54  
A   C2     C  Y N 55  
A   N3     N  Y N 56  
A   C4     C  Y N 57  
A   HOP3   H  N N 58  
A   HOP2   H  N N 59  
A   "H5'"  H  N N 60  
A   "H5''" H  N N 61  
A   "H4'"  H  N N 62  
A   "H3'"  H  N N 63  
A   "HO3'" H  N N 64  
A   "H2'"  H  N N 65  
A   "HO2'" H  N N 66  
A   "H1'"  H  N N 67  
A   H8     H  N N 68  
A   H61    H  N N 69  
A   H62    H  N N 70  
A   H2     H  N N 71  
C   OP3    O  N N 72  
C   P      P  N N 73  
C   OP1    O  N N 74  
C   OP2    O  N N 75  
C   "O5'"  O  N N 76  
C   "C5'"  C  N N 77  
C   "C4'"  C  N R 78  
C   "O4'"  O  N N 79  
C   "C3'"  C  N S 80  
C   "O3'"  O  N N 81  
C   "C2'"  C  N R 82  
C   "O2'"  O  N N 83  
C   "C1'"  C  N R 84  
C   N1     N  N N 85  
C   C2     C  N N 86  
C   O2     O  N N 87  
C   N3     N  N N 88  
C   C4     C  N N 89  
C   N4     N  N N 90  
C   C5     C  N N 91  
C   C6     C  N N 92  
C   HOP3   H  N N 93  
C   HOP2   H  N N 94  
C   "H5'"  H  N N 95  
C   "H5''" H  N N 96  
C   "H4'"  H  N N 97  
C   "H3'"  H  N N 98  
C   "HO3'" H  N N 99  
C   "H2'"  H  N N 100 
C   "HO2'" H  N N 101 
C   "H1'"  H  N N 102 
C   H41    H  N N 103 
C   H42    H  N N 104 
C   H5     H  N N 105 
C   H6     H  N N 106 
G   OP3    O  N N 107 
G   P      P  N N 108 
G   OP1    O  N N 109 
G   OP2    O  N N 110 
G   "O5'"  O  N N 111 
G   "C5'"  C  N N 112 
G   "C4'"  C  N R 113 
G   "O4'"  O  N N 114 
G   "C3'"  C  N S 115 
G   "O3'"  O  N N 116 
G   "C2'"  C  N R 117 
G   "O2'"  O  N N 118 
G   "C1'"  C  N R 119 
G   N9     N  Y N 120 
G   C8     C  Y N 121 
G   N7     N  Y N 122 
G   C5     C  Y N 123 
G   C6     C  N N 124 
G   O6     O  N N 125 
G   N1     N  N N 126 
G   C2     C  N N 127 
G   N2     N  N N 128 
G   N3     N  N N 129 
G   C4     C  Y N 130 
G   HOP3   H  N N 131 
G   HOP2   H  N N 132 
G   "H5'"  H  N N 133 
G   "H5''" H  N N 134 
G   "H4'"  H  N N 135 
G   "H3'"  H  N N 136 
G   "HO3'" H  N N 137 
G   "H2'"  H  N N 138 
G   "HO2'" H  N N 139 
G   "H1'"  H  N N 140 
G   H8     H  N N 141 
G   H1     H  N N 142 
G   H21    H  N N 143 
G   H22    H  N N 144 
HOH O      O  N N 145 
HOH H1     H  N N 146 
HOH H2     H  N N 147 
K   K      K  N N 148 
MG  MG     MG N N 149 
U   OP3    O  N N 150 
U   P      P  N N 151 
U   OP1    O  N N 152 
U   OP2    O  N N 153 
U   "O5'"  O  N N 154 
U   "C5'"  C  N N 155 
U   "C4'"  C  N R 156 
U   "O4'"  O  N N 157 
U   "C3'"  C  N S 158 
U   "O3'"  O  N N 159 
U   "C2'"  C  N R 160 
U   "O2'"  O  N N 161 
U   "C1'"  C  N R 162 
U   N1     N  N N 163 
U   C2     C  N N 164 
U   O2     O  N N 165 
U   N3     N  N N 166 
U   C4     C  N N 167 
U   O4     O  N N 168 
U   C5     C  N N 169 
U   C6     C  N N 170 
U   HOP3   H  N N 171 
U   HOP2   H  N N 172 
U   "H5'"  H  N N 173 
U   "H5''" H  N N 174 
U   "H4'"  H  N N 175 
U   "H3'"  H  N N 176 
U   "HO3'" H  N N 177 
U   "H2'"  H  N N 178 
U   "HO2'" H  N N 179 
U   "H1'"  H  N N 180 
U   H3     H  N N 181 
U   H5     H  N N 182 
U   H6     H  N N 183 
# 
loop_
_chem_comp_bond.comp_id 
_chem_comp_bond.atom_id_1 
_chem_comp_bond.atom_id_2 
_chem_comp_bond.value_order 
_chem_comp_bond.pdbx_aromatic_flag 
_chem_comp_bond.pdbx_stereo_config 
_chem_comp_bond.pdbx_ordinal 
5BU P     OP1    doub N N 1   
5BU P     OP2    sing N N 2   
5BU P     OP3    sing N N 3   
5BU P     "O5'"  sing N N 4   
5BU OP2   HOP2   sing N N 5   
5BU OP3   HOP3   sing N N 6   
5BU "O5'" "C5'"  sing N N 7   
5BU "C5'" "C4'"  sing N N 8   
5BU "C5'" "H5'"  sing N N 9   
5BU "C5'" "H5''" sing N N 10  
5BU "C4'" "O4'"  sing N N 11  
5BU "C4'" "C3'"  sing N N 12  
5BU "C4'" "H4'"  sing N N 13  
5BU "O4'" "C1'"  sing N N 14  
5BU "C3'" "O3'"  sing N N 15  
5BU "C3'" "C2'"  sing N N 16  
5BU "C3'" "H3'"  sing N N 17  
5BU "O3'" "HO3'" sing N N 18  
5BU "C2'" "O2'"  sing N N 19  
5BU "C2'" "C1'"  sing N N 20  
5BU "C2'" "H2'"  sing N N 21  
5BU "O2'" "HO2'" sing N N 22  
5BU "C1'" N1     sing N N 23  
5BU "C1'" "H1'"  sing N N 24  
5BU N1    C2     sing N N 25  
5BU N1    C6     sing N N 26  
5BU C2    O2     doub N N 27  
5BU C2    N3     sing N N 28  
5BU N3    C4     sing N N 29  
5BU N3    H3     sing N N 30  
5BU C4    O4     doub N N 31  
5BU C4    C5     sing N N 32  
5BU C5    C6     doub N N 33  
5BU C5    BR     sing N N 34  
5BU C6    H6     sing N N 35  
A   OP3   P      sing N N 36  
A   OP3   HOP3   sing N N 37  
A   P     OP1    doub N N 38  
A   P     OP2    sing N N 39  
A   P     "O5'"  sing N N 40  
A   OP2   HOP2   sing N N 41  
A   "O5'" "C5'"  sing N N 42  
A   "C5'" "C4'"  sing N N 43  
A   "C5'" "H5'"  sing N N 44  
A   "C5'" "H5''" sing N N 45  
A   "C4'" "O4'"  sing N N 46  
A   "C4'" "C3'"  sing N N 47  
A   "C4'" "H4'"  sing N N 48  
A   "O4'" "C1'"  sing N N 49  
A   "C3'" "O3'"  sing N N 50  
A   "C3'" "C2'"  sing N N 51  
A   "C3'" "H3'"  sing N N 52  
A   "O3'" "HO3'" sing N N 53  
A   "C2'" "O2'"  sing N N 54  
A   "C2'" "C1'"  sing N N 55  
A   "C2'" "H2'"  sing N N 56  
A   "O2'" "HO2'" sing N N 57  
A   "C1'" N9     sing N N 58  
A   "C1'" "H1'"  sing N N 59  
A   N9    C8     sing Y N 60  
A   N9    C4     sing Y N 61  
A   C8    N7     doub Y N 62  
A   C8    H8     sing N N 63  
A   N7    C5     sing Y N 64  
A   C5    C6     sing Y N 65  
A   C5    C4     doub Y N 66  
A   C6    N6     sing N N 67  
A   C6    N1     doub Y N 68  
A   N6    H61    sing N N 69  
A   N6    H62    sing N N 70  
A   N1    C2     sing Y N 71  
A   C2    N3     doub Y N 72  
A   C2    H2     sing N N 73  
A   N3    C4     sing Y N 74  
C   OP3   P      sing N N 75  
C   OP3   HOP3   sing N N 76  
C   P     OP1    doub N N 77  
C   P     OP2    sing N N 78  
C   P     "O5'"  sing N N 79  
C   OP2   HOP2   sing N N 80  
C   "O5'" "C5'"  sing N N 81  
C   "C5'" "C4'"  sing N N 82  
C   "C5'" "H5'"  sing N N 83  
C   "C5'" "H5''" sing N N 84  
C   "C4'" "O4'"  sing N N 85  
C   "C4'" "C3'"  sing N N 86  
C   "C4'" "H4'"  sing N N 87  
C   "O4'" "C1'"  sing N N 88  
C   "C3'" "O3'"  sing N N 89  
C   "C3'" "C2'"  sing N N 90  
C   "C3'" "H3'"  sing N N 91  
C   "O3'" "HO3'" sing N N 92  
C   "C2'" "O2'"  sing N N 93  
C   "C2'" "C1'"  sing N N 94  
C   "C2'" "H2'"  sing N N 95  
C   "O2'" "HO2'" sing N N 96  
C   "C1'" N1     sing N N 97  
C   "C1'" "H1'"  sing N N 98  
C   N1    C2     sing N N 99  
C   N1    C6     sing N N 100 
C   C2    O2     doub N N 101 
C   C2    N3     sing N N 102 
C   N3    C4     doub N N 103 
C   C4    N4     sing N N 104 
C   C4    C5     sing N N 105 
C   N4    H41    sing N N 106 
C   N4    H42    sing N N 107 
C   C5    C6     doub N N 108 
C   C5    H5     sing N N 109 
C   C6    H6     sing N N 110 
G   OP3   P      sing N N 111 
G   OP3   HOP3   sing N N 112 
G   P     OP1    doub N N 113 
G   P     OP2    sing N N 114 
G   P     "O5'"  sing N N 115 
G   OP2   HOP2   sing N N 116 
G   "O5'" "C5'"  sing N N 117 
G   "C5'" "C4'"  sing N N 118 
G   "C5'" "H5'"  sing N N 119 
G   "C5'" "H5''" sing N N 120 
G   "C4'" "O4'"  sing N N 121 
G   "C4'" "C3'"  sing N N 122 
G   "C4'" "H4'"  sing N N 123 
G   "O4'" "C1'"  sing N N 124 
G   "C3'" "O3'"  sing N N 125 
G   "C3'" "C2'"  sing N N 126 
G   "C3'" "H3'"  sing N N 127 
G   "O3'" "HO3'" sing N N 128 
G   "C2'" "O2'"  sing N N 129 
G   "C2'" "C1'"  sing N N 130 
G   "C2'" "H2'"  sing N N 131 
G   "O2'" "HO2'" sing N N 132 
G   "C1'" N9     sing N N 133 
G   "C1'" "H1'"  sing N N 134 
G   N9    C8     sing Y N 135 
G   N9    C4     sing Y N 136 
G   C8    N7     doub Y N 137 
G   C8    H8     sing N N 138 
G   N7    C5     sing Y N 139 
G   C5    C6     sing N N 140 
G   C5    C4     doub Y N 141 
G   C6    O6     doub N N 142 
G   C6    N1     sing N N 143 
G   N1    C2     sing N N 144 
G   N1    H1     sing N N 145 
G   C2    N2     sing N N 146 
G   C2    N3     doub N N 147 
G   N2    H21    sing N N 148 
G   N2    H22    sing N N 149 
G   N3    C4     sing N N 150 
HOH O     H1     sing N N 151 
HOH O     H2     sing N N 152 
U   OP3   P      sing N N 153 
U   OP3   HOP3   sing N N 154 
U   P     OP1    doub N N 155 
U   P     OP2    sing N N 156 
U   P     "O5'"  sing N N 157 
U   OP2   HOP2   sing N N 158 
U   "O5'" "C5'"  sing N N 159 
U   "C5'" "C4'"  sing N N 160 
U   "C5'" "H5'"  sing N N 161 
U   "C5'" "H5''" sing N N 162 
U   "C4'" "O4'"  sing N N 163 
U   "C4'" "C3'"  sing N N 164 
U   "C4'" "H4'"  sing N N 165 
U   "O4'" "C1'"  sing N N 166 
U   "C3'" "O3'"  sing N N 167 
U   "C3'" "C2'"  sing N N 168 
U   "C3'" "H3'"  sing N N 169 
U   "O3'" "HO3'" sing N N 170 
U   "C2'" "O2'"  sing N N 171 
U   "C2'" "C1'"  sing N N 172 
U   "C2'" "H2'"  sing N N 173 
U   "O2'" "HO2'" sing N N 174 
U   "C1'" N1     sing N N 175 
U   "C1'" "H1'"  sing N N 176 
U   N1    C2     sing N N 177 
U   N1    C6     sing N N 178 
U   C2    O2     doub N N 179 
U   C2    N3     sing N N 180 
U   N3    C4     sing N N 181 
U   N3    H3     sing N N 182 
U   C4    O4     doub N N 183 
U   C4    C5     sing N N 184 
U   C5    C6     doub N N 185 
U   C5    H5     sing N N 186 
U   C6    H6     sing N N 187 
# 
loop_
_ndb_struct_conf_na.entry_id 
_ndb_struct_conf_na.feature 
1Y3S 'double helix'        
1Y3S 'a-form double helix' 
# 
loop_
_ndb_struct_na_base_pair.model_number 
_ndb_struct_na_base_pair.i_label_asym_id 
_ndb_struct_na_base_pair.i_label_comp_id 
_ndb_struct_na_base_pair.i_label_seq_id 
_ndb_struct_na_base_pair.i_symmetry 
_ndb_struct_na_base_pair.j_label_asym_id 
_ndb_struct_na_base_pair.j_label_comp_id 
_ndb_struct_na_base_pair.j_label_seq_id 
_ndb_struct_na_base_pair.j_symmetry 
_ndb_struct_na_base_pair.shear 
_ndb_struct_na_base_pair.stretch 
_ndb_struct_na_base_pair.stagger 
_ndb_struct_na_base_pair.buckle 
_ndb_struct_na_base_pair.propeller 
_ndb_struct_na_base_pair.opening 
_ndb_struct_na_base_pair.pair_number 
_ndb_struct_na_base_pair.pair_name 
_ndb_struct_na_base_pair.i_auth_asym_id 
_ndb_struct_na_base_pair.i_auth_seq_id 
_ndb_struct_na_base_pair.i_PDB_ins_code 
_ndb_struct_na_base_pair.j_auth_asym_id 
_ndb_struct_na_base_pair.j_auth_seq_id 
_ndb_struct_na_base_pair.j_PDB_ins_code 
_ndb_struct_na_base_pair.hbond_type_28 
_ndb_struct_na_base_pair.hbond_type_12 
1 A C   1  1_555 A G 23 1_555 0.098  -0.140 0.042  11.099  -11.309 -0.020 1  A_C1:G23_A   A 1  ? A 23 ? 19 1 
1 A U   2  1_555 A A 22 1_555 -0.026 -0.237 0.269  4.025   -14.640 -2.938 2  A_U2:A22_A   A 2  ? A 22 ? 20 1 
1 A 5BU 3  1_555 A A 21 1_555 0.549  -0.403 0.011  1.181   -21.812 -1.983 3  A_5BU3:A21_A A 3  ? A 21 ? 20 1 
1 A G   4  1_555 A C 20 1_555 -0.246 -0.323 -0.231 -5.184  -16.008 -0.467 4  A_G4:C20_A   A 4  ? A 20 ? 19 1 
1 A C   5  1_555 A G 19 1_555 0.196  -0.174 -0.205 6.306   -14.146 2.923  5  A_C5:G19_A   A 5  ? A 19 ? 19 1 
1 A U   6  1_555 A A 18 1_555 -0.523 -0.287 0.134  0.232   -11.069 4.370  6  A_U6:A18_A   A 6  ? A 18 ? 20 1 
1 A G   7  1_555 A C 17 1_555 -0.057 -0.289 0.049  5.011   -9.986  -0.979 7  A_G7:C17_A   A 7  ? A 17 ? 19 1 
1 B C   1  1_555 B G 23 1_555 -0.009 -0.149 0.236  4.652   -9.849  1.299  8  B_C1:G23_B   B 1  ? B 23 ? 19 1 
1 B U   2  1_555 B A 22 1_555 -0.034 -0.302 0.095  8.848   -7.003  2.718  9  B_U2:A22_B   B 2  ? B 22 ? 20 1 
1 B 5BU 3  1_555 B A 21 1_555 0.237  0.007  -0.341 6.446   -18.352 5.068  10 B_5BU3:A21_B B 3  ? B 21 ? 20 1 
1 B G   4  1_555 B C 20 1_555 0.041  -0.221 -0.141 -3.665  -14.159 3.935  11 B_G4:C20_B   B 4  ? B 20 ? 19 1 
1 B C   5  1_555 B G 19 1_555 0.200  -0.194 -0.160 5.435   -12.001 3.731  12 B_C5:G19_B   B 5  ? B 19 ? 19 1 
1 B U   6  1_555 B A 18 1_555 0.124  -0.331 0.111  -2.226  -17.457 4.823  13 B_U6:A18_B   B 6  ? B 18 ? 20 1 
1 B G   7  1_555 B C 17 1_555 -0.148 -0.084 -0.160 0.421   -9.560  3.561  14 B_G7:C17_B   B 7  ? B 17 ? 19 1 
1 A G   10 1_555 B C 15 1_555 -0.580 -0.343 -0.336 -12.392 -11.012 -0.488 15 A_G10:C15_B  A 10 ? B 15 ? 19 1 
1 A U   11 1_555 B A 14 1_555 -0.076 -0.346 -0.094 -4.782  -11.374 0.603  16 A_U11:A14_B  A 11 ? B 14 ? 20 1 
1 A G   12 1_555 B C 13 1_555 -0.210 -0.183 0.044  -6.924  -4.130  -0.536 17 A_G12:C13_B  A 12 ? B 13 ? 19 1 
1 A C   13 1_555 B G 12 1_555 0.207  -0.384 0.088  6.132   -6.873  -1.758 18 A_C13:G12_B  A 13 ? B 12 ? 19 1 
1 A A   14 1_555 B U 11 1_555 0.184  -0.247 -0.084 9.045   -9.436  -0.095 19 A_A14:U11_B  A 14 ? B 11 ? 20 1 
1 A C   15 1_555 B G 10 1_555 0.317  -0.191 -0.451 16.870  -12.456 1.626  20 A_C15:G10_B  A 15 ? B 10 ? 19 1 
# 
loop_
_ndb_struct_na_base_pair_step.model_number 
_ndb_struct_na_base_pair_step.i_label_asym_id_1 
_ndb_struct_na_base_pair_step.i_label_comp_id_1 
_ndb_struct_na_base_pair_step.i_label_seq_id_1 
_ndb_struct_na_base_pair_step.i_symmetry_1 
_ndb_struct_na_base_pair_step.j_label_asym_id_1 
_ndb_struct_na_base_pair_step.j_label_comp_id_1 
_ndb_struct_na_base_pair_step.j_label_seq_id_1 
_ndb_struct_na_base_pair_step.j_symmetry_1 
_ndb_struct_na_base_pair_step.i_label_asym_id_2 
_ndb_struct_na_base_pair_step.i_label_comp_id_2 
_ndb_struct_na_base_pair_step.i_label_seq_id_2 
_ndb_struct_na_base_pair_step.i_symmetry_2 
_ndb_struct_na_base_pair_step.j_label_asym_id_2 
_ndb_struct_na_base_pair_step.j_label_comp_id_2 
_ndb_struct_na_base_pair_step.j_label_seq_id_2 
_ndb_struct_na_base_pair_step.j_symmetry_2 
_ndb_struct_na_base_pair_step.shift 
_ndb_struct_na_base_pair_step.slide 
_ndb_struct_na_base_pair_step.rise 
_ndb_struct_na_base_pair_step.tilt 
_ndb_struct_na_base_pair_step.roll 
_ndb_struct_na_base_pair_step.twist 
_ndb_struct_na_base_pair_step.x_displacement 
_ndb_struct_na_base_pair_step.y_displacement 
_ndb_struct_na_base_pair_step.helical_rise 
_ndb_struct_na_base_pair_step.inclination 
_ndb_struct_na_base_pair_step.tip 
_ndb_struct_na_base_pair_step.helical_twist 
_ndb_struct_na_base_pair_step.step_number 
_ndb_struct_na_base_pair_step.step_name 
_ndb_struct_na_base_pair_step.i_auth_asym_id_1 
_ndb_struct_na_base_pair_step.i_auth_seq_id_1 
_ndb_struct_na_base_pair_step.i_PDB_ins_code_1 
_ndb_struct_na_base_pair_step.j_auth_asym_id_1 
_ndb_struct_na_base_pair_step.j_auth_seq_id_1 
_ndb_struct_na_base_pair_step.j_PDB_ins_code_1 
_ndb_struct_na_base_pair_step.i_auth_asym_id_2 
_ndb_struct_na_base_pair_step.i_auth_seq_id_2 
_ndb_struct_na_base_pair_step.i_PDB_ins_code_2 
_ndb_struct_na_base_pair_step.j_auth_asym_id_2 
_ndb_struct_na_base_pair_step.j_auth_seq_id_2 
_ndb_struct_na_base_pair_step.j_PDB_ins_code_2 
1 A C   1  1_555 A G 23 1_555 A U   2  1_555 A A 22 1_555 0.014  -1.906 3.245 -3.801 10.084 35.564 -4.230 -0.487 2.612 16.061 
6.053  37.110 1  AA_C1U2:A22G23_AA   A 1  ? A 23 ? A 2  ? A 22 ? 
1 A U   2  1_555 A A 22 1_555 A 5BU 3  1_555 A A 21 1_555 -0.779 -1.810 3.216 0.265  5.069  33.312 -3.900 1.385  2.911 8.779  
-0.460 33.686 2  AA_U25BU3:A21A22_AA A 2  ? A 22 ? A 3  ? A 21 ? 
1 A 5BU 3  1_555 A A 21 1_555 A G   4  1_555 A C 20 1_555 -0.246 -1.761 3.331 -1.323 13.734 25.982 -6.111 0.231  2.156 28.160 
2.714  29.363 3  AA_5BU3G4:C20A21_AA A 3  ? A 21 ? A 4  ? A 20 ? 
1 A G   4  1_555 A C 20 1_555 A C   5  1_555 A G 19 1_555 -0.061 -0.874 3.041 -2.479 2.343  37.014 -1.659 -0.209 2.980 3.680  
3.895  37.165 4  AA_G4C5:G19C20_AA   A 4  ? A 20 ? A 5  ? A 19 ? 
1 A C   5  1_555 A G 19 1_555 A U   6  1_555 A A 18 1_555 0.450  -1.395 3.373 -0.582 8.950  27.657 -4.681 -1.020 2.784 18.128 
1.178  29.048 5  AA_C5U6:A18G19_AA   A 5  ? A 19 ? A 6  ? A 18 ? 
1 A U   6  1_555 A A 18 1_555 A G   7  1_555 A C 17 1_555 -0.073 -1.450 3.049 2.100  14.702 31.212 -4.361 0.396  2.160 25.589 
-3.655 34.486 6  AA_U6G7:C17A18_AA   A 6  ? A 18 ? A 7  ? A 17 ? 
1 B C   1  1_555 B G 23 1_555 B U   2  1_555 B A 22 1_555 -0.229 -1.758 3.079 -1.951 5.849  34.416 -3.722 0.117  2.760 9.787  
3.265  34.947 7  BB_C1U2:A22G23_BB   B 1  ? B 23 ? B 2  ? B 22 ? 
1 B U   2  1_555 B A 22 1_555 B 5BU 3  1_555 B A 21 1_555 -0.566 -1.618 3.255 1.795  6.782  29.707 -4.340 1.410  2.787 13.001 
-3.440 30.506 8  BB_U25BU3:A21A22_BB B 2  ? B 22 ? B 3  ? B 21 ? 
1 B 5BU 3  1_555 B A 21 1_555 B G   4  1_555 B C 20 1_555 -0.406 -1.518 3.382 -3.899 15.119 32.679 -4.469 0.134  2.493 25.160 
6.488  36.125 9  BB_5BU3G4:C20A21_BB B 3  ? B 21 ? B 4  ? B 20 ? 
1 B G   4  1_555 B C 20 1_555 B C   5  1_555 B G 19 1_555 -0.076 -1.170 3.024 -1.124 1.707  31.871 -2.410 -0.049 2.960 3.105  
2.045  31.935 10 BB_G4C5:G19C20_BB   B 4  ? B 20 ? B 5  ? B 19 ? 
1 B C   5  1_555 B G 19 1_555 B U   6  1_555 B A 18 1_555 0.505  -1.372 3.389 0.828  9.254  31.686 -3.959 -0.751 2.896 16.509 
-1.477 32.986 11 BB_C5U6:A18G19_BB   B 5  ? B 19 ? B 6  ? B 18 ? 
1 B U   6  1_555 B A 18 1_555 B G   7  1_555 B C 17 1_555 -0.211 -1.415 3.138 2.326  16.262 29.353 -4.729 0.691  2.070 29.373 
-4.201 33.549 12 BB_U6G7:C17A18_BB   B 6  ? B 18 ? B 7  ? B 17 ? 
1 B G   7  1_555 B C 17 1_555 A G   10 1_555 B C 15 1_555 -2.243 -2.723 6.480 -8.144 16.214 83.533 -2.743 1.291  6.134 12.046 
6.051  85.126 13 BA_G7G10:C15C17_BB  B 7  ? B 17 ? A 10 ? B 15 ? 
1 A G   10 1_555 B C 15 1_555 A U   11 1_555 B A 14 1_555 -0.421 -1.443 3.089 -1.586 2.407  34.795 -2.745 0.477  3.001 4.016  
2.646  34.911 14 AA_G10U11:A14C15_BB A 10 ? B 15 ? A 11 ? B 14 ? 
1 A U   11 1_555 B A 14 1_555 A G   12 1_555 B C 13 1_555 -0.286 -1.544 3.168 -1.540 10.618 29.016 -4.733 0.270  2.475 20.335 
2.949  30.896 15 AA_U11G12:C13A14_BB A 11 ? B 14 ? A 12 ? B 13 ? 
1 A G   12 1_555 B C 13 1_555 A C   13 1_555 B G 12 1_555 -0.037 -0.904 3.083 -0.510 5.057  32.976 -2.349 -0.014 2.916 8.844  
0.892  33.355 16 AA_G12C13:G12C13_BB A 12 ? B 13 ? A 13 ? B 12 ? 
1 A C   13 1_555 B G 12 1_555 A A   14 1_555 B U 11 1_555 0.118  -1.580 3.077 2.249  10.867 29.938 -4.580 0.138  2.375 20.184 
-4.177 31.884 17 AA_C13A14:U11G12_BB A 13 ? B 12 ? A 14 ? B 11 ? 
1 A A   14 1_555 B U 11 1_555 A C   15 1_555 B G 10 1_555 0.471  -1.236 3.013 2.362  5.784  32.837 -3.006 -0.469 2.787 10.117 
-4.131 33.410 18 AA_A14C15:G10U11_BB A 14 ? B 11 ? A 15 ? B 10 ? 
# 
_atom_sites.entry_id                    1Y3S 
_atom_sites.fract_transf_matrix[1][1]   -0.00484379 
_atom_sites.fract_transf_matrix[1][2]   0.01090157 
_atom_sites.fract_transf_matrix[1][3]   -0.03471451 
_atom_sites.fract_transf_matrix[2][1]   0.00799982 
_atom_sites.fract_transf_matrix[2][2]   -0.00219284 
_atom_sites.fract_transf_matrix[2][3]   -0.00180486 
_atom_sites.fract_transf_matrix[3][1]   -0.00325023 
_atom_sites.fract_transf_matrix[3][2]   -0.00971860 
_atom_sites.fract_transf_matrix[3][3]   -0.00259847 
_atom_sites.fract_transf_vector[1]      0.674458 
_atom_sites.fract_transf_vector[2]      0.994227 
_atom_sites.fract_transf_vector[3]      0.604666 
# 
loop_
_atom_type.symbol 
BR 
C  
K  
MG 
N  
O  
P  
# 
loop_
_atom_site.group_PDB 
_atom_site.id 
_atom_site.type_symbol 
_atom_site.label_atom_id 
_atom_site.label_alt_id 
_atom_site.label_comp_id 
_atom_site.label_asym_id 
_atom_site.label_entity_id 
_atom_site.label_seq_id 
_atom_site.pdbx_PDB_ins_code 
_atom_site.Cartn_x 
_atom_site.Cartn_y 
_atom_site.Cartn_z 
_atom_site.occupancy 
_atom_site.B_iso_or_equiv 
_atom_site.pdbx_formal_charge 
_atom_site.auth_seq_id 
_atom_site.auth_comp_id 
_atom_site.auth_asym_id 
_atom_site.auth_atom_id 
_atom_site.pdbx_PDB_model_num 
ATOM   1    O  "O5'" . C   A 1 1  ? 25.165  -2.391  -5.128  1.00 42.36 ? 1  C   A "O5'" 1 
ATOM   2    C  "C5'" . C   A 1 1  ? 25.924  -1.490  -4.328  1.00 39.64 ? 1  C   A "C5'" 1 
ATOM   3    C  "C4'" . C   A 1 1  ? 26.483  -0.381  -5.180  1.00 39.54 ? 1  C   A "C4'" 1 
ATOM   4    O  "O4'" . C   A 1 1  ? 27.360  -0.948  -6.187  1.00 38.07 ? 1  C   A "O4'" 1 
ATOM   5    C  "C3'" . C   A 1 1  ? 25.458  0.375   -6.000  1.00 40.04 ? 1  C   A "C3'" 1 
ATOM   6    O  "O3'" . C   A 1 1  ? 24.822  1.389   -5.250  1.00 42.63 ? 1  C   A "O3'" 1 
ATOM   7    C  "C2'" . C   A 1 1  ? 26.315  0.974   -7.093  1.00 38.97 ? 1  C   A "C2'" 1 
ATOM   8    O  "O2'" . C   A 1 1  ? 27.027  2.084   -6.588  1.00 39.15 ? 1  C   A "O2'" 1 
ATOM   9    C  "C1'" . C   A 1 1  ? 27.278  -0.183  -7.373  1.00 37.50 ? 1  C   A "C1'" 1 
ATOM   10   N  N1    . C   A 1 1  ? 26.808  -1.053  -8.458  1.00 36.16 ? 1  C   A N1    1 
ATOM   11   C  C2    . C   A 1 1  ? 26.897  -0.574  -9.776  1.00 35.94 ? 1  C   A C2    1 
ATOM   12   O  O2    . C   A 1 1  ? 27.347  0.564   -9.965  1.00 33.31 ? 1  C   A O2    1 
ATOM   13   N  N3    . C   A 1 1  ? 26.491  -1.366  -10.801 1.00 35.98 ? 1  C   A N3    1 
ATOM   14   C  C4    . C   A 1 1  ? 26.016  -2.592  -10.550 1.00 36.74 ? 1  C   A C4    1 
ATOM   15   N  N4    . C   A 1 1  ? 25.657  -3.357  -11.606 1.00 36.19 ? 1  C   A N4    1 
ATOM   16   C  C5    . C   A 1 1  ? 25.894  -3.097  -9.212  1.00 36.16 ? 1  C   A C5    1 
ATOM   17   C  C6    . C   A 1 1  ? 26.300  -2.300  -8.206  1.00 36.08 ? 1  C   A C6    1 
ATOM   18   P  P     . U   A 1 2  ? 23.261  1.659   -5.469  1.00 44.83 ? 2  U   A P     1 
ATOM   19   O  OP1   . U   A 1 2  ? 22.788  2.419   -4.284  1.00 47.05 ? 2  U   A OP1   1 
ATOM   20   O  OP2   . U   A 1 2  ? 22.626  0.350   -5.811  1.00 43.44 ? 2  U   A OP2   1 
ATOM   21   O  "O5'" . U   A 1 2  ? 23.184  2.583   -6.766  1.00 45.20 ? 2  U   A "O5'" 1 
ATOM   22   C  "C5'" . U   A 1 2  ? 23.864  3.848   -6.839  1.00 45.57 ? 2  U   A "C5'" 1 
ATOM   23   C  "C4'" . U   A 1 2  ? 23.966  4.301   -8.283  1.00 45.60 ? 2  U   A "C4'" 1 
ATOM   24   O  "O4'" . U   A 1 2  ? 24.724  3.319   -9.037  1.00 45.55 ? 2  U   A "O4'" 1 
ATOM   25   C  "C3'" . U   A 1 2  ? 22.664  4.412   -9.060  1.00 46.90 ? 2  U   A "C3'" 1 
ATOM   26   O  "O3'" . U   A 1 2  ? 22.016  5.651   -8.793  1.00 51.22 ? 2  U   A "O3'" 1 
ATOM   27   C  "C2'" . U   A 1 2  ? 23.142  4.313   -10.507 1.00 46.14 ? 2  U   A "C2'" 1 
ATOM   28   O  "O2'" . U   A 1 2  ? 23.710  5.497   -11.033 1.00 44.71 ? 2  U   A "O2'" 1 
ATOM   29   C  "C1'" . U   A 1 2  ? 24.268  3.290   -10.380 1.00 44.23 ? 2  U   A "C1'" 1 
ATOM   30   N  N1    . U   A 1 2  ? 23.868  1.919   -10.723 1.00 41.98 ? 2  U   A N1    1 
ATOM   31   C  C2    . U   A 1 2  ? 23.603  1.654   -12.047 1.00 42.01 ? 2  U   A C2    1 
ATOM   32   O  O2    . U   A 1 2  ? 23.643  2.511   -12.905 1.00 44.11 ? 2  U   A O2    1 
ATOM   33   N  N3    . U   A 1 2  ? 23.289  0.351   -12.331 1.00 39.87 ? 2  U   A N3    1 
ATOM   34   C  C4    . U   A 1 2  ? 23.210  -0.686  -11.437 1.00 40.19 ? 2  U   A C4    1 
ATOM   35   O  O4    . U   A 1 2  ? 22.932  -1.818  -11.840 1.00 41.34 ? 2  U   A O4    1 
ATOM   36   C  C5    . U   A 1 2  ? 23.475  -0.320  -10.080 1.00 40.67 ? 2  U   A C5    1 
ATOM   37   C  C6    . U   A 1 2  ? 23.783  0.940   -9.780  1.00 40.72 ? 2  U   A C6    1 
HETATM 38   P  P     . 5BU A 1 3  ? 20.410  5.774   -8.913  1.00 52.56 ? 3  5BU A P     1 
HETATM 39   O  OP1   . 5BU A 1 3  ? 20.115  7.156   -8.428  1.00 54.47 ? 3  5BU A OP1   1 
HETATM 40   O  OP2   . 5BU A 1 3  ? 19.753  4.606   -8.257  1.00 51.98 ? 3  5BU A OP2   1 
HETATM 41   O  "O5'" . 5BU A 1 3  ? 20.105  5.662   -10.478 1.00 50.51 ? 3  5BU A "O5'" 1 
HETATM 42   C  "C5'" . 5BU A 1 3  ? 20.430  6.733   -11.378 1.00 48.64 ? 3  5BU A "C5'" 1 
HETATM 43   C  "C4'" . 5BU A 1 3  ? 20.074  6.356   -12.795 1.00 47.33 ? 3  5BU A "C4'" 1 
HETATM 44   O  "O4'" . 5BU A 1 3  ? 20.906  5.248   -13.231 1.00 46.83 ? 3  5BU A "O4'" 1 
HETATM 45   C  "C3'" . 5BU A 1 3  ? 18.662  5.840   -13.032 1.00 47.96 ? 3  5BU A "C3'" 1 
HETATM 46   O  "O3'" . 5BU A 1 3  ? 17.691  6.891   -13.057 1.00 48.73 ? 3  5BU A "O3'" 1 
HETATM 47   C  "C2'" . 5BU A 1 3  ? 18.824  5.124   -14.370 1.00 47.79 ? 3  5BU A "C2'" 1 
HETATM 48   O  "O2'" . 5BU A 1 3  ? 18.895  5.991   -15.491 1.00 49.74 ? 3  5BU A "O2'" 1 
HETATM 49   C  "C1'" . 5BU A 1 3  ? 20.194  4.470   -14.186 1.00 46.30 ? 3  5BU A "C1'" 1 
HETATM 50   N  N1    . 5BU A 1 3  ? 20.081  3.075   -13.701 1.00 44.81 ? 3  5BU A N1    1 
HETATM 51   C  C2    . 5BU A 1 3  ? 19.837  2.108   -14.655 1.00 44.95 ? 3  5BU A C2    1 
HETATM 52   O  O2    . 5BU A 1 3  ? 19.705  2.361   -15.841 1.00 44.19 ? 3  5BU A O2    1 
HETATM 53   N  N3    . 5BU A 1 3  ? 19.737  0.831   -14.169 1.00 43.80 ? 3  5BU A N3    1 
HETATM 54   C  C4    . 5BU A 1 3  ? 19.831  0.429   -12.850 1.00 45.06 ? 3  5BU A C4    1 
HETATM 55   O  O4    . 5BU A 1 3  ? 19.714  -0.765  -12.568 1.00 46.25 ? 3  5BU A O4    1 
HETATM 56   C  C5    . 5BU A 1 3  ? 20.065  1.498   -11.890 1.00 43.71 ? 3  5BU A C5    1 
HETATM 57   C  C6    . 5BU A 1 3  ? 20.196  2.750   -12.363 1.00 43.90 ? 3  5BU A C6    1 
HETATM 58   BR BR    . 5BU A 1 3  ? 20.327  1.142   -10.034 0.31 44.55 ? 3  5BU A BR    1 
ATOM   59   P  P     . G   A 1 4  ? 16.156  6.581   -12.654 1.00 47.60 ? 4  G   A P     1 
ATOM   60   O  OP1   . G   A 1 4  ? 15.412  7.864   -12.626 1.00 47.98 ? 4  G   A OP1   1 
ATOM   61   O  OP2   . G   A 1 4  ? 16.139  5.700   -11.460 1.00 50.15 ? 4  G   A OP2   1 
ATOM   62   O  "O5'" . G   A 1 4  ? 15.614  5.769   -13.903 1.00 48.48 ? 4  G   A "O5'" 1 
ATOM   63   C  "C5'" . G   A 1 4  ? 15.519  6.411   -15.171 1.00 49.08 ? 4  G   A "C5'" 1 
ATOM   64   C  "C4'" . G   A 1 4  ? 15.159  5.412   -16.218 1.00 48.84 ? 4  G   A "C4'" 1 
ATOM   65   O  "O4'" . G   A 1 4  ? 16.168  4.374   -16.235 1.00 47.86 ? 4  G   A "O4'" 1 
ATOM   66   C  "C3'" . G   A 1 4  ? 13.880  4.648   -15.951 1.00 49.07 ? 4  G   A "C3'" 1 
ATOM   67   O  "O3'" . G   A 1 4  ? 12.743  5.455   -16.282 1.00 51.02 ? 4  G   A "O3'" 1 
ATOM   68   C  "C2'" . G   A 1 4  ? 14.082  3.416   -16.837 1.00 47.94 ? 4  G   A "C2'" 1 
ATOM   69   O  "O2'" . G   A 1 4  ? 13.895  3.653   -18.221 1.00 46.81 ? 4  G   A "O2'" 1 
ATOM   70   C  "C1'" . G   A 1 4  ? 15.574  3.150   -16.632 1.00 46.55 ? 4  G   A "C1'" 1 
ATOM   71   N  N9    . G   A 1 4  ? 15.884  2.117   -15.646 1.00 43.64 ? 4  G   A N9    1 
ATOM   72   C  C8    . G   A 1 4  ? 16.362  2.269   -14.364 1.00 43.52 ? 4  G   A C8    1 
ATOM   73   N  N7    . G   A 1 4  ? 16.578  1.126   -13.758 1.00 41.70 ? 4  G   A N7    1 
ATOM   74   C  C5    . G   A 1 4  ? 16.208  0.169   -14.695 1.00 40.85 ? 4  G   A C5    1 
ATOM   75   C  C6    . G   A 1 4  ? 16.213  -1.254  -14.621 1.00 39.73 ? 4  G   A C6    1 
ATOM   76   O  O6    . G   A 1 4  ? 16.571  -1.976  -13.687 1.00 39.06 ? 4  G   A O6    1 
ATOM   77   N  N1    . G   A 1 4  ? 15.737  -1.829  -15.797 1.00 41.16 ? 4  G   A N1    1 
ATOM   78   C  C2    . G   A 1 4  ? 15.307  -1.129  -16.901 1.00 40.72 ? 4  G   A C2    1 
ATOM   79   N  N2    . G   A 1 4  ? 14.845  -1.857  -17.939 1.00 41.27 ? 4  G   A N2    1 
ATOM   80   N  N3    . G   A 1 4  ? 15.312  0.188   -16.987 1.00 40.93 ? 4  G   A N3    1 
ATOM   81   C  C4    . G   A 1 4  ? 15.768  0.767   -15.859 1.00 41.97 ? 4  G   A C4    1 
ATOM   82   P  P     . C   A 1 5  ? 11.315  5.173   -15.578 1.00 50.61 ? 5  C   A P     1 
ATOM   83   O  OP1   . C   A 1 5  ? 10.373  6.217   -16.080 1.00 53.21 ? 5  C   A OP1   1 
ATOM   84   O  OP2   . C   A 1 5  ? 11.528  5.024   -14.119 1.00 52.32 ? 5  C   A OP2   1 
ATOM   85   O  "O5'" . C   A 1 5  ? 10.847  3.789   -16.211 1.00 51.64 ? 5  C   A "O5'" 1 
ATOM   86   C  "C5'" . C   A 1 5  ? 10.486  3.735   -17.605 1.00 52.16 ? 5  C   A "C5'" 1 
ATOM   87   C  "C4'" . C   A 1 5  ? 10.207  2.315   -18.033 1.00 52.07 ? 5  C   A "C4'" 1 
ATOM   88   O  "O4'" . C   A 1 5  ? 11.423  1.529   -17.938 1.00 51.69 ? 5  C   A "O4'" 1 
ATOM   89   C  "C3'" . C   A 1 5  ? 9.210   1.547   -17.181 1.00 51.94 ? 5  C   A "C3'" 1 
ATOM   90   O  "O3'" . C   A 1 5  ? 7.858   1.871   -17.502 1.00 52.86 ? 5  C   A "O3'" 1 
ATOM   91   C  "C2'" . C   A 1 5  ? 9.581   0.108   -17.502 1.00 51.11 ? 5  C   A "C2'" 1 
ATOM   92   O  "O2'" . C   A 1 5  ? 9.139   -0.294  -18.783 1.00 50.56 ? 5  C   A "O2'" 1 
ATOM   93   C  "C1'" . C   A 1 5  ? 11.105  0.207   -17.539 1.00 50.63 ? 5  C   A "C1'" 1 
ATOM   94   N  N1    . C   A 1 5  ? 11.726  -0.030  -16.229 1.00 49.65 ? 5  C   A N1    1 
ATOM   95   C  C2    . C   A 1 5  ? 12.049  -1.339  -15.868 1.00 49.37 ? 5  C   A C2    1 
ATOM   96   O  O2    . C   A 1 5  ? 11.780  -2.254  -16.659 1.00 49.92 ? 5  C   A O2    1 
ATOM   97   N  N3    . C   A 1 5  ? 12.650  -1.571  -14.671 1.00 48.01 ? 5  C   A N3    1 
ATOM   98   C  C4    . C   A 1 5  ? 12.925  -0.547  -13.858 1.00 46.70 ? 5  C   A C4    1 
ATOM   99   N  N4    . C   A 1 5  ? 13.536  -0.810  -12.702 1.00 46.45 ? 5  C   A N4    1 
ATOM   100  C  C5    . C   A 1 5  ? 12.591  0.796   -14.199 1.00 48.14 ? 5  C   A C5    1 
ATOM   101  C  C6    . C   A 1 5  ? 11.998  1.007   -15.381 1.00 48.75 ? 5  C   A C6    1 
ATOM   102  P  P     . U   A 1 6  ? 6.731   1.773   -16.361 1.00 53.83 ? 6  U   A P     1 
ATOM   103  O  OP1   . U   A 1 6  ? 5.460   2.276   -16.942 1.00 54.06 ? 6  U   A OP1   1 
ATOM   104  O  OP2   . U   A 1 6  ? 7.268   2.407   -15.115 1.00 53.57 ? 6  U   A OP2   1 
ATOM   105  O  "O5'" . U   A 1 6  ? 6.600   0.199   -16.115 1.00 53.67 ? 6  U   A "O5'" 1 
ATOM   106  C  "C5'" . U   A 1 6  ? 6.259   -0.678  -17.207 1.00 53.00 ? 6  U   A "C5'" 1 
ATOM   107  C  "C4'" . U   A 1 6  ? 6.427   -2.124  -16.807 1.00 53.05 ? 6  U   A "C4'" 1 
ATOM   108  O  "O4'" . U   A 1 6  ? 7.811   -2.393  -16.478 1.00 52.42 ? 6  U   A "O4'" 1 
ATOM   109  C  "C3'" . U   A 1 6  ? 5.668   -2.571  -15.570 1.00 54.12 ? 6  U   A "C3'" 1 
ATOM   110  O  "O3'" . U   A 1 6  ? 4.306   -2.858  -15.871 1.00 54.61 ? 6  U   A "O3'" 1 
ATOM   111  C  "C2'" . U   A 1 6  ? 6.443   -3.813  -15.150 1.00 52.46 ? 6  U   A "C2'" 1 
ATOM   112  O  "O2'" . U   A 1 6  ? 6.141   -4.940  -15.942 1.00 52.41 ? 6  U   A "O2'" 1 
ATOM   113  C  "C1'" . U   A 1 6  ? 7.874   -3.391  -15.467 1.00 52.08 ? 6  U   A "C1'" 1 
ATOM   114  N  N1    . U   A 1 6  ? 8.611   -2.863  -14.306 1.00 50.81 ? 6  U   A N1    1 
ATOM   115  C  C2    . U   A 1 6  ? 9.160   -3.788  -13.422 1.00 49.93 ? 6  U   A C2    1 
ATOM   116  O  O2    . U   A 1 6  ? 9.015   -5.003  -13.550 1.00 50.50 ? 6  U   A O2    1 
ATOM   117  N  N3    . U   A 1 6  ? 9.877   -3.239  -12.384 1.00 47.96 ? 6  U   A N3    1 
ATOM   118  C  C4    . U   A 1 6  ? 10.093  -1.892  -12.138 1.00 47.52 ? 6  U   A C4    1 
ATOM   119  O  O4    . U   A 1 6  ? 10.804  -1.556  -11.188 1.00 43.36 ? 6  U   A O4    1 
ATOM   120  C  C5    . U   A 1 6  ? 9.473   -1.006  -13.080 1.00 47.85 ? 6  U   A C5    1 
ATOM   121  C  C6    . U   A 1 6  ? 8.768   -1.509  -14.104 1.00 49.67 ? 6  U   A C6    1 
ATOM   122  P  P     . G   A 1 7  ? 3.199   -2.750  -14.711 1.00 56.21 ? 7  G   A P     1 
ATOM   123  O  OP1   . G   A 1 7  ? 1.876   -3.055  -15.330 1.00 57.51 ? 7  G   A OP1   1 
ATOM   124  O  OP2   . G   A 1 7  ? 3.390   -1.461  -13.983 1.00 56.04 ? 7  G   A OP2   1 
ATOM   125  O  "O5'" . G   A 1 7  ? 3.590   -3.924  -13.709 1.00 54.49 ? 7  G   A "O5'" 1 
ATOM   126  C  "C5'" . G   A 1 7  ? 3.845   -5.251  -14.198 1.00 54.36 ? 7  G   A "C5'" 1 
ATOM   127  C  "C4'" . G   A 1 7  ? 4.162   -6.178  -13.049 1.00 52.84 ? 7  G   A "C4'" 1 
ATOM   128  O  "O4'" . G   A 1 7  ? 5.435   -5.796  -12.438 1.00 51.87 ? 7  G   A "O4'" 1 
ATOM   129  C  "C3'" . G   A 1 7  ? 3.135   -6.167  -11.922 1.00 53.67 ? 7  G   A "C3'" 1 
ATOM   130  O  "O3'" . G   A 1 7  ? 3.033   -7.481  -11.371 1.00 53.86 ? 7  G   A "O3'" 1 
ATOM   131  C  "C2'" . G   A 1 7  ? 3.784   -5.231  -10.905 1.00 52.57 ? 7  G   A "C2'" 1 
ATOM   132  O  "O2'" . G   A 1 7  ? 3.311   -5.443  -9.592  1.00 53.99 ? 7  G   A "O2'" 1 
ATOM   133  C  "C1'" . G   A 1 7  ? 5.255   -5.627  -11.045 1.00 50.55 ? 7  G   A "C1'" 1 
ATOM   134  N  N9    . G   A 1 7  ? 6.209   -4.631  -10.561 1.00 47.39 ? 7  G   A N9    1 
ATOM   135  C  C8    . G   A 1 7  ? 6.286   -3.313  -10.952 1.00 46.55 ? 7  G   A C8    1 
ATOM   136  N  N7    . G   A 1 7  ? 7.215   -2.643  -10.323 1.00 44.66 ? 7  G   A N7    1 
ATOM   137  C  C5    . G   A 1 7  ? 7.787   -3.568  -9.461  1.00 44.20 ? 7  G   A C5    1 
ATOM   138  C  C6    . G   A 1 7  ? 8.825   -3.406  -8.503  1.00 43.15 ? 7  G   A C6    1 
ATOM   139  O  O6    . G   A 1 7  ? 9.445   -2.381  -8.203  1.00 41.01 ? 7  G   A O6    1 
ATOM   140  N  N1    . G   A 1 7  ? 9.110   -4.600  -7.852  1.00 42.73 ? 7  G   A N1    1 
ATOM   141  C  C2    . G   A 1 7  ? 8.470   -5.795  -8.078  1.00 44.00 ? 7  G   A C2    1 
ATOM   142  N  N2    . G   A 1 7  ? 8.899   -6.831  -7.330  1.00 41.50 ? 7  G   A N2    1 
ATOM   143  N  N3    . G   A 1 7  ? 7.488   -5.959  -8.959  1.00 43.39 ? 7  G   A N3    1 
ATOM   144  C  C4    . G   A 1 7  ? 7.197   -4.809  -9.608  1.00 44.70 ? 7  G   A C4    1 
ATOM   145  P  P     . A   A 1 8  ? 1.718   -8.367  -11.653 1.00 55.29 ? 8  A   A P     1 
ATOM   146  O  OP1   . A   A 1 8  ? 2.113   -9.806  -11.530 1.00 55.38 ? 8  A   A OP1   1 
ATOM   147  O  OP2   . A   A 1 8  ? 1.121   -7.884  -12.933 1.00 55.38 ? 8  A   A OP2   1 
ATOM   148  O  "O5'" . A   A 1 8  ? 0.729   -8.007  -10.444 1.00 51.70 ? 8  A   A "O5'" 1 
ATOM   149  C  "C5'" . A   A 1 8  ? 0.199   -6.675  -10.295 1.00 46.73 ? 8  A   A "C5'" 1 
ATOM   150  C  "C4'" . A   A 1 8  ? -1.295  -6.713  -10.013 1.00 43.02 ? 8  A   A "C4'" 1 
ATOM   151  O  "O4'" . A   A 1 8  ? -1.899  -7.765  -10.800 1.00 40.85 ? 8  A   A "O4'" 1 
ATOM   152  C  "C3'" . A   A 1 8  ? -1.762  -7.125  -8.629  1.00 39.66 ? 8  A   A "C3'" 1 
ATOM   153  O  "O3'" . A   A 1 8  ? -1.660  -6.049  -7.722  1.00 38.43 ? 8  A   A "O3'" 1 
ATOM   154  C  "C2'" . A   A 1 8  ? -3.238  -7.431  -8.878  1.00 39.34 ? 8  A   A "C2'" 1 
ATOM   155  O  "O2'" . A   A 1 8  ? -4.042  -6.263  -8.915  1.00 38.89 ? 8  A   A "O2'" 1 
ATOM   156  C  "C1'" . A   A 1 8  ? -3.191  -8.022  -10.289 1.00 37.85 ? 8  A   A "C1'" 1 
ATOM   157  N  N9    . A   A 1 8  ? -3.462  -9.455  -10.390 1.00 33.35 ? 8  A   A N9    1 
ATOM   158  C  C8    . A   A 1 8  ? -2.600  -10.479 -10.724 1.00 32.72 ? 8  A   A C8    1 
ATOM   159  N  N7    . A   A 1 8  ? -3.175  -11.659 -10.761 1.00 32.52 ? 8  A   A N7    1 
ATOM   160  C  C5    . A   A 1 8  ? -4.496  -11.396 -10.419 1.00 30.74 ? 8  A   A C5    1 
ATOM   161  C  C6    . A   A 1 8  ? -5.613  -12.223 -10.289 1.00 32.09 ? 8  A   A C6    1 
ATOM   162  N  N6    . A   A 1 8  ? -5.569  -13.547 -10.472 1.00 36.68 ? 8  A   A N6    1 
ATOM   163  N  N1    . A   A 1 8  ? -6.793  -11.648 -9.957  1.00 32.97 ? 8  A   A N1    1 
ATOM   164  C  C2    . A   A 1 8  ? -6.827  -10.316 -9.766  1.00 31.78 ? 8  A   A C2    1 
ATOM   165  N  N3    . A   A 1 8  ? -5.832  -9.430  -9.849  1.00 32.29 ? 8  A   A N3    1 
ATOM   166  C  C4    . A   A 1 8  ? -4.684  -10.044 -10.183 1.00 31.17 ? 8  A   A C4    1 
ATOM   167  P  P     . A   A 1 9  ? -1.343  -6.339  -6.172  1.00 37.34 ? 9  A   A P     1 
ATOM   168  O  OP1   . A   A 1 9  ? -0.883  -5.041  -5.567  1.00 38.31 ? 9  A   A OP1   1 
ATOM   169  O  OP2   . A   A 1 9  ? -0.470  -7.535  -6.116  1.00 32.85 ? 9  A   A OP2   1 
ATOM   170  O  "O5'" . A   A 1 9  ? -2.750  -6.715  -5.539  1.00 30.34 ? 9  A   A "O5'" 1 
ATOM   171  C  "C5'" . A   A 1 9  ? -3.894  -5.854  -5.666  1.00 31.64 ? 9  A   A "C5'" 1 
ATOM   172  C  "C4'" . A   A 1 9  ? -5.106  -6.582  -5.161  1.00 33.54 ? 9  A   A "C4'" 1 
ATOM   173  O  "O4'" . A   A 1 9  ? -5.308  -7.749  -6.021  1.00 34.49 ? 9  A   A "O4'" 1 
ATOM   174  C  "C3'" . A   A 1 9  ? -4.947  -7.137  -3.741  1.00 33.67 ? 9  A   A "C3'" 1 
ATOM   175  O  "O3'" . A   A 1 9  ? -6.229  -7.292  -3.158  1.00 37.19 ? 9  A   A "O3'" 1 
ATOM   176  C  "C2'" . A   A 1 9  ? -4.387  -8.529  -4.005  1.00 34.32 ? 9  A   A "C2'" 1 
ATOM   177  O  "O2'" . A   A 1 9  ? -4.610  -9.481  -2.974  1.00 35.13 ? 9  A   A "O2'" 1 
ATOM   178  C  "C1'" . A   A 1 9  ? -5.171  -8.925  -5.258  1.00 31.84 ? 9  A   A "C1'" 1 
ATOM   179  N  N9    . A   A 1 9  ? -4.448  -9.932  -6.034  1.00 29.97 ? 9  A   A N9    1 
ATOM   180  C  C8    . A   A 1 9  ? -3.120  -9.933  -6.394  1.00 29.67 ? 9  A   A C8    1 
ATOM   181  N  N7    . A   A 1 9  ? -2.724  -11.061 -6.940  1.00 29.92 ? 9  A   A N7    1 
ATOM   182  C  C5    . A   A 1 9  ? -3.879  -11.829 -6.978  1.00 27.88 ? 9  A   A C5    1 
ATOM   183  C  C6    . A   A 1 9  ? -4.121  -13.146 -7.423  1.00 27.72 ? 9  A   A C6    1 
ATOM   184  N  N6    . A   A 1 9  ? -3.165  -13.935 -7.940  1.00 26.03 ? 9  A   A N6    1 
ATOM   185  N  N1    . A   A 1 9  ? -5.375  -13.624 -7.316  1.00 23.83 ? 9  A   A N1    1 
ATOM   186  C  C2    . A   A 1 9  ? -6.323  -12.831 -6.802  1.00 27.88 ? 9  A   A C2    1 
ATOM   187  N  N3    . A   A 1 9  ? -6.218  -11.567 -6.351  1.00 30.97 ? 9  A   A N3    1 
ATOM   188  C  C4    . A   A 1 9  ? -4.952  -11.131 -6.464  1.00 27.19 ? 9  A   A C4    1 
ATOM   189  P  P     . G   A 1 10 ? -6.759  -6.229  -2.079  1.00 39.39 ? 10 G   A P     1 
ATOM   190  O  OP1   . G   A 1 10 ? -5.599  -5.766  -1.282  1.00 37.92 ? 10 G   A OP1   1 
ATOM   191  O  OP2   . G   A 1 10 ? -7.969  -6.789  -1.400  1.00 37.15 ? 10 G   A OP2   1 
ATOM   192  O  "O5'" . G   A 1 10 ? -7.304  -5.014  -2.947  1.00 39.45 ? 10 G   A "O5'" 1 
ATOM   193  C  "C5'" . G   A 1 10 ? -8.361  -5.216  -3.899  1.00 39.22 ? 10 G   A "C5'" 1 
ATOM   194  C  "C4'" . G   A 1 10 ? -9.071  -3.918  -4.160  1.00 39.02 ? 10 G   A "C4'" 1 
ATOM   195  O  "O4'" . G   A 1 10 ? -9.701  -3.482  -2.930  1.00 39.69 ? 10 G   A "O4'" 1 
ATOM   196  C  "C3'" . G   A 1 10 ? -8.166  -2.758  -4.549  1.00 39.90 ? 10 G   A "C3'" 1 
ATOM   197  O  "O3'" . G   A 1 10 ? -7.860  -2.769  -5.944  1.00 37.59 ? 10 G   A "O3'" 1 
ATOM   198  C  "C2'" . G   A 1 10 ? -9.010  -1.560  -4.144  1.00 38.86 ? 10 G   A "C2'" 1 
ATOM   199  O  "O2'" . G   A 1 10 ? -10.034 -1.319  -5.071  1.00 41.13 ? 10 G   A "O2'" 1 
ATOM   200  C  "C1'" . G   A 1 10 ? -9.655  -2.065  -2.851  1.00 38.48 ? 10 G   A "C1'" 1 
ATOM   201  N  N9    . G   A 1 10 ? -8.919  -1.701  -1.646  1.00 38.74 ? 10 G   A N9    1 
ATOM   202  C  C8    . G   A 1 10 ? -8.376  -2.558  -0.721  1.00 38.00 ? 10 G   A C8    1 
ATOM   203  N  N7    . G   A 1 10 ? -7.813  -1.939  0.283   1.00 36.81 ? 10 G   A N7    1 
ATOM   204  C  C5    . G   A 1 10 ? -7.991  -0.594  0.002   1.00 34.99 ? 10 G   A C5    1 
ATOM   205  C  C6    . G   A 1 10 ? -7.602  0.552   0.743   1.00 34.35 ? 10 G   A C6    1 
ATOM   206  O  O6    . G   A 1 10 ? -7.013  0.600   1.834   1.00 31.13 ? 10 G   A O6    1 
ATOM   207  N  N1    . G   A 1 10 ? -7.967  1.726   0.094   1.00 31.37 ? 10 G   A N1    1 
ATOM   208  C  C2    . G   A 1 10 ? -8.610  1.789   -1.121  1.00 34.53 ? 10 G   A C2    1 
ATOM   209  N  N2    . G   A 1 10 ? -8.865  3.008   -1.597  1.00 32.17 ? 10 G   A N2    1 
ATOM   210  N  N3    . G   A 1 10 ? -8.979  0.725   -1.822  1.00 32.90 ? 10 G   A N3    1 
ATOM   211  C  C4    . G   A 1 10 ? -8.648  -0.426  -1.196  1.00 36.11 ? 10 G   A C4    1 
ATOM   212  P  P     . U   A 1 11 ? -6.382  -2.382  -6.446  1.00 40.17 ? 11 U   A P     1 
ATOM   213  O  OP1   . U   A 1 11 ? -6.255  -2.720  -7.883  1.00 39.32 ? 11 U   A OP1   1 
ATOM   214  O  OP2   . U   A 1 11 ? -5.361  -2.877  -5.478  1.00 40.55 ? 11 U   A OP2   1 
ATOM   215  O  "O5'" . U   A 1 11 ? -6.345  -0.795  -6.317  1.00 42.17 ? 11 U   A "O5'" 1 
ATOM   216  C  "C5'" . U   A 1 11 ? -7.247  0.015   -7.075  1.00 40.89 ? 11 U   A "C5'" 1 
ATOM   217  C  "C4'" . U   A 1 11 ? -7.117  1.453   -6.662  1.00 39.95 ? 11 U   A "C4'" 1 
ATOM   218  O  "O4'" . U   A 1 11 ? -7.551  1.606   -5.282  1.00 40.18 ? 11 U   A "O4'" 1 
ATOM   219  C  "C3'" . U   A 1 11 ? -5.695  1.981   -6.644  1.00 40.73 ? 11 U   A "C3'" 1 
ATOM   220  O  "O3'" . U   A 1 11 ? -5.246  2.326   -7.937  1.00 40.18 ? 11 U   A "O3'" 1 
ATOM   221  C  "C2'" . U   A 1 11 ? -5.837  3.185   -5.729  1.00 40.12 ? 11 U   A "C2'" 1 
ATOM   222  O  "O2'" . U   A 1 11 ? -6.487  4.258   -6.385  1.00 40.45 ? 11 U   A "O2'" 1 
ATOM   223  C  "C1'" . U   A 1 11 ? -6.786  2.630   -4.665  1.00 38.71 ? 11 U   A "C1'" 1 
ATOM   224  N  N1    . U   A 1 11 ? -6.097  2.072   -3.489  1.00 36.09 ? 11 U   A N1    1 
ATOM   225  C  C2    . U   A 1 11 ? -5.684  2.975   -2.512  1.00 34.85 ? 11 U   A C2    1 
ATOM   226  O  O2    . U   A 1 11 ? -5.819  4.173   -2.639  1.00 34.62 ? 11 U   A O2    1 
ATOM   227  N  N3    . U   A 1 11 ? -5.108  2.409   -1.394  1.00 30.19 ? 11 U   A N3    1 
ATOM   228  C  C4    . U   A 1 11 ? -4.892  1.055   -1.167  1.00 31.96 ? 11 U   A C4    1 
ATOM   229  O  O4    . U   A 1 11 ? -4.430  0.688   -0.088  1.00 28.90 ? 11 U   A O4    1 
ATOM   230  C  C5    . U   A 1 11 ? -5.309  0.194   -2.241  1.00 30.57 ? 11 U   A C5    1 
ATOM   231  C  C6    . U   A 1 11 ? -5.883  0.721   -3.339  1.00 32.21 ? 11 U   A C6    1 
ATOM   232  P  P     . G   A 1 12 ? -3.679  2.286   -8.269  1.00 42.54 ? 12 G   A P     1 
ATOM   233  O  OP1   . G   A 1 12 ? -3.553  2.544   -9.728  1.00 46.22 ? 12 G   A OP1   1 
ATOM   234  O  OP2   . G   A 1 12 ? -3.103  1.053   -7.688  1.00 45.52 ? 12 G   A OP2   1 
ATOM   235  O  "O5'" . G   A 1 12 ? -3.072  3.525   -7.473  1.00 44.92 ? 12 G   A "O5'" 1 
ATOM   236  C  "C5'" . G   A 1 12 ? -3.511  4.866   -7.778  1.00 43.70 ? 12 G   A "C5'" 1 
ATOM   237  C  "C4'" . G   A 1 12 ? -2.953  5.853   -6.782  1.00 43.14 ? 12 G   A "C4'" 1 
ATOM   238  O  "O4'" . G   A 1 12 ? -3.522  5.610   -5.471  1.00 42.85 ? 12 G   A "O4'" 1 
ATOM   239  C  "C3'" . G   A 1 12 ? -1.459  5.805   -6.518  1.00 43.02 ? 12 G   A "C3'" 1 
ATOM   240  O  "O3'" . G   A 1 12 ? -0.708  6.412   -7.568  1.00 43.38 ? 12 G   A "O3'" 1 
ATOM   241  C  "C2'" . G   A 1 12 ? -1.366  6.563   -5.195  1.00 42.31 ? 12 G   A "C2'" 1 
ATOM   242  O  "O2'" . G   A 1 12 ? -1.528  7.961   -5.337  1.00 42.73 ? 12 G   A "O2'" 1 
ATOM   243  C  "C1'" . G   A 1 12 ? -2.610  6.047   -4.474  1.00 41.32 ? 12 G   A "C1'" 1 
ATOM   244  N  N9    . G   A 1 12 ? -2.339  4.929   -3.582  1.00 38.92 ? 12 G   A N9    1 
ATOM   245  C  C8    . G   A 1 12 ? -2.600  3.604   -3.819  1.00 37.50 ? 12 G   A C8    1 
ATOM   246  N  N7    . G   A 1 12 ? -2.295  2.835   -2.812  1.00 36.81 ? 12 G   A N7    1 
ATOM   247  C  C5    . G   A 1 12 ? -1.793  3.706   -1.854  1.00 35.09 ? 12 G   A C5    1 
ATOM   248  C  C6    . G   A 1 12 ? -1.315  3.450   -0.544  1.00 34.93 ? 12 G   A C6    1 
ATOM   249  O  O6    . G   A 1 12 ? -1.259  2.371   0.050   1.00 31.08 ? 12 G   A O6    1 
ATOM   250  N  N1    . G   A 1 12 ? -0.877  4.625   0.086   1.00 34.59 ? 12 G   A N1    1 
ATOM   251  C  C2    . G   A 1 12 ? -0.911  5.880   -0.478  1.00 35.44 ? 12 G   A C2    1 
ATOM   252  N  N2    . G   A 1 12 ? -0.425  6.879   0.271   1.00 34.50 ? 12 G   A N2    1 
ATOM   253  N  N3    . G   A 1 12 ? -1.382  6.132   -1.697  1.00 35.20 ? 12 G   A N3    1 
ATOM   254  C  C4    . G   A 1 12 ? -1.798  5.003   -2.322  1.00 36.15 ? 12 G   A C4    1 
ATOM   255  P  P     . C   A 1 13 ? 0.764   5.858   -7.916  1.00 45.93 ? 13 C   A P     1 
ATOM   256  O  OP1   . C   A 1 13 ? 1.187   6.455   -9.214  1.00 46.33 ? 13 C   A OP1   1 
ATOM   257  O  OP2   . C   A 1 13 ? 0.752   4.369   -7.755  1.00 47.74 ? 13 C   A OP2   1 
ATOM   258  O  "O5'" . C   A 1 13 ? 1.687   6.454   -6.762  1.00 46.17 ? 13 C   A "O5'" 1 
ATOM   259  C  "C5'" . C   A 1 13 ? 1.951   7.867   -6.704  1.00 43.08 ? 13 C   A "C5'" 1 
ATOM   260  C  "C4'" . C   A 1 13 ? 2.554   8.232   -5.373  1.00 41.87 ? 13 C   A "C4'" 1 
ATOM   261  O  "O4'" . C   A 1 13 ? 1.646   7.810   -4.319  1.00 40.79 ? 13 C   A "O4'" 1 
ATOM   262  C  "C3'" . C   A 1 13 ? 3.858   7.546   -5.005  1.00 41.05 ? 13 C   A "C3'" 1 
ATOM   263  O  "O3'" . C   A 1 13 ? 4.984   8.120   -5.660  1.00 40.85 ? 13 C   A "O3'" 1 
ATOM   264  C  "C2'" . C   A 1 13 ? 3.865   7.723   -3.492  1.00 41.17 ? 13 C   A "C2'" 1 
ATOM   265  O  "O2'" . C   A 1 13 ? 4.187   9.037   -3.065  1.00 41.78 ? 13 C   A "O2'" 1 
ATOM   266  C  "C1'" . C   A 1 13 ? 2.392   7.450   -3.167  1.00 39.76 ? 13 C   A "C1'" 1 
ATOM   267  N  N1    . C   A 1 13 ? 2.136   6.032   -2.865  1.00 35.68 ? 13 C   A N1    1 
ATOM   268  C  C2    . C   A 1 13 ? 2.387   5.578   -1.583  1.00 34.63 ? 13 C   A C2    1 
ATOM   269  O  O2    . C   A 1 13 ? 2.802   6.380   -0.754  1.00 37.73 ? 13 C   A O2    1 
ATOM   270  N  N3    . C   A 1 13 ? 2.173   4.279   -1.274  1.00 32.45 ? 13 C   A N3    1 
ATOM   271  C  C4    . C   A 1 13 ? 1.715   3.442   -2.209  1.00 32.43 ? 13 C   A C4    1 
ATOM   272  N  N4    . C   A 1 13 ? 1.507   2.170   -1.863  1.00 28.39 ? 13 C   A N4    1 
ATOM   273  C  C5    . C   A 1 13 ? 1.446   3.875   -3.535  1.00 32.27 ? 13 C   A C5    1 
ATOM   274  C  C6    . C   A 1 13 ? 1.668   5.173   -3.820  1.00 35.38 ? 13 C   A C6    1 
ATOM   275  P  P     . A   A 1 14 ? 6.206   7.178   -6.120  1.00 42.91 ? 14 A   A P     1 
ATOM   276  O  OP1   . A   A 1 14 ? 7.064   7.936   -7.066  1.00 45.34 ? 14 A   A OP1   1 
ATOM   277  O  OP2   . A   A 1 14 ? 5.638   5.862   -6.551  1.00 46.38 ? 14 A   A OP2   1 
ATOM   278  O  "O5'" . A   A 1 14 ? 7.034   6.951   -4.778  1.00 40.58 ? 14 A   A "O5'" 1 
ATOM   279  C  "C5'" . A   A 1 14 ? 7.490   8.073   -4.012  1.00 39.51 ? 14 A   A "C5'" 1 
ATOM   280  C  "C4'" . A   A 1 14 ? 7.831   7.657   -2.609  1.00 38.20 ? 14 A   A "C4'" 1 
ATOM   281  O  "O4'" . A   A 1 14 ? 6.650   7.174   -1.921  1.00 37.70 ? 14 A   A "O4'" 1 
ATOM   282  C  "C3'" . A   A 1 14 ? 8.811   6.513   -2.490  1.00 39.05 ? 14 A   A "C3'" 1 
ATOM   283  O  "O3'" . A   A 1 14 ? 10.158  6.931   -2.698  1.00 39.27 ? 14 A   A "O3'" 1 
ATOM   284  C  "C2'" . A   A 1 14 ? 8.546   6.022   -1.070  1.00 39.08 ? 14 A   A "C2'" 1 
ATOM   285  O  "O2'" . A   A 1 14 ? 9.150   6.810   -0.058  1.00 40.60 ? 14 A   A "O2'" 1 
ATOM   286  C  "C1'" . A   A 1 14 ? 7.027   6.167   -0.985  1.00 38.01 ? 14 A   A "C1'" 1 
ATOM   287  N  N9    . A   A 1 14 ? 6.333   4.922   -1.325  1.00 36.92 ? 14 A   A N9    1 
ATOM   288  C  C8    . A   A 1 14 ? 5.760   4.593   -2.521  1.00 33.81 ? 14 A   A C8    1 
ATOM   289  N  N7    . A   A 1 14 ? 5.183   3.417   -2.522  1.00 35.62 ? 14 A   A N7    1 
ATOM   290  C  C5    . A   A 1 14 ? 5.398   2.935   -1.240  1.00 33.88 ? 14 A   A C5    1 
ATOM   291  C  C6    . A   A 1 14 ? 5.025   1.732   -0.605  1.00 34.13 ? 14 A   A C6    1 
ATOM   292  N  N6    . A   A 1 14 ? 4.339   0.766   -1.212  1.00 32.99 ? 14 A   A N6    1 
ATOM   293  N  N1    . A   A 1 14 ? 5.388   1.557   0.684   1.00 33.95 ? 14 A   A N1    1 
ATOM   294  C  C2    . A   A 1 14 ? 6.089   2.533   1.282   1.00 35.27 ? 14 A   A C2    1 
ATOM   295  N  N3    . A   A 1 14 ? 6.504   3.702   0.785   1.00 34.92 ? 14 A   A N3    1 
ATOM   296  C  C4    . A   A 1 14 ? 6.115   3.844   -0.494  1.00 33.81 ? 14 A   A C4    1 
ATOM   297  P  P     . C   A 1 15 ? 11.149  6.016   -3.580  1.00 39.68 ? 15 C   A P     1 
ATOM   298  O  OP1   . C   A 1 15 ? 12.360  6.780   -3.946  1.00 42.51 ? 15 C   A OP1   1 
ATOM   299  O  OP2   . C   A 1 15 ? 10.310  5.424   -4.669  1.00 42.03 ? 15 C   A OP2   1 
ATOM   300  O  "O5'" . C   A 1 15 ? 11.606  4.888   -2.552  1.00 37.68 ? 15 C   A "O5'" 1 
ATOM   301  C  "C5'" . C   A 1 15 ? 12.407  5.235   -1.417  1.00 38.34 ? 15 C   A "C5'" 1 
ATOM   302  C  "C4'" . C   A 1 15 ? 12.254  4.212   -0.328  1.00 38.10 ? 15 C   A "C4'" 1 
ATOM   303  O  "O4'" . C   A 1 15 ? 10.848  4.073   -0.005  1.00 37.94 ? 15 C   A "O4'" 1 
ATOM   304  C  "C3'" . C   A 1 15 ? 12.660  2.794   -0.673  1.00 39.57 ? 15 C   A "C3'" 1 
ATOM   305  O  "O3'" . C   A 1 15 ? 14.069  2.587   -0.648  1.00 42.82 ? 15 C   A "O3'" 1 
ATOM   306  C  "C2'" . C   A 1 15 ? 11.916  1.998   0.388   1.00 38.62 ? 15 C   A "C2'" 1 
ATOM   307  O  "O2'" . C   A 1 15 ? 12.524  2.057   1.662   1.00 41.12 ? 15 C   A "O2'" 1 
ATOM   308  C  "C1'" . C   A 1 15 ? 10.584  2.743   0.431   1.00 35.51 ? 15 C   A "C1'" 1 
ATOM   309  N  N1    . C   A 1 15 ? 9.605   2.123   -0.486  1.00 33.82 ? 15 C   A N1    1 
ATOM   310  C  C2    . C   A 1 15 ? 8.915   1.007   -0.049  1.00 29.87 ? 15 C   A C2    1 
ATOM   311  O  O2    . C   A 1 15 ? 9.141   0.596   1.079   1.00 28.94 ? 15 C   A O2    1 
ATOM   312  N  N3    . C   A 1 15 ? 8.030   0.405   -0.870  1.00 27.61 ? 15 C   A N3    1 
ATOM   313  C  C4    . C   A 1 15 ? 7.835   0.887   -2.099  1.00 29.71 ? 15 C   A C4    1 
ATOM   314  N  N4    . C   A 1 15 ? 6.971   0.256   -2.896  1.00 28.22 ? 15 C   A N4    1 
ATOM   315  C  C5    . C   A 1 15 ? 8.523   2.040   -2.571  1.00 30.72 ? 15 C   A C5    1 
ATOM   316  C  C6    . C   A 1 15 ? 9.390   2.621   -1.740  1.00 29.60 ? 15 C   A C6    1 
ATOM   317  P  P     . A   A 1 16 ? 14.718  1.498   -1.641  1.00 45.97 ? 16 A   A P     1 
ATOM   318  O  OP1   . A   A 1 16 ? 16.186  1.452   -1.459  1.00 46.51 ? 16 A   A OP1   1 
ATOM   319  O  OP2   . A   A 1 16 ? 14.155  1.712   -3.001  1.00 42.15 ? 16 A   A OP2   1 
ATOM   320  O  "O5'" . A   A 1 16 ? 14.160  0.118   -1.070  1.00 46.24 ? 16 A   A "O5'" 1 
ATOM   321  C  "C5'" . A   A 1 16 ? 14.577  -0.354  0.223   1.00 46.00 ? 16 A   A "C5'" 1 
ATOM   322  C  "C4'" . A   A 1 16 ? 13.833  -1.614  0.579   1.00 47.08 ? 16 A   A "C4'" 1 
ATOM   323  O  "O4'" . A   A 1 16 ? 12.404  -1.359  0.522   1.00 45.74 ? 16 A   A "O4'" 1 
ATOM   324  C  "C3'" . A   A 1 16 ? 14.023  -2.766  -0.391  1.00 47.99 ? 16 A   A "C3'" 1 
ATOM   325  O  "O3'" . A   A 1 16 ? 15.225  -3.455  -0.105  1.00 50.72 ? 16 A   A "O3'" 1 
ATOM   326  C  "C2'" . A   A 1 16 ? 12.790  -3.608  -0.112  1.00 46.86 ? 16 A   A "C2'" 1 
ATOM   327  O  "O2'" . A   A 1 16 ? 12.883  -4.287  1.121   1.00 48.42 ? 16 A   A "O2'" 1 
ATOM   328  C  "C1'" . A   A 1 16 ? 11.733  -2.521  0.050   1.00 44.84 ? 16 A   A "C1'" 1 
ATOM   329  N  N9    . A   A 1 16 ? 11.085  -2.192  -1.215  1.00 42.72 ? 16 A   A N9    1 
ATOM   330  C  C8    . A   A 1 16 ? 11.255  -1.067  -1.979  1.00 42.13 ? 16 A   A C8    1 
ATOM   331  N  N7    . A   A 1 16 ? 10.527  -1.052  -3.068  1.00 41.22 ? 16 A   A N7    1 
ATOM   332  C  C5    . A   A 1 16 ? 9.829   -2.250  -3.018  1.00 39.87 ? 16 A   A C5    1 
ATOM   333  C  C6    . A   A 1 16 ? 8.883   -2.825  -3.878  1.00 38.31 ? 16 A   A C6    1 
ATOM   334  N  N6    . A   A 1 16 ? 8.455   -2.244  -4.993  1.00 36.96 ? 16 A   A N6    1 
ATOM   335  N  N1    . A   A 1 16 ? 8.382   -4.033  -3.543  1.00 40.01 ? 16 A   A N1    1 
ATOM   336  C  C2    . A   A 1 16 ? 8.810   -4.612  -2.413  1.00 39.94 ? 16 A   A C2    1 
ATOM   337  N  N3    . A   A 1 16 ? 9.690   -4.167  -1.519  1.00 40.16 ? 16 A   A N3    1 
ATOM   338  C  C4    . A   A 1 16 ? 10.167  -2.965  -1.884  1.00 40.98 ? 16 A   A C4    1 
ATOM   339  P  P     . C   A 1 17 ? 16.233  -3.828  -1.297  1.00 52.93 ? 17 C   A P     1 
ATOM   340  O  OP1   . C   A 1 17 ? 17.505  -4.210  -0.630  1.00 53.66 ? 17 C   A OP1   1 
ATOM   341  O  OP2   . C   A 1 17 ? 16.237  -2.739  -2.307  1.00 54.68 ? 17 C   A OP2   1 
ATOM   342  O  "O5'" . C   A 1 17 ? 15.550  -5.103  -1.971  1.00 52.50 ? 17 C   A "O5'" 1 
ATOM   343  C  "C5'" . C   A 1 17 ? 15.208  -6.248  -1.170  1.00 49.66 ? 17 C   A "C5'" 1 
ATOM   344  C  "C4'" . C   A 1 17 ? 14.121  -7.057  -1.834  1.00 49.03 ? 17 C   A "C4'" 1 
ATOM   345  O  "O4'" . C   A 1 17 ? 12.898  -6.276  -1.932  1.00 46.90 ? 17 C   A "O4'" 1 
ATOM   346  C  "C3'" . C   A 1 17 ? 14.375  -7.495  -3.267  1.00 48.98 ? 17 C   A "C3'" 1 
ATOM   347  O  "O3'" . C   A 1 17 ? 15.227  -8.629  -3.334  1.00 50.71 ? 17 C   A "O3'" 1 
ATOM   348  C  "C2'" . C   A 1 17 ? 12.967  -7.829  -3.720  1.00 47.17 ? 17 C   A "C2'" 1 
ATOM   349  O  "O2'" . C   A 1 17 ? 12.532  -9.025  -3.117  1.00 49.29 ? 17 C   A "O2'" 1 
ATOM   350  C  "C1'" . C   A 1 17 ? 12.175  -6.685  -3.089  1.00 46.36 ? 17 C   A "C1'" 1 
ATOM   351  N  N1    . C   A 1 17 ? 12.049  -5.536  -3.999  1.00 44.37 ? 17 C   A N1    1 
ATOM   352  C  C2    . C   A 1 17 ? 11.089  -5.579  -5.016  1.00 42.58 ? 17 C   A C2    1 
ATOM   353  O  O2    . C   A 1 17 ? 10.373  -6.586  -5.123  1.00 45.04 ? 17 C   A O2    1 
ATOM   354  N  N3    . C   A 1 17 ? 10.966  -4.521  -5.854  1.00 40.70 ? 17 C   A N3    1 
ATOM   355  C  C4    . C   A 1 17 ? 11.749  -3.449  -5.695  1.00 40.49 ? 17 C   A C4    1 
ATOM   356  N  N4    . C   A 1 17 ? 11.580  -2.421  -6.519  1.00 37.35 ? 17 C   A N4    1 
ATOM   357  C  C5    . C   A 1 17 ? 12.736  -3.382  -4.675  1.00 41.18 ? 17 C   A C5    1 
ATOM   358  C  C6    . C   A 1 17 ? 12.854  -4.438  -3.856  1.00 42.84 ? 17 C   A C6    1 
ATOM   359  P  P     . A   A 1 18 ? 16.258  -8.783  -4.562  1.00 52.22 ? 18 A   A P     1 
ATOM   360  O  OP1   . A   A 1 18 ? 17.178  -9.896  -4.222  1.00 53.86 ? 18 A   A OP1   1 
ATOM   361  O  OP2   . A   A 1 18 ? 16.812  -7.440  -4.838  1.00 53.94 ? 18 A   A OP2   1 
ATOM   362  O  "O5'" . A   A 1 18 ? 15.342  -9.212  -5.799  1.00 52.43 ? 18 A   A "O5'" 1 
ATOM   363  C  "C5'" . A   A 1 18 ? 14.541  -10.409 -5.740  1.00 51.98 ? 18 A   A "C5'" 1 
ATOM   364  C  "C4'" . A   A 1 18 ? 13.557  -10.461 -6.892  1.00 53.42 ? 18 A   A "C4'" 1 
ATOM   365  O  "O4'" . A   A 1 18 ? 12.558  -9.417  -6.758  1.00 53.81 ? 18 A   A "O4'" 1 
ATOM   366  C  "C3'" . A   A 1 18 ? 14.126  -10.259 -8.284  1.00 54.55 ? 18 A   A "C3'" 1 
ATOM   367  O  "O3'" . A   A 1 18 ? 14.678  -11.477 -8.769  1.00 57.73 ? 18 A   A "O3'" 1 
ATOM   368  C  "C2'" . A   A 1 18 ? 12.890  -9.842  -9.072  1.00 54.04 ? 18 A   A "C2'" 1 
ATOM   369  O  "O2'" . A   A 1 18 ? 12.050  -10.935 -9.385  1.00 53.78 ? 18 A   A "O2'" 1 
ATOM   370  C  "C1'" . A   A 1 18 ? 12.158  -8.976  -8.047  1.00 52.80 ? 18 A   A "C1'" 1 
ATOM   371  N  N9    . A   A 1 18 ? 12.451  -7.546  -8.158  1.00 49.97 ? 18 A   A N9    1 
ATOM   372  C  C8    . A   A 1 18 ? 13.301  -6.793  -7.380  1.00 48.47 ? 18 A   A C8    1 
ATOM   373  N  N7    . A   A 1 18 ? 13.330  -5.521  -7.705  1.00 47.52 ? 18 A   A N7    1 
ATOM   374  C  C5    . A   A 1 18 ? 12.450  -5.430  -8.776  1.00 47.59 ? 18 A   A C5    1 
ATOM   375  C  C6    . A   A 1 18 ? 12.031  -4.348  -9.570  1.00 46.37 ? 18 A   A C6    1 
ATOM   376  N  N6    . A   A 1 18 ? 12.468  -3.101  -9.417  1.00 46.46 ? 18 A   A N6    1 
ATOM   377  N  N1    . A   A 1 18 ? 11.132  -4.599  -10.545 1.00 46.95 ? 18 A   A N1    1 
ATOM   378  C  C2    . A   A 1 18 ? 10.693  -5.857  -10.708 1.00 46.64 ? 18 A   A C2    1 
ATOM   379  N  N3    . A   A 1 18 ? 11.014  -6.952  -10.035 1.00 47.01 ? 18 A   A N3    1 
ATOM   380  C  C4    . A   A 1 18 ? 11.904  -6.671  -9.068  1.00 48.24 ? 18 A   A C4    1 
ATOM   381  P  P     . G   A 1 19 ? 15.944  -11.448 -9.762  1.00 61.12 ? 19 G   A P     1 
ATOM   382  O  OP1   . G   A 1 19 ? 16.532  -12.817 -9.739  1.00 59.85 ? 19 G   A OP1   1 
ATOM   383  O  OP2   . G   A 1 19 ? 16.795  -10.279 -9.407  1.00 59.61 ? 19 G   A OP2   1 
ATOM   384  O  "O5'" . G   A 1 19 ? 15.298  -11.174 -11.192 1.00 61.25 ? 19 G   A "O5'" 1 
ATOM   385  C  "C5'" . G   A 1 19 ? 14.346  -12.091 -11.754 1.00 62.11 ? 19 G   A "C5'" 1 
ATOM   386  C  "C4'" . G   A 1 19 ? 13.579  -11.428 -12.870 1.00 62.95 ? 19 G   A "C4'" 1 
ATOM   387  O  "O4'" . G   A 1 19 ? 12.779  -10.335 -12.339 1.00 61.96 ? 19 G   A "O4'" 1 
ATOM   388  C  "C3'" . G   A 1 19 ? 14.429  -10.759 -13.935 1.00 63.99 ? 19 G   A "C3'" 1 
ATOM   389  O  "O3'" . G   A 1 19 ? 14.964  -11.695 -14.876 1.00 66.72 ? 19 G   A "O3'" 1 
ATOM   390  C  "C2'" . G   A 1 19 ? 13.437  -9.782  -14.555 1.00 62.40 ? 19 G   A "C2'" 1 
ATOM   391  O  "O2'" . G   A 1 19 ? 12.550  -10.404 -15.462 1.00 61.80 ? 19 G   A "O2'" 1 
ATOM   392  C  "C1'" . G   A 1 19 ? 12.667  -9.311  -13.317 1.00 60.42 ? 19 G   A "C1'" 1 
ATOM   393  N  N9    . G   A 1 19 ? 13.182  -8.057  -12.763 1.00 57.11 ? 19 G   A N9    1 
ATOM   394  C  C8    . G   A 1 19 ? 13.988  -7.891  -11.659 1.00 56.88 ? 19 G   A C8    1 
ATOM   395  N  N7    . G   A 1 19 ? 14.300  -6.638  -11.433 1.00 55.61 ? 19 G   A N7    1 
ATOM   396  C  C5    . G   A 1 19 ? 13.657  -5.934  -12.444 1.00 54.15 ? 19 G   A C5    1 
ATOM   397  C  C6    . G   A 1 19 ? 13.625  -4.531  -12.726 1.00 52.88 ? 19 G   A C6    1 
ATOM   398  O  O6    . G   A 1 19 ? 14.164  -3.601  -12.109 1.00 51.70 ? 19 G   A O6    1 
ATOM   399  N  N1    . G   A 1 19 ? 12.861  -4.257  -13.857 1.00 52.19 ? 19 G   A N1    1 
ATOM   400  C  C2    . G   A 1 19 ? 12.203  -5.200  -14.616 1.00 53.68 ? 19 G   A C2    1 
ATOM   401  N  N2    . G   A 1 19 ? 11.521  -4.740  -15.675 1.00 53.42 ? 19 G   A N2    1 
ATOM   402  N  N3    . G   A 1 19 ? 12.215  -6.499  -14.359 1.00 54.07 ? 19 G   A N3    1 
ATOM   403  C  C4    . G   A 1 19 ? 12.959  -6.795  -13.270 1.00 55.76 ? 19 G   A C4    1 
ATOM   404  P  P     . C   A 1 20 ? 16.403  -11.418 -15.558 1.00 68.35 ? 20 C   A P     1 
ATOM   405  O  OP1   . C   A 1 20 ? 16.878  -12.689 -16.164 1.00 68.44 ? 20 C   A OP1   1 
ATOM   406  O  OP2   . C   A 1 20 ? 17.274  -10.691 -14.590 1.00 68.38 ? 20 C   A OP2   1 
ATOM   407  O  "O5'" . C   A 1 20 ? 16.068  -10.405 -16.728 1.00 66.25 ? 20 C   A "O5'" 1 
ATOM   408  C  "C5'" . C   A 1 20 ? 15.015  -10.692 -17.643 1.00 65.17 ? 20 C   A "C5'" 1 
ATOM   409  C  "C4'" . C   A 1 20 ? 14.710  -9.467  -18.449 1.00 64.54 ? 20 C   A "C4'" 1 
ATOM   410  O  "O4'" . C   A 1 20 ? 14.006  -8.499  -17.624 1.00 63.48 ? 20 C   A "O4'" 1 
ATOM   411  C  "C3'" . C   A 1 20 ? 15.942  -8.703  -18.891 1.00 64.68 ? 20 C   A "C3'" 1 
ATOM   412  O  "O3'" . C   A 1 20 ? 16.625  -9.323  -19.971 1.00 66.52 ? 20 C   A "O3'" 1 
ATOM   413  C  "C2'" . C   A 1 20 ? 15.349  -7.331  -19.187 1.00 62.87 ? 20 C   A "C2'" 1 
ATOM   414  O  "O2'" . C   A 1 20 ? 14.590  -7.290  -20.378 1.00 62.85 ? 20 C   A "O2'" 1 
ATOM   415  C  "C1'" . C   A 1 20 ? 14.392  -7.184  -18.005 1.00 62.17 ? 20 C   A "C1'" 1 
ATOM   416  N  N1    . C   A 1 20 ? 15.071  -6.549  -16.867 1.00 59.00 ? 20 C   A N1    1 
ATOM   417  C  C2    . C   A 1 20 ? 14.957  -5.162  -16.712 1.00 56.77 ? 20 C   A C2    1 
ATOM   418  O  O2    . C   A 1 20 ? 14.253  -4.529  -17.517 1.00 54.37 ? 20 C   A O2    1 
ATOM   419  N  N3    . C   A 1 20 ? 15.611  -4.554  -15.692 1.00 54.76 ? 20 C   A N3    1 
ATOM   420  C  C4    . C   A 1 20 ? 16.345  -5.283  -14.841 1.00 55.67 ? 20 C   A C4    1 
ATOM   421  N  N4    . C   A 1 20 ? 16.974  -4.644  -13.848 1.00 54.01 ? 20 C   A N4    1 
ATOM   422  C  C5    . C   A 1 20 ? 16.464  -6.700  -14.969 1.00 56.96 ? 20 C   A C5    1 
ATOM   423  C  C6    . C   A 1 20 ? 15.815  -7.287  -15.986 1.00 57.82 ? 20 C   A C6    1 
ATOM   424  P  P     . A   A 1 21 ? 18.075  -8.778  -20.407 1.00 67.48 ? 21 A   A P     1 
ATOM   425  O  OP1   . A   A 1 21 ? 18.645  -9.708  -21.421 1.00 68.61 ? 21 A   A OP1   1 
ATOM   426  O  OP2   . A   A 1 21 ? 18.875  -8.444  -19.195 1.00 67.19 ? 21 A   A OP2   1 
ATOM   427  O  "O5'" . A   A 1 21 ? 17.697  -7.417  -21.136 1.00 66.11 ? 21 A   A "O5'" 1 
ATOM   428  C  "C5'" . A   A 1 21 ? 18.691  -6.462  -21.474 1.00 64.96 ? 21 A   A "C5'" 1 
ATOM   429  C  "C4'" . A   A 1 21 ? 18.036  -5.143  -21.765 1.00 63.67 ? 21 A   A "C4'" 1 
ATOM   430  O  "O4'" . A   A 1 21 ? 17.149  -4.810  -20.669 1.00 63.53 ? 21 A   A "O4'" 1 
ATOM   431  C  "C3'" . A   A 1 21 ? 19.018  -3.994  -21.848 1.00 63.36 ? 21 A   A "C3'" 1 
ATOM   432  O  "O3'" . A   A 1 21 ? 19.534  -3.898  -23.159 1.00 64.54 ? 21 A   A "O3'" 1 
ATOM   433  C  "C2'" . A   A 1 21 ? 18.185  -2.806  -21.393 1.00 61.85 ? 21 A   A "C2'" 1 
ATOM   434  O  "O2'" . A   A 1 21 ? 17.336  -2.324  -22.407 1.00 61.24 ? 21 A   A "O2'" 1 
ATOM   435  C  "C1'" . A   A 1 21 ? 17.339  -3.456  -20.297 1.00 60.66 ? 21 A   A "C1'" 1 
ATOM   436  N  N9    . A   A 1 21 ? 17.977  -3.459  -18.982 1.00 57.86 ? 21 A   A N9    1 
ATOM   437  C  C8    . A   A 1 21 ? 18.420  -4.547  -18.272 1.00 55.53 ? 21 A   A C8    1 
ATOM   438  N  N7    . A   A 1 21 ? 18.927  -4.244  -17.102 1.00 55.73 ? 21 A   A N7    1 
ATOM   439  C  C5    . A   A 1 21 ? 18.817  -2.863  -17.040 1.00 55.04 ? 21 A   A C5    1 
ATOM   440  C  C6    . A   A 1 21 ? 19.178  -1.937  -16.057 1.00 54.00 ? 21 A   A C6    1 
ATOM   441  N  N6    . A   A 1 21 ? 19.728  -2.279  -14.891 1.00 52.14 ? 21 A   A N6    1 
ATOM   442  N  N1    . A   A 1 21 ? 18.952  -0.627  -16.312 1.00 54.19 ? 21 A   A N1    1 
ATOM   443  C  C2    . A   A 1 21 ? 18.391  -0.289  -17.484 1.00 54.52 ? 21 A   A C2    1 
ATOM   444  N  N3    . A   A 1 21 ? 17.999  -1.075  -18.489 1.00 55.48 ? 21 A   A N3    1 
ATOM   445  C  C4    . A   A 1 21 ? 18.244  -2.364  -18.197 1.00 56.23 ? 21 A   A C4    1 
ATOM   446  P  P     . A   A 1 22 ? 21.091  -4.181  -23.409 1.00 64.97 ? 22 A   A P     1 
ATOM   447  O  OP1   . A   A 1 22 ? 21.296  -4.144  -24.892 1.00 65.67 ? 22 A   A OP1   1 
ATOM   448  O  OP2   . A   A 1 22 ? 21.465  -5.415  -22.639 1.00 65.38 ? 22 A   A OP2   1 
ATOM   449  O  "O5'" . A   A 1 22 ? 21.795  -2.911  -22.741 1.00 63.02 ? 22 A   A "O5'" 1 
ATOM   450  C  "C5'" . A   A 1 22 ? 21.508  -1.596  -23.239 1.00 59.99 ? 22 A   A "C5'" 1 
ATOM   451  C  "C4'" . A   A 1 22 ? 21.660  -0.552  -22.157 1.00 57.76 ? 22 A   A "C4'" 1 
ATOM   452  O  "O4'" . A   A 1 22 ? 20.939  -0.959  -20.967 1.00 56.10 ? 22 A   A "O4'" 1 
ATOM   453  C  "C3'" . A   A 1 22 ? 23.041  -0.276  -21.579 1.00 56.84 ? 22 A   A "C3'" 1 
ATOM   454  O  "O3'" . A   A 1 22 ? 23.847  0.514   -22.450 1.00 56.26 ? 22 A   A "O3'" 1 
ATOM   455  C  "C2'" . A   A 1 22 ? 22.660  0.558   -20.362 1.00 56.21 ? 22 A   A "C2'" 1 
ATOM   456  O  "O2'" . A   A 1 22 ? 22.316  1.889   -20.714 1.00 55.43 ? 22 A   A "O2'" 1 
ATOM   457  C  "C1'" . A   A 1 22 ? 21.406  -0.178  -19.874 1.00 54.68 ? 22 A   A "C1'" 1 
ATOM   458  N  N9    . A   A 1 22 ? 21.722  -1.051  -18.742 1.00 51.03 ? 22 A   A N9    1 
ATOM   459  C  C8    . A   A 1 22 ? 21.758  -2.423  -18.656 1.00 50.03 ? 22 A   A C8    1 
ATOM   460  N  N7    . A   A 1 22 ? 22.127  -2.871  -17.474 1.00 49.74 ? 22 A   A N7    1 
ATOM   461  C  C5    . A   A 1 22 ? 22.338  -1.712  -16.734 1.00 48.85 ? 22 A   A C5    1 
ATOM   462  C  C6    . A   A 1 22 ? 22.739  -1.500  -15.409 1.00 47.93 ? 22 A   A C6    1 
ATOM   463  N  N6    . A   A 1 22 ? 22.995  -2.485  -14.549 1.00 45.58 ? 22 A   A N6    1 
ATOM   464  N  N1    . A   A 1 22 ? 22.866  -0.222  -14.990 1.00 46.67 ? 22 A   A N1    1 
ATOM   465  C  C2    . A   A 1 22 ? 22.589  0.767   -15.850 1.00 48.37 ? 22 A   A C2    1 
ATOM   466  N  N3    . A   A 1 22 ? 22.190  0.695   -17.116 1.00 48.62 ? 22 A   A N3    1 
ATOM   467  C  C4    . A   A 1 22 ? 22.086  -0.588  -17.501 1.00 49.50 ? 22 A   A C4    1 
ATOM   468  P  P     . G   A 1 23 ? 25.450  0.435   -22.357 1.00 55.00 ? 23 G   A P     1 
ATOM   469  O  OP1   . G   A 1 23 ? 25.982  1.163   -23.543 1.00 57.59 ? 23 G   A OP1   1 
ATOM   470  O  OP2   . G   A 1 23 ? 25.850  -0.979  -22.122 1.00 55.79 ? 23 G   A OP2   1 
ATOM   471  O  "O5'" . G   A 1 23 ? 25.824  1.289   -21.069 1.00 52.82 ? 23 G   A "O5'" 1 
ATOM   472  C  "C5'" . G   A 1 23 ? 25.798  2.713   -21.113 1.00 49.40 ? 23 G   A "C5'" 1 
ATOM   473  C  "C4'" . G   A 1 23 ? 26.209  3.271   -19.784 1.00 48.17 ? 23 G   A "C4'" 1 
ATOM   474  O  "O4'" . G   A 1 23 ? 25.334  2.721   -18.767 1.00 46.50 ? 23 G   A "O4'" 1 
ATOM   475  C  "C3'" . G   A 1 23 ? 27.584  2.872   -19.283 1.00 48.06 ? 23 G   A "C3'" 1 
ATOM   476  O  "O3'" . G   A 1 23 ? 28.710  3.479   -19.945 1.00 48.63 ? 23 G   A "O3'" 1 
ATOM   477  C  "C2'" . G   A 1 23 ? 27.455  3.147   -17.786 1.00 47.29 ? 23 G   A "C2'" 1 
ATOM   478  O  "O2'" . G   A 1 23 ? 27.553  4.521   -17.454 1.00 46.44 ? 23 G   A "O2'" 1 
ATOM   479  C  "C1'" . G   A 1 23 ? 26.025  2.668   -17.525 1.00 45.06 ? 23 G   A "C1'" 1 
ATOM   480  N  N9    . G   A 1 23 ? 25.957  1.302   -17.015 1.00 40.85 ? 23 G   A N9    1 
ATOM   481  C  C8    . G   A 1 23 ? 25.640  0.166   -17.720 1.00 39.78 ? 23 G   A C8    1 
ATOM   482  N  N7    . G   A 1 23 ? 25.635  -0.911  -16.982 1.00 37.74 ? 23 G   A N7    1 
ATOM   483  C  C5    . G   A 1 23 ? 25.980  -0.457  -15.716 1.00 38.16 ? 23 G   A C5    1 
ATOM   484  C  C6    . G   A 1 23 ? 26.132  -1.167  -14.501 1.00 36.58 ? 23 G   A C6    1 
ATOM   485  O  O6    . G   A 1 23 ? 25.990  -2.375  -14.298 1.00 34.85 ? 23 G   A O6    1 
ATOM   486  N  N1    . G   A 1 23 ? 26.493  -0.322  -13.454 1.00 35.53 ? 23 G   A N1    1 
ATOM   487  C  C2    . G   A 1 23 ? 26.689  1.039   -13.568 1.00 36.38 ? 23 G   A C2    1 
ATOM   488  N  N2    . G   A 1 23 ? 27.060  1.696   -12.438 1.00 33.47 ? 23 G   A N2    1 
ATOM   489  N  N3    . G   A 1 23 ? 26.542  1.711   -14.700 1.00 36.71 ? 23 G   A N3    1 
ATOM   490  C  C4    . G   A 1 23 ? 26.189  0.905   -15.723 1.00 38.22 ? 23 G   A C4    1 
ATOM   491  O  "O5'" . C   B 1 1  ? -24.478 9.876   5.791   1.00 53.47 ? 1  C   B "O5'" 1 
ATOM   492  C  "C5'" . C   B 1 1  ? -23.170 10.351  6.171   1.00 50.04 ? 1  C   B "C5'" 1 
ATOM   493  C  "C4'" . C   B 1 1  ? -23.237 11.503  7.152   1.00 49.20 ? 1  C   B "C4'" 1 
ATOM   494  O  "O4'" . C   B 1 1  ? -24.429 11.383  7.970   1.00 47.13 ? 1  C   B "O4'" 1 
ATOM   495  C  "C3'" . C   B 1 1  ? -22.084 11.542  8.136   1.00 49.50 ? 1  C   B "C3'" 1 
ATOM   496  O  "O3'" . C   B 1 1  ? -20.981 12.259  7.589   1.00 50.66 ? 1  C   B "O3'" 1 
ATOM   497  C  "C2'" . C   B 1 1  ? -22.697 12.243  9.341   1.00 47.94 ? 1  C   B "C2'" 1 
ATOM   498  O  "O2'" . C   B 1 1  ? -22.717 13.648  9.181   1.00 49.52 ? 1  C   B "O2'" 1 
ATOM   499  C  "C1'" . C   B 1 1  ? -24.127 11.685  9.321   1.00 45.38 ? 1  C   B "C1'" 1 
ATOM   500  N  N1    . C   B 1 1  ? -24.302 10.445  10.106  1.00 40.82 ? 1  C   B N1    1 
ATOM   501  C  C2    . C   B 1 1  ? -24.119 10.482  11.492  1.00 40.61 ? 1  C   B C2    1 
ATOM   502  O  O2    . C   B 1 1  ? -23.831 11.564  12.038  1.00 38.98 ? 1  C   B O2    1 
ATOM   503  N  N3    . C   B 1 1  ? -24.257 9.342   12.208  1.00 38.53 ? 1  C   B N3    1 
ATOM   504  C  C4    . C   B 1 1  ? -24.568 8.201   11.596  1.00 38.71 ? 1  C   B C4    1 
ATOM   505  N  N4    . C   B 1 1  ? -24.702 7.107   12.353  1.00 35.37 ? 1  C   B N4    1 
ATOM   506  C  C5    . C   B 1 1  ? -24.762 8.132   10.184  1.00 40.27 ? 1  C   B C5    1 
ATOM   507  C  C6    . C   B 1 1  ? -24.625 9.270   9.485   1.00 40.33 ? 1  C   B C6    1 
ATOM   508  P  P     . U   B 1 2  ? -19.491 11.695  7.783   1.00 52.31 ? 2  U   B P     1 
ATOM   509  O  OP1   . U   B 1 2  ? -18.581 12.530  6.957   1.00 52.83 ? 2  U   B OP1   1 
ATOM   510  O  OP2   . U   B 1 2  ? -19.552 10.209  7.571   1.00 51.24 ? 2  U   B OP2   1 
ATOM   511  O  "O5'" . U   B 1 2  ? -19.135 12.039  9.292   1.00 50.61 ? 2  U   B "O5'" 1 
ATOM   512  C  "C5'" . U   B 1 2  ? -18.931 13.403  9.682   1.00 47.98 ? 2  U   B "C5'" 1 
ATOM   513  C  "C4'" . U   B 1 2  ? -18.830 13.502  11.177  1.00 45.54 ? 2  U   B "C4'" 1 
ATOM   514  O  "O4'" . U   B 1 2  ? -20.033 12.953  11.786  1.00 43.63 ? 2  U   B "O4'" 1 
ATOM   515  C  "C3'" . U   B 1 2  ? -17.719 12.673  11.774  1.00 45.82 ? 2  U   B "C3'" 1 
ATOM   516  O  "O3'" . U   B 1 2  ? -16.471 13.338  11.642  1.00 47.83 ? 2  U   B "O3'" 1 
ATOM   517  C  "C2'" . U   B 1 2  ? -18.193 12.514  13.212  1.00 44.58 ? 2  U   B "C2'" 1 
ATOM   518  O  "O2'" . U   B 1 2  ? -18.034 13.712  13.956  1.00 46.98 ? 2  U   B "O2'" 1 
ATOM   519  C  "C1'" . U   B 1 2  ? -19.694 12.296  12.996  1.00 42.18 ? 2  U   B "C1'" 1 
ATOM   520  N  N1    . U   B 1 2  ? -20.125 10.890  12.902  1.00 38.42 ? 2  U   B N1    1 
ATOM   521  C  C2    . U   B 1 2  ? -20.185 10.156  14.076  1.00 37.64 ? 2  U   B C2    1 
ATOM   522  O  O2    . U   B 1 2  ? -19.799 10.593  15.152  1.00 37.42 ? 2  U   B O2    1 
ATOM   523  N  N3    . U   B 1 2  ? -20.706 8.892   13.943  1.00 36.95 ? 2  U   B N3    1 
ATOM   524  C  C4    . U   B 1 2  ? -21.139 8.291   12.777  1.00 38.29 ? 2  U   B C4    1 
ATOM   525  O  O4    . U   B 1 2  ? -21.741 7.220   12.838  1.00 37.61 ? 2  U   B O4    1 
ATOM   526  C  C5    . U   B 1 2  ? -20.973 9.089   11.599  1.00 36.86 ? 2  U   B C5    1 
ATOM   527  C  C6    . U   B 1 2  ? -20.488 10.330  11.702  1.00 35.88 ? 2  U   B C6    1 
HETATM 528  P  P     . 5BU B 1 3  ? -15.127 12.476  11.468  1.00 49.03 ? 3  5BU B P     1 
HETATM 529  O  OP1   . 5BU B 1 3  ? -14.018 13.431  11.179  1.00 51.35 ? 3  5BU B OP1   1 
HETATM 530  O  OP2   . 5BU B 1 3  ? -15.408 11.356  10.520  1.00 47.78 ? 3  5BU B OP2   1 
HETATM 531  O  "O5'" . 5BU B 1 3  ? -14.880 11.873  12.918  1.00 46.95 ? 3  5BU B "O5'" 1 
HETATM 532  C  "C5'" . 5BU B 1 3  ? -14.421 12.720  13.965  1.00 44.45 ? 3  5BU B "C5'" 1 
HETATM 533  C  "C4'" . 5BU B 1 3  ? -14.522 12.014  15.283  1.00 43.33 ? 3  5BU B "C4'" 1 
HETATM 534  O  "O4'" . 5BU B 1 3  ? -15.883 11.565  15.466  1.00 43.68 ? 3  5BU B "O4'" 1 
HETATM 535  C  "C3'" . 5BU B 1 3  ? -13.712 10.744  15.438  1.00 42.50 ? 3  5BU B "C3'" 1 
HETATM 536  O  "O3'" . 5BU B 1 3  ? -12.350 11.024  15.733  1.00 42.78 ? 3  5BU B "O3'" 1 
HETATM 537  C  "C2'" . 5BU B 1 3  ? -14.425 10.082  16.602  1.00 41.88 ? 3  5BU B "C2'" 1 
HETATM 538  O  "O2'" . 5BU B 1 3  ? -14.094 10.688  17.836  1.00 39.77 ? 3  5BU B "O2'" 1 
HETATM 539  C  "C1'" . 5BU B 1 3  ? -15.886 10.381  16.252  1.00 42.51 ? 3  5BU B "C1'" 1 
HETATM 540  N  N1    . 5BU B 1 3  ? -16.520 9.297   15.460  1.00 40.68 ? 3  5BU B N1    1 
HETATM 541  C  C2    . 5BU B 1 3  ? -16.942 8.182   16.142  1.00 39.68 ? 3  5BU B C2    1 
HETATM 542  O  O2    . 5BU B 1 3  ? -16.779 8.043   17.344  1.00 39.88 ? 3  5BU B O2    1 
HETATM 543  N  N3    . 5BU B 1 3  ? -17.546 7.225   15.361  1.00 37.71 ? 3  5BU B N3    1 
HETATM 544  C  C4    . 5BU B 1 3  ? -17.742 7.276   13.992  1.00 39.07 ? 3  5BU B C4    1 
HETATM 545  O  O4    . 5BU B 1 3  ? -18.299 6.353   13.428  1.00 39.66 ? 3  5BU B O4    1 
HETATM 546  C  C5    . 5BU B 1 3  ? -17.248 8.469   13.331  1.00 38.59 ? 3  5BU B C5    1 
HETATM 547  C  C6    . 5BU B 1 3  ? -16.675 9.409   14.092  1.00 39.35 ? 3  5BU B C6    1 
HETATM 548  BR BR    . 5BU B 1 3  ? -16.983 8.477   11.425  0.32 42.99 ? 3  5BU B BR    1 
ATOM   549  P  P     . G   B 1 4  ? -11.197 10.106  15.102  1.00 45.50 ? 4  G   B P     1 
ATOM   550  O  OP1   . G   B 1 4  ? -9.896  10.812  15.276  1.00 45.30 ? 4  G   B OP1   1 
ATOM   551  O  OP2   . G   B 1 4  ? -11.629 9.706   13.736  1.00 45.66 ? 4  G   B OP2   1 
ATOM   552  O  "O5'" . G   B 1 4  ? -11.188 8.834   16.063  1.00 45.82 ? 4  G   B "O5'" 1 
ATOM   553  C  "C5'" . G   B 1 4  ? -10.854 8.995   17.447  1.00 46.20 ? 4  G   B "C5'" 1 
ATOM   554  C  "C4'" . G   B 1 4  ? -11.121 7.725   18.216  1.00 48.66 ? 4  G   B "C4'" 1 
ATOM   555  O  "O4'" . G   B 1 4  ? -12.543 7.437   18.257  1.00 47.96 ? 4  G   B "O4'" 1 
ATOM   556  C  "C3'" . G   B 1 4  ? -10.521 6.468   17.622  1.00 50.12 ? 4  G   B "C3'" 1 
ATOM   557  O  "O3'" . G   B 1 4  ? -9.128  6.394   17.910  1.00 53.26 ? 4  G   B "O3'" 1 
ATOM   558  C  "C2'" . G   B 1 4  ? -11.359 5.388   18.294  1.00 47.55 ? 4  G   B "C2'" 1 
ATOM   559  O  "O2'" . G   B 1 4  ? -11.005 5.206   19.651  1.00 49.24 ? 4  G   B "O2'" 1 
ATOM   560  C  "C1'" . G   B 1 4  ? -12.742 6.032   18.255  1.00 45.86 ? 4  G   B "C1'" 1 
ATOM   561  N  N9    . G   B 1 4  ? -13.490 5.694   17.049  1.00 43.04 ? 4  G   B N9    1 
ATOM   562  C  C8    . G   B 1 4  ? -13.685 6.490   15.949  1.00 41.13 ? 4  G   B C8    1 
ATOM   563  N  N7    . G   B 1 4  ? -14.432 5.931   15.037  1.00 38.82 ? 4  G   B N7    1 
ATOM   564  C  C5    . G   B 1 4  ? -14.740 4.690   15.565  1.00 38.71 ? 4  G   B C5    1 
ATOM   565  C  C6    . G   B 1 4  ? -15.512 3.639   15.025  1.00 36.19 ? 4  G   B C6    1 
ATOM   566  O  O6    . G   B 1 4  ? -16.122 3.616   13.956  1.00 32.97 ? 4  G   B O6    1 
ATOM   567  N  N1    . G   B 1 4  ? -15.537 2.535   15.872  1.00 36.21 ? 4  G   B N1    1 
ATOM   568  C  C2    . G   B 1 4  ? -14.900 2.462   17.089  1.00 38.89 ? 4  G   B C2    1 
ATOM   569  N  N2    . G   B 1 4  ? -15.008 1.303   17.759  1.00 39.92 ? 4  G   B N2    1 
ATOM   570  N  N3    . G   B 1 4  ? -14.194 3.450   17.613  1.00 40.10 ? 4  G   B N3    1 
ATOM   571  C  C4    . G   B 1 4  ? -14.154 4.523   16.800  1.00 40.41 ? 4  G   B C4    1 
ATOM   572  P  P     . C   B 1 5  ? -8.134  5.703   16.852  1.00 53.85 ? 5  C   B P     1 
ATOM   573  O  OP1   . C   B 1 5  ? -6.746  6.009   17.293  1.00 55.52 ? 5  C   B OP1   1 
ATOM   574  O  OP2   . C   B 1 5  ? -8.569  6.098   15.489  1.00 55.19 ? 5  C   B OP2   1 
ATOM   575  O  "O5'" . C   B 1 5  ? -8.412  4.152   17.076  1.00 52.37 ? 5  C   B "O5'" 1 
ATOM   576  C  "C5'" . C   B 1 5  ? -8.148  3.562   18.358  1.00 52.28 ? 5  C   B "C5'" 1 
ATOM   577  C  "C4'" . C   B 1 5  ? -8.805  2.214   18.459  1.00 52.84 ? 5  C   B "C4'" 1 
ATOM   578  O  "O4'" . C   B 1 5  ? -10.232 2.384   18.281  1.00 51.53 ? 5  C   B "O4'" 1 
ATOM   579  C  "C3'" . C   B 1 5  ? -8.435  1.228   17.367  1.00 53.23 ? 5  C   B "C3'" 1 
ATOM   580  O  "O3'" . C   B 1 5  ? -7.168  0.619   17.588  1.00 55.73 ? 5  C   B "O3'" 1 
ATOM   581  C  "C2'" . C   B 1 5  ? -9.616  0.268   17.405  1.00 52.63 ? 5  C   B "C2'" 1 
ATOM   582  O  "O2'" . C   B 1 5  ? -9.585  -0.633  18.500  1.00 51.70 ? 5  C   B "O2'" 1 
ATOM   583  C  "C1'" . C   B 1 5  ? -10.763 1.255   17.605  1.00 51.34 ? 5  C   B "C1'" 1 
ATOM   584  N  N1    . C   B 1 5  ? -11.361 1.714   16.342  1.00 49.03 ? 5  C   B N1    1 
ATOM   585  C  C2    . C   B 1 5  ? -12.285 0.885   15.716  1.00 47.97 ? 5  C   B C2    1 
ATOM   586  O  O2    . C   B 1 5  ? -12.548 -0.200  16.239  1.00 49.65 ? 5  C   B O2    1 
ATOM   587  N  N3    . C   B 1 5  ? -12.868 1.282   14.561  1.00 46.24 ? 5  C   B N3    1 
ATOM   588  C  C4    . C   B 1 5  ? -12.555 2.465   14.037  1.00 46.38 ? 5  C   B C4    1 
ATOM   589  N  N4    . C   B 1 5  ? -13.159 2.818   12.904  1.00 46.07 ? 5  C   B N4    1 
ATOM   590  C  C5    . C   B 1 5  ? -11.607 3.340   14.653  1.00 47.04 ? 5  C   B C5    1 
ATOM   591  C  C6    . C   B 1 5  ? -11.034 2.924   15.795  1.00 47.29 ? 5  C   B C6    1 
ATOM   592  P  P     . U   B 1 6  ? -6.186  0.367   16.342  1.00 54.70 ? 6  U   B P     1 
ATOM   593  O  OP1   . U   B 1 6  ? -4.855  0.013   16.886  1.00 56.79 ? 6  U   B OP1   1 
ATOM   594  O  OP2   . U   B 1 6  ? -6.305  1.524   15.413  1.00 55.99 ? 6  U   B OP2   1 
ATOM   595  O  "O5'" . U   B 1 6  ? -6.822  -0.927  15.663  1.00 55.66 ? 6  U   B "O5'" 1 
ATOM   596  C  "C5'" . U   B 1 6  ? -7.097  -2.098  16.460  1.00 55.33 ? 6  U   B "C5'" 1 
ATOM   597  C  "C4'" . U   B 1 6  ? -8.119  -2.981  15.783  1.00 55.64 ? 6  U   B "C4'" 1 
ATOM   598  O  "O4'" . U   B 1 6  ? -9.354  -2.243  15.601  1.00 55.22 ? 6  U   B "O4'" 1 
ATOM   599  C  "C3'" . U   B 1 6  ? -7.798  -3.464  14.379  1.00 55.35 ? 6  U   B "C3'" 1 
ATOM   600  O  "O3'" . U   B 1 6  ? -6.920  -4.581  14.388  1.00 57.70 ? 6  U   B "O3'" 1 
ATOM   601  C  "C2'" . U   B 1 6  ? -9.175  -3.851  13.864  1.00 54.76 ? 6  U   B "C2'" 1 
ATOM   602  O  "O2'" . U   B 1 6  ? -9.631  -5.068  14.414  1.00 55.04 ? 6  U   B "O2'" 1 
ATOM   603  C  "C1'" . U   B 1 6  ? -10.027 -2.727  14.444  1.00 53.26 ? 6  U   B "C1'" 1 
ATOM   604  N  N1    . U   B 1 6  ? -10.222 -1.609  13.510  1.00 51.17 ? 6  U   B N1    1 
ATOM   605  C  C2    . U   B 1 6  ? -11.117 -1.791  12.480  1.00 50.34 ? 6  U   B C2    1 
ATOM   606  O  O2    . U   B 1 6  ? -11.703 -2.850  12.289  1.00 50.49 ? 6  U   B O2    1 
ATOM   607  N  N3    . U   B 1 6  ? -11.298 -0.697  11.671  1.00 48.35 ? 6  U   B N3    1 
ATOM   608  C  C4    . U   B 1 6  ? -10.667 0.521   11.774  1.00 48.20 ? 6  U   B C4    1 
ATOM   609  O  O4    . U   B 1 6  ? -10.890 1.390   10.933  1.00 45.75 ? 6  U   B O4    1 
ATOM   610  C  C5    . U   B 1 6  ? -9.741  0.622   12.855  1.00 47.98 ? 6  U   B C5    1 
ATOM   611  C  C6    . U   B 1 6  ? -9.552  -0.421  13.666  1.00 49.57 ? 6  U   B C6    1 
ATOM   612  P  P     . G   B 1 7  ? -5.737  -4.677  13.300  1.00 60.31 ? 7  G   B P     1 
ATOM   613  O  OP1   . G   B 1 7  ? -4.661  -5.496  13.935  1.00 60.96 ? 7  G   B OP1   1 
ATOM   614  O  OP2   . G   B 1 7  ? -5.420  -3.301  12.802  1.00 59.88 ? 7  G   B OP2   1 
ATOM   615  O  "O5'" . G   B 1 7  ? -6.386  -5.480  12.082  1.00 57.63 ? 7  G   B "O5'" 1 
ATOM   616  C  "C5'" . G   B 1 7  ? -7.366  -6.509  12.308  1.00 55.14 ? 7  G   B "C5'" 1 
ATOM   617  C  "C4'" . G   B 1 7  ? -8.093  -6.837  11.022  1.00 53.67 ? 7  G   B "C4'" 1 
ATOM   618  O  "O4'" . G   B 1 7  ? -9.009  -5.754  10.653  1.00 53.61 ? 7  G   B "O4'" 1 
ATOM   619  C  "C3'" . G   B 1 7  ? -7.200  -7.077  9.808   1.00 52.76 ? 7  G   B "C3'" 1 
ATOM   620  O  "O3'" . G   B 1 7  ? -7.757  -8.110  8.999   1.00 52.89 ? 7  G   B "O3'" 1 
ATOM   621  C  "C2'" . G   B 1 7  ? -7.272  -5.736  9.078   1.00 52.10 ? 7  G   B "C2'" 1 
ATOM   622  O  "O2'" . G   B 1 7  ? -6.994  -5.840  7.695   1.00 54.40 ? 7  G   B "O2'" 1 
ATOM   623  C  "C1'" . G   B 1 7  ? -8.725  -5.322  9.331   1.00 51.28 ? 7  G   B "C1'" 1 
ATOM   624  N  N9    . G   B 1 7  ? -8.939  -3.873  9.251   1.00 48.00 ? 7  G   B N9    1 
ATOM   625  C  C8    . G   B 1 7  ? -8.324  -2.911  10.014  1.00 45.54 ? 7  G   B C8    1 
ATOM   626  N  N7    . G   B 1 7  ? -8.677  -1.694  9.692   1.00 44.11 ? 7  G   B N7    1 
ATOM   627  C  C5    . G   B 1 7  ? -9.583  -1.858  8.657   1.00 43.60 ? 7  G   B C5    1 
ATOM   628  C  C6    . G   B 1 7  ? -10.285 -0.883  7.887   1.00 42.73 ? 7  G   B C6    1 
ATOM   629  O  O6    . G   B 1 7  ? -10.221 0.354   7.962   1.00 40.81 ? 7  G   B O6    1 
ATOM   630  N  N1    . G   B 1 7  ? -11.115 -1.480  6.943   1.00 40.87 ? 7  G   B N1    1 
ATOM   631  C  C2    . G   B 1 7  ? -11.241 -2.835  6.752   1.00 40.82 ? 7  G   B C2    1 
ATOM   632  N  N2    . G   B 1 7  ? -12.086 -3.209  5.785   1.00 36.85 ? 7  G   B N2    1 
ATOM   633  N  N3    . G   B 1 7  ? -10.585 -3.750  7.454   1.00 40.97 ? 7  G   B N3    1 
ATOM   634  C  C4    . G   B 1 7  ? -9.776  -3.195  8.380   1.00 44.21 ? 7  G   B C4    1 
ATOM   635  P  P     . A   B 1 8  ? -7.253  -9.638  9.184   1.00 53.47 ? 8  A   B P     1 
ATOM   636  O  OP1   . A   B 1 8  ? -7.920  -10.464 8.137   1.00 53.06 ? 8  A   B OP1   1 
ATOM   637  O  OP2   . A   B 1 8  ? -7.423  -10.004 10.616  1.00 53.67 ? 8  A   B OP2   1 
ATOM   638  O  "O5'" . A   B 1 8  ? -5.683  -9.585  8.887   1.00 47.68 ? 8  A   B "O5'" 1 
ATOM   639  C  "C5'" . A   B 1 8  ? -5.183  -9.315  7.564   1.00 41.05 ? 8  A   B "C5'" 1 
ATOM   640  C  "C4'" . A   B 1 8  ? -3.696  -9.574  7.518   1.00 38.03 ? 8  A   B "C4'" 1 
ATOM   641  O  "O4'" . A   B 1 8  ? -3.436  -10.922 7.981   1.00 34.59 ? 8  A   B "O4'" 1 
ATOM   642  C  "C3'" . A   B 1 8  ? -3.036  -9.508  6.146   1.00 36.30 ? 8  A   B "C3'" 1 
ATOM   643  O  "O3'" . A   B 1 8  ? -2.675  -8.159  5.821   1.00 36.49 ? 8  A   B "O3'" 1 
ATOM   644  C  "C2'" . A   B 1 8  ? -1.783  -10.354 6.347   1.00 34.88 ? 8  A   B "C2'" 1 
ATOM   645  O  "O2'" . A   B 1 8  ? -0.743  -9.634  6.966   1.00 35.49 ? 8  A   B "O2'" 1 
ATOM   646  C  "C1'" . A   B 1 8  ? -2.275  -11.423 7.335   1.00 32.81 ? 8  A   B "C1'" 1 
ATOM   647  N  N9    . A   B 1 8  ? -2.579  -12.732 6.751   1.00 28.32 ? 8  A   B N9    1 
ATOM   648  C  C8    . A   B 1 8  ? -3.811  -13.309 6.584   1.00 26.45 ? 8  A   B C8    1 
ATOM   649  N  N7    . A   B 1 8  ? -3.763  -14.531 6.116   1.00 24.93 ? 8  A   B N7    1 
ATOM   650  C  C5    . A   B 1 8  ? -2.411  -14.769 5.941   1.00 24.55 ? 8  A   B C5    1 
ATOM   651  C  C6    . A   B 1 8  ? -1.705  -15.887 5.477   1.00 23.29 ? 8  A   B C6    1 
ATOM   652  N  N6    . A   B 1 8  ? -2.289  -17.017 5.089   1.00 26.04 ? 8  A   B N6    1 
ATOM   653  N  N1    . A   B 1 8  ? -0.357  -15.802 5.417   1.00 26.01 ? 8  A   B N1    1 
ATOM   654  C  C2    . A   B 1 8  ? 0.227   -14.655 5.793   1.00 27.71 ? 8  A   B C2    1 
ATOM   655  N  N3    . A   B 1 8  ? -0.337  -13.531 6.244   1.00 26.33 ? 8  A   B N3    1 
ATOM   656  C  C4    . A   B 1 8  ? -1.670  -13.657 6.299   1.00 24.89 ? 8  A   B C4    1 
ATOM   657  P  P     . A   B 1 9  ? -2.822  -7.605  4.303   1.00 35.93 ? 9  A   B P     1 
ATOM   658  O  OP1   . A   B 1 9  ? -2.338  -6.173  4.320   1.00 42.17 ? 9  A   B OP1   1 
ATOM   659  O  OP2   . A   B 1 9  ? -4.175  -7.904  3.797   1.00 34.78 ? 9  A   B OP2   1 
ATOM   660  O  "O5'" . A   B 1 9  ? -1.754  -8.422  3.462   1.00 32.70 ? 9  A   B "O5'" 1 
ATOM   661  C  "C5'" . A   B 1 9  ? -0.371  -8.307  3.761   1.00 32.38 ? 9  A   B "C5'" 1 
ATOM   662  C  "C4'" . A   B 1 9  ? 0.401   -9.291  2.946   1.00 35.24 ? 9  A   B "C4'" 1 
ATOM   663  O  "O4'" . A   B 1 9  ? -0.068  -10.628 3.307   1.00 32.93 ? 9  A   B "O4'" 1 
ATOM   664  C  "C3'" . A   B 1 9  ? 0.214   -9.167  1.431   1.00 34.43 ? 9  A   B "C3'" 1 
ATOM   665  O  "O3'" . A   B 1 9  ? 1.378   -9.679  0.776   1.00 38.00 ? 9  A   B "O3'" 1 
ATOM   666  C  "C2'" . A   B 1 9  ? -0.936  -10.136 1.173   1.00 35.09 ? 9  A   B "C2'" 1 
ATOM   667  O  "O2'" . A   B 1 9  ? -0.958  -10.646 -0.149  1.00 31.49 ? 9  A   B "O2'" 1 
ATOM   668  C  "C1'" . A   B 1 9  ? -0.602  -11.248 2.167   1.00 32.93 ? 9  A   B "C1'" 1 
ATOM   669  N  N9    . A   B 1 9  ? -1.785  -11.989 2.571   1.00 29.64 ? 9  A   B N9    1 
ATOM   670  C  C8    . A   B 1 9  ? -2.999  -11.518 2.999   1.00 27.80 ? 9  A   B C8    1 
ATOM   671  N  N7    . A   B 1 9  ? -3.895  -12.466 3.167   1.00 25.18 ? 9  A   B N7    1 
ATOM   672  C  C5    . A   B 1 9  ? -3.206  -13.626 2.848   1.00 25.21 ? 9  A   B C5    1 
ATOM   673  C  C6    . A   B 1 9  ? -3.618  -14.960 2.774   1.00 22.77 ? 9  A   B C6    1 
ATOM   674  N  N6    . A   B 1 9  ? -4.871  -15.328 3.035   1.00 21.61 ? 9  A   B N6    1 
ATOM   675  N  N1    . A   B 1 9  ? -2.703  -15.888 2.420   1.00 18.89 ? 9  A   B N1    1 
ATOM   676  C  C2    . A   B 1 9  ? -1.447  -15.490 2.166   1.00 23.53 ? 9  A   B C2    1 
ATOM   677  N  N3    . A   B 1 9  ? -0.941  -14.245 2.191   1.00 27.54 ? 9  A   B N3    1 
ATOM   678  C  C4    . A   B 1 9  ? -1.898  -13.356 2.530   1.00 24.16 ? 9  A   B C4    1 
ATOM   679  P  P     . G   B 1 10 ? 2.331   -8.693  -0.066  1.00 41.28 ? 10 G   B P     1 
ATOM   680  O  OP1   . G   B 1 10 ? 1.530   -7.530  -0.515  1.00 40.98 ? 10 G   B OP1   1 
ATOM   681  O  OP2   . G   B 1 10 ? 3.089   -9.494  -1.054  1.00 39.50 ? 10 G   B OP2   1 
ATOM   682  O  "O5'" . G   B 1 10 ? 3.399   -8.230  1.011   1.00 43.05 ? 10 G   B "O5'" 1 
ATOM   683  C  "C5'" . G   B 1 10 ? 4.099   -9.210  1.790   1.00 41.24 ? 10 G   B "C5'" 1 
ATOM   684  C  "C4'" . G   B 1 10 ? 5.322   -8.594  2.403   1.00 41.15 ? 10 G   B "C4'" 1 
ATOM   685  O  "O4'" . G   B 1 10 ? 6.239   -8.205  1.347   1.00 41.62 ? 10 G   B "O4'" 1 
ATOM   686  C  "C3'" . G   B 1 10 ? 5.042   -7.305  3.151   1.00 41.80 ? 10 G   B "C3'" 1 
ATOM   687  O  "O3'" . G   B 1 10 ? 4.610   -7.576  4.479   1.00 41.72 ? 10 G   B "O3'" 1 
ATOM   688  C  "C2'" . G   B 1 10 ? 6.393   -6.611  3.091   1.00 41.20 ? 10 G   B "C2'" 1 
ATOM   689  O  "O2'" . G   B 1 10 ? 7.288   -7.190  4.007   1.00 41.49 ? 10 G   B "O2'" 1 
ATOM   690  C  "C1'" . G   B 1 10 ? 6.851   -6.971  1.676   1.00 40.14 ? 10 G   B "C1'" 1 
ATOM   691  N  N9    . G   B 1 10 ? 6.443   -6.004  0.666   1.00 39.14 ? 10 G   B N9    1 
ATOM   692  C  C8    . G   B 1 10 ? 5.552   -6.223  -0.359  1.00 39.60 ? 10 G   B C8    1 
ATOM   693  N  N7    . G   B 1 10 ? 5.379   -5.176  -1.121  1.00 38.06 ? 10 G   B N7    1 
ATOM   694  C  C5    . G   B 1 10 ? 6.204   -4.207  -0.565  1.00 37.33 ? 10 G   B C5    1 
ATOM   695  C  C6    . G   B 1 10 ? 6.445   -2.860  -0.970  1.00 36.24 ? 10 G   B C6    1 
ATOM   696  O  O6    . G   B 1 10 ? 5.960   -2.243  -1.925  1.00 31.71 ? 10 G   B O6    1 
ATOM   697  N  N1    . G   B 1 10 ? 7.354   -2.230  -0.129  1.00 35.96 ? 10 G   B N1    1 
ATOM   698  C  C2    . G   B 1 10 ? 7.950   -2.815  0.962   1.00 37.50 ? 10 G   B C2    1 
ATOM   699  N  N2    . G   B 1 10 ? 8.787   -2.033  1.655   1.00 35.80 ? 10 G   B N2    1 
ATOM   700  N  N3    . G   B 1 10 ? 7.740   -4.074  1.346   1.00 37.35 ? 10 G   B N3    1 
ATOM   701  C  C4    . G   B 1 10 ? 6.864   -4.703  0.542   1.00 37.52 ? 10 G   B C4    1 
ATOM   702  P  P     . U   B 1 11 ? 3.492   -6.650  5.153   1.00 42.23 ? 11 U   B P     1 
ATOM   703  O  OP1   . U   B 1 11 ? 3.065   -7.295  6.413   1.00 45.36 ? 11 U   B OP1   1 
ATOM   704  O  OP2   . U   B 1 11 ? 2.472   -6.268  4.139   1.00 44.43 ? 11 U   B OP2   1 
ATOM   705  O  "O5'" . U   B 1 11 ? 4.287   -5.321  5.539   1.00 46.67 ? 11 U   B "O5'" 1 
ATOM   706  C  "C5'" . U   B 1 11 ? 5.345   -5.359  6.516   1.00 46.40 ? 11 U   B "C5'" 1 
ATOM   707  C  "C4'" . U   B 1 11 ? 6.017   -4.016  6.603   1.00 45.73 ? 11 U   B "C4'" 1 
ATOM   708  O  "O4'" . U   B 1 11 ? 6.660   -3.731  5.328   1.00 46.70 ? 11 U   B "O4'" 1 
ATOM   709  C  "C3'" . U   B 1 11 ? 5.071   -2.845  6.792   1.00 45.89 ? 11 U   B "C3'" 1 
ATOM   710  O  "O3'" . U   B 1 11 ? 4.626   -2.682  8.134   1.00 43.86 ? 11 U   B "O3'" 1 
ATOM   711  C  "C2'" . U   B 1 11 ? 5.904   -1.684  6.265   1.00 45.54 ? 11 U   B "C2'" 1 
ATOM   712  O  "O2'" . U   B 1 11 ? 6.909   -1.271  7.173   1.00 46.59 ? 11 U   B "O2'" 1 
ATOM   713  C  "C1'" . U   B 1 11 ? 6.577   -2.338  5.057   1.00 44.66 ? 11 U   B "C1'" 1 
ATOM   714  N  N1    . U   B 1 11 ? 5.837   -2.143  3.802   1.00 41.98 ? 11 U   B N1    1 
ATOM   715  C  C2    . U   B 1 11 ? 5.987   -0.933  3.162   1.00 41.46 ? 11 U   B C2    1 
ATOM   716  O  O2    . U   B 1 11 ? 6.685   -0.044  3.602   1.00 43.73 ? 11 U   B O2    1 
ATOM   717  N  N3    . U   B 1 11 ? 5.286   -0.796  1.991   1.00 38.81 ? 11 U   B N3    1 
ATOM   718  C  C4    . U   B 1 11 ? 4.462   -1.727  1.411   1.00 39.09 ? 11 U   B C4    1 
ATOM   719  O  O4    . U   B 1 11 ? 3.902   -1.461  0.344   1.00 36.19 ? 11 U   B O4    1 
ATOM   720  C  C5    . U   B 1 11 ? 4.352   -2.955  2.135   1.00 39.09 ? 11 U   B C5    1 
ATOM   721  C  C6    . U   B 1 11 ? 5.029   -3.115  3.279   1.00 40.70 ? 11 U   B C6    1 
ATOM   722  P  P     . G   B 1 12 ? 3.233   -1.933  8.413   1.00 46.96 ? 12 G   B P     1 
ATOM   723  O  OP1   . G   B 1 12 ? 2.905   -2.042  9.854   1.00 48.16 ? 12 G   B OP1   1 
ATOM   724  O  OP2   . G   B 1 12 ? 2.240   -2.373  7.401   1.00 48.48 ? 12 G   B OP2   1 
ATOM   725  O  "O5'" . G   B 1 12 ? 3.509   -0.402  8.050   1.00 47.05 ? 12 G   B "O5'" 1 
ATOM   726  C  "C5'" . G   B 1 12 ? 4.606   0.309   8.622   1.00 45.16 ? 12 G   B "C5'" 1 
ATOM   727  C  "C4'" . G   B 1 12 ? 4.726   1.674   7.990   1.00 44.96 ? 12 G   B "C4'" 1 
ATOM   728  O  "O4'" . G   B 1 12 ? 5.165   1.547   6.615   1.00 44.78 ? 12 G   B "O4'" 1 
ATOM   729  C  "C3'" . G   B 1 12 ? 3.443   2.471   7.866   1.00 45.80 ? 12 G   B "C3'" 1 
ATOM   730  O  "O3'" . G   B 1 12 ? 3.065   3.057   9.098   1.00 46.07 ? 12 G   B "O3'" 1 
ATOM   731  C  "C2'" . G   B 1 12 ? 3.817   3.493   6.802   1.00 44.65 ? 12 G   B "C2'" 1 
ATOM   732  O  "O2'" . G   B 1 12 ? 4.646   4.530   7.313   1.00 46.84 ? 12 G   B "O2'" 1 
ATOM   733  C  "C1'" . G   B 1 12 ? 4.650   2.628   5.850   1.00 43.75 ? 12 G   B "C1'" 1 
ATOM   734  N  N9    . G   B 1 12 ? 3.915   2.078   4.713   1.00 41.14 ? 12 G   B N9    1 
ATOM   735  C  C8    . G   B 1 12 ? 3.449   0.793   4.572   1.00 40.45 ? 12 G   B C8    1 
ATOM   736  N  N7    . G   B 1 12 ? 2.862   0.584   3.423   1.00 39.01 ? 12 G   B N7    1 
ATOM   737  C  C5    . G   B 1 12 ? 2.930   1.810   2.775   1.00 39.27 ? 12 G   B C5    1 
ATOM   738  C  C6    . G   B 1 12 ? 2.454   2.205   1.494   1.00 39.00 ? 12 G   B C6    1 
ATOM   739  O  O6    . G   B 1 12 ? 1.817   1.544   0.669   1.00 37.03 ? 12 G   B O6    1 
ATOM   740  N  N1    . G   B 1 12 ? 2.770   3.534   1.220   1.00 39.12 ? 12 G   B N1    1 
ATOM   741  C  C2    . G   B 1 12 ? 3.425   4.375   2.077   1.00 39.29 ? 12 G   B C2    1 
ATOM   742  N  N2    . G   B 1 12 ? 3.648   5.611   1.622   1.00 37.66 ? 12 G   B N2    1 
ATOM   743  N  N3    . G   B 1 12 ? 3.836   4.031   3.285   1.00 38.37 ? 12 G   B N3    1 
ATOM   744  C  C4    . G   B 1 12 ? 3.571   2.743   3.561   1.00 38.75 ? 12 G   B C4    1 
ATOM   745  P  P     . C   B 1 13 ? 1.506   3.164   9.481   1.00 48.58 ? 13 C   B P     1 
ATOM   746  O  OP1   . C   B 1 13 ? 1.466   3.489   10.931  1.00 49.52 ? 13 C   B OP1   1 
ATOM   747  O  OP2   . C   B 1 13 ? 0.796   1.941   8.979   1.00 49.92 ? 13 C   B OP2   1 
ATOM   748  O  "O5'" . C   B 1 13 ? 1.017   4.440   8.665   1.00 47.35 ? 13 C   B "O5'" 1 
ATOM   749  C  "C5'" . C   B 1 13 ? 1.614   5.726   8.932   1.00 45.49 ? 13 C   B "C5'" 1 
ATOM   750  C  "C4'" . C   B 1 13 ? 1.322   6.692   7.818   1.00 43.26 ? 13 C   B "C4'" 1 
ATOM   751  O  "O4'" . C   B 1 13 ? 1.909   6.219   6.580   1.00 44.05 ? 13 C   B "O4'" 1 
ATOM   752  C  "C3'" . C   B 1 13 ? -0.138  6.846   7.466   1.00 43.89 ? 13 C   B "C3'" 1 
ATOM   753  O  "O3'" . C   B 1 13 ? -0.823  7.661   8.395   1.00 45.14 ? 13 C   B "O3'" 1 
ATOM   754  C  "C2'" . C   B 1 13 ? -0.057  7.423   6.060   1.00 42.23 ? 13 C   B "C2'" 1 
ATOM   755  O  "O2'" . C   B 1 13 ? 0.332   8.780   6.000   1.00 42.09 ? 13 C   B "O2'" 1 
ATOM   756  C  "C1'" . C   B 1 13 ? 1.089   6.601   5.486   1.00 41.10 ? 13 C   B "C1'" 1 
ATOM   757  N  N1    . C   B 1 13 ? 0.618   5.380   4.810   1.00 38.89 ? 13 C   B N1    1 
ATOM   758  C  C2    . C   B 1 13 ? 0.268   5.455   3.455   1.00 36.44 ? 13 C   B C2    1 
ATOM   759  O  O2    . C   B 1 13 ? 0.348   6.556   2.873   1.00 35.03 ? 13 C   B O2    1 
ATOM   760  N  N3    . C   B 1 13 ? -0.134  4.334   2.816   1.00 35.28 ? 13 C   B N3    1 
ATOM   761  C  C4    . C   B 1 13 ? -0.187  3.173   3.475   1.00 34.59 ? 13 C   B C4    1 
ATOM   762  N  N4    . C   B 1 13 ? -0.572  2.089   2.805   1.00 31.83 ? 13 C   B N4    1 
ATOM   763  C  C5    . C   B 1 13 ? 0.154   3.071   4.854   1.00 35.85 ? 13 C   B C5    1 
ATOM   764  C  C6    . C   B 1 13 ? 0.539   4.192   5.480   1.00 37.48 ? 13 C   B C6    1 
ATOM   765  P  P     . A   B 1 14 ? -2.407  7.485   8.566   1.00 45.48 ? 14 A   B P     1 
ATOM   766  O  OP1   . A   B 1 14 ? -2.906  8.461   9.582   1.00 48.16 ? 14 A   B OP1   1 
ATOM   767  O  OP2   . A   B 1 14 ? -2.658  6.025   8.755   1.00 45.33 ? 14 A   B OP2   1 
ATOM   768  O  "O5'" . A   B 1 14 ? -2.981  7.934   7.151   1.00 42.35 ? 14 A   B "O5'" 1 
ATOM   769  C  "C5'" . A   B 1 14 ? -2.832  9.273   6.718   1.00 39.14 ? 14 A   B "C5'" 1 
ATOM   770  C  "C4'" . A   B 1 14 ? -3.268  9.418   5.290   1.00 39.14 ? 14 A   B "C4'" 1 
ATOM   771  O  "O4'" . A   B 1 14 ? -2.478  8.571   4.421   1.00 38.82 ? 14 A   B "O4'" 1 
ATOM   772  C  "C3'" . A   B 1 14 ? -4.685  9.017   4.959   1.00 37.66 ? 14 A   B "C3'" 1 
ATOM   773  O  "O3'" . A   B 1 14 ? -5.588  10.026  5.386   1.00 39.05 ? 14 A   B "O3'" 1 
ATOM   774  C  "C2'" . A   B 1 14 ? -4.603  8.899   3.442   1.00 37.92 ? 14 A   B "C2'" 1 
ATOM   775  O  "O2'" . A   B 1 14 ? -4.548  10.160  2.803   1.00 34.05 ? 14 A   B "O2'" 1 
ATOM   776  C  "C1'" . A   B 1 14 ? -3.244  8.223   3.277   1.00 37.37 ? 14 A   B "C1'" 1 
ATOM   777  N  N9    . A   B 1 14 ? -3.318  6.760   3.219   1.00 37.11 ? 14 A   B N9    1 
ATOM   778  C  C8    . A   B 1 14 ? -3.070  5.883   4.245   1.00 36.17 ? 14 A   B C8    1 
ATOM   779  N  N7    . A   B 1 14 ? -3.200  4.625   3.906   1.00 34.37 ? 14 A   B N7    1 
ATOM   780  C  C5    . A   B 1 14 ? -3.569  4.679   2.576   1.00 32.92 ? 14 A   B C5    1 
ATOM   781  C  C6    . A   B 1 14 ? -3.864  3.679   1.651   1.00 32.02 ? 14 A   B C6    1 
ATOM   782  N  N6    . A   B 1 14 ? -3.817  2.377   1.943   1.00 32.31 ? 14 A   B N6    1 
ATOM   783  N  N1    . A   B 1 14 ? -4.201  4.058   0.401   1.00 30.84 ? 14 A   B N1    1 
ATOM   784  C  C2    . A   B 1 14 ? -4.218  5.361   0.112   1.00 30.79 ? 14 A   B C2    1 
ATOM   785  N  N3    . A   B 1 14 ? -3.949  6.399   0.899   1.00 33.43 ? 14 A   B N3    1 
ATOM   786  C  C4    . A   B 1 14 ? -3.635  5.985   2.135   1.00 33.48 ? 14 A   B C4    1 
ATOM   787  P  P     . C   B 1 15 ? -7.053  9.616   5.902   1.00 39.82 ? 15 C   B P     1 
ATOM   788  O  OP1   . C   B 1 15 ? -7.754  10.829  6.376   1.00 41.23 ? 15 C   B OP1   1 
ATOM   789  O  OP2   . C   B 1 15 ? -6.928  8.440   6.804   1.00 41.73 ? 15 C   B OP2   1 
ATOM   790  O  "O5'" . C   B 1 15 ? -7.772  9.152   4.560   1.00 40.56 ? 15 C   B "O5'" 1 
ATOM   791  C  "C5'" . C   B 1 15 ? -8.138  10.110  3.572   1.00 38.31 ? 15 C   B "C5'" 1 
ATOM   792  C  "C4'" . C   B 1 15 ? -8.500  9.410   2.290   1.00 39.45 ? 15 C   B "C4'" 1 
ATOM   793  O  "O4'" . C   B 1 15 ? -7.386  8.575   1.880   1.00 37.26 ? 15 C   B "O4'" 1 
ATOM   794  C  "C3'" . C   B 1 15 ? -9.641  8.405   2.363   1.00 40.30 ? 15 C   B "C3'" 1 
ATOM   795  O  "O3'" . C   B 1 15 ? -10.931 9.015   2.375   1.00 43.50 ? 15 C   B "O3'" 1 
ATOM   796  C  "C2'" . C   B 1 15 ? -9.397  7.598   1.098   1.00 36.67 ? 15 C   B "C2'" 1 
ATOM   797  O  "O2'" . C   B 1 15 ? -9.772  8.298   -0.073  1.00 36.80 ? 15 C   B "O2'" 1 
ATOM   798  C  "C1'" . C   B 1 15 ? -7.879  7.457   1.140   1.00 34.87 ? 15 C   B "C1'" 1 
ATOM   799  N  N1    . C   B 1 15 ? -7.501  6.206   1.831   1.00 32.29 ? 15 C   B N1    1 
ATOM   800  C  C2    . C   B 1 15 ? -7.518  5.003   1.098   1.00 29.17 ? 15 C   B C2    1 
ATOM   801  O  O2    . C   B 1 15 ? -7.850  5.037   -0.098  1.00 24.40 ? 15 C   B O2    1 
ATOM   802  N  N3    . C   B 1 15 ? -7.196  3.844   1.719   1.00 24.23 ? 15 C   B N3    1 
ATOM   803  C  C4    . C   B 1 15 ? -6.888  3.843   3.017   1.00 26.45 ? 15 C   B C4    1 
ATOM   804  N  N4    . C   B 1 15 ? -6.604  2.672   3.593   1.00 22.91 ? 15 C   B N4    1 
ATOM   805  C  C5    . C   B 1 15 ? -6.862  5.050   3.789   1.00 26.59 ? 15 C   B C5    1 
ATOM   806  C  C6    . C   B 1 15 ? -7.166  6.196   3.157   1.00 27.74 ? 15 C   B C6    1 
ATOM   807  P  P     . A   B 1 16 ? -12.135 8.309   3.181   1.00 47.29 ? 16 A   B P     1 
ATOM   808  O  OP1   . A   B 1 16 ? -13.272 9.272   3.214   1.00 47.86 ? 16 A   B OP1   1 
ATOM   809  O  OP2   . A   B 1 16 ? -11.593 7.756   4.451   1.00 46.85 ? 16 A   B OP2   1 
ATOM   810  O  "O5'" . A   B 1 16 ? -12.555 7.059   2.279   1.00 46.96 ? 16 A   B "O5'" 1 
ATOM   811  C  "C5'" . A   B 1 16 ? -13.054 7.232   0.937   1.00 44.76 ? 16 A   B "C5'" 1 
ATOM   812  C  "C4'" . A   B 1 16 ? -13.118 5.898   0.225   1.00 44.69 ? 16 A   B "C4'" 1 
ATOM   813  O  "O4'" . A   B 1 16 ? -11.794 5.302   0.207   1.00 42.76 ? 16 A   B "O4'" 1 
ATOM   814  C  "C3'" . A   B 1 16 ? -13.973 4.820   0.879   1.00 44.89 ? 16 A   B "C3'" 1 
ATOM   815  O  "O3'" . A   B 1 16 ? -15.358 4.983   0.589   1.00 47.28 ? 16 A   B "O3'" 1 
ATOM   816  C  "C2'" . A   B 1 16 ? -13.394 3.548   0.267   1.00 43.33 ? 16 A   B "C2'" 1 
ATOM   817  O  "O2'" . A   B 1 16 ? -13.770 3.327   -1.078  1.00 43.75 ? 16 A   B "O2'" 1 
ATOM   818  C  "C1'" . A   B 1 16 ? -11.909 3.885   0.260   1.00 41.41 ? 16 A   B "C1'" 1 
ATOM   819  N  N9    . A   B 1 16 ? -11.241 3.407   1.463   1.00 39.18 ? 16 A   B N9    1 
ATOM   820  C  C8    . A   B 1 16 ? -10.781 4.129   2.541   1.00 37.22 ? 16 A   B C8    1 
ATOM   821  N  N7    . A   B 1 16 ? -10.197 3.395   3.459   1.00 34.77 ? 16 A   B N7    1 
ATOM   822  C  C5    . A   B 1 16 ? -10.282 2.104   2.954   1.00 34.71 ? 16 A   B C5    1 
ATOM   823  C  C6    . A   B 1 16 ? -9.852  0.870   3.451   1.00 33.43 ? 16 A   B C6    1 
ATOM   824  N  N6    . A   B 1 16 ? -9.197  0.728   4.605   1.00 30.70 ? 16 A   B N6    1 
ATOM   825  N  N1    . A   B 1 16 ? -10.115 -0.234  2.707   1.00 35.35 ? 16 A   B N1    1 
ATOM   826  C  C2    . A   B 1 16 ? -10.757 -0.085  1.539   1.00 35.25 ? 16 A   B C2    1 
ATOM   827  N  N3    . A   B 1 16 ? -11.200 1.025   0.960   1.00 35.48 ? 16 A   B N3    1 
ATOM   828  C  C4    . A   B 1 16 ? -10.932 2.095   1.729   1.00 37.07 ? 16 A   B C4    1 
ATOM   829  P  P     . C   B 1 17 ? -16.456 4.642   1.713   1.00 49.16 ? 17 C   B P     1 
ATOM   830  O  OP1   . C   B 1 17 ? -17.765 5.112   1.203   1.00 50.83 ? 17 C   B OP1   1 
ATOM   831  O  OP2   . C   B 1 17 ? -15.958 5.141   3.037   1.00 51.85 ? 17 C   B OP2   1 
ATOM   832  O  "O5'" . C   B 1 17 ? -16.462 3.047   1.805   1.00 49.99 ? 17 C   B "O5'" 1 
ATOM   833  C  "C5'" . C   B 1 17 ? -16.803 2.219   0.669   1.00 47.47 ? 17 C   B "C5'" 1 
ATOM   834  C  "C4'" . C   B 1 17 ? -16.451 0.768   0.952   1.00 45.98 ? 17 C   B "C4'" 1 
ATOM   835  O  "O4'" . C   B 1 17 ? -15.006 0.626   1.070   1.00 44.18 ? 17 C   B "O4'" 1 
ATOM   836  C  "C3'" . C   B 1 17 ? -16.973 0.201   2.263   1.00 47.88 ? 17 C   B "C3'" 1 
ATOM   837  O  "O3'" . C   B 1 17 ? -18.323 -0.225  2.164   1.00 51.10 ? 17 C   B "O3'" 1 
ATOM   838  C  "C2'" . C   B 1 17 ? -16.024 -0.962  2.498   1.00 45.99 ? 17 C   B "C2'" 1 
ATOM   839  O  "O2'" . C   B 1 17 ? -16.304 -2.036  1.624   1.00 46.48 ? 17 C   B "O2'" 1 
ATOM   840  C  "C1'" . C   B 1 17 ? -14.696 -0.346  2.065   1.00 44.42 ? 17 C   B "C1'" 1 
ATOM   841  N  N1    . C   B 1 17 ? -13.998 0.326   3.175   1.00 44.25 ? 17 C   B N1    1 
ATOM   842  C  C2    . C   B 1 17 ? -13.183 -0.428  4.028   1.00 43.46 ? 17 C   B C2    1 
ATOM   843  O  O2    . C   B 1 17 ? -13.059 -1.636  3.816   1.00 43.56 ? 17 C   B O2    1 
ATOM   844  N  N3    . C   B 1 17 ? -12.547 0.190   5.060   1.00 41.32 ? 17 C   B N3    1 
ATOM   845  C  C4    . C   B 1 17 ? -12.702 1.507   5.239   1.00 40.58 ? 17 C   B C4    1 
ATOM   846  N  N4    . C   B 1 17 ? -12.062 2.091   6.250   1.00 36.77 ? 17 C   B N4    1 
ATOM   847  C  C5    . C   B 1 17 ? -13.521 2.290   4.382   1.00 42.13 ? 17 C   B C5    1 
ATOM   848  C  C6    . C   B 1 17 ? -14.142 1.669   3.376   1.00 43.39 ? 17 C   B C6    1 
ATOM   849  P  P     . A   B 1 18 ? -19.274 -0.182  3.459   1.00 54.76 ? 18 A   B P     1 
ATOM   850  O  OP1   . A   B 1 18 ? -20.620 -0.585  2.999   1.00 57.04 ? 18 A   B OP1   1 
ATOM   851  O  OP2   . A   B 1 18 ? -19.097 1.128   4.142   1.00 55.81 ? 18 A   B OP2   1 
ATOM   852  O  "O5'" . A   B 1 18 ? -18.707 -1.316  4.427   1.00 52.23 ? 18 A   B "O5'" 1 
ATOM   853  C  "C5'" . A   B 1 18 ? -18.800 -2.699  4.053   1.00 52.14 ? 18 A   B "C5'" 1 
ATOM   854  C  "C4'" . A   B 1 18 ? -18.042 -3.571  5.025   1.00 52.79 ? 18 A   B "C4'" 1 
ATOM   855  O  "O4'" . A   B 1 18 ? -16.641 -3.192  5.046   1.00 52.78 ? 18 A   B "O4'" 1 
ATOM   856  C  "C3'" . A   B 1 18 ? -18.461 -3.497  6.480   1.00 54.33 ? 18 A   B "C3'" 1 
ATOM   857  O  "O3'" . A   B 1 18 ? -19.615 -4.299  6.712   1.00 57.27 ? 18 A   B "O3'" 1 
ATOM   858  C  "C2'" . A   B 1 18 ? -17.222 -4.040  7.187   1.00 53.63 ? 18 A   B "C2'" 1 
ATOM   859  O  "O2'" . A   B 1 18 ? -17.113 -5.447  7.117   1.00 54.88 ? 18 A   B "O2'" 1 
ATOM   860  C  "C1'" . A   B 1 18 ? -16.101 -3.435  6.337   1.00 51.85 ? 18 A   B "C1'" 1 
ATOM   861  N  N9    . A   B 1 18 ? -15.581 -2.174  6.868   1.00 48.18 ? 18 A   B N9    1 
ATOM   862  C  C8    . A   B 1 18 ? -15.892 -0.894  6.471   1.00 47.62 ? 18 A   B C8    1 
ATOM   863  N  N7    . A   B 1 18 ? -15.251 0.040   7.135   1.00 44.88 ? 18 A   B N7    1 
ATOM   864  C  C5    . A   B 1 18 ? -14.469 -0.674  8.030   1.00 46.22 ? 18 A   B C5    1 
ATOM   865  C  C6    . A   B 1 18 ? -13.565 -0.265  9.016   1.00 45.00 ? 18 A   B C6    1 
ATOM   866  N  N6    . A   B 1 18 ? -13.282 1.012   9.269   1.00 45.38 ? 18 A   B N6    1 
ATOM   867  N  N1    . A   B 1 18 ? -12.952 -1.226  9.744   1.00 44.34 ? 18 A   B N1    1 
ATOM   868  C  C2    . A   B 1 18 ? -13.242 -2.508  9.486   1.00 43.95 ? 18 A   B C2    1 
ATOM   869  N  N3    . A   B 1 18 ? -14.078 -3.017  8.580   1.00 45.20 ? 18 A   B N3    1 
ATOM   870  C  C4    . A   B 1 18 ? -14.665 -2.037  7.879   1.00 46.20 ? 18 A   B C4    1 
ATOM   871  P  P     . G   B 1 19 ? -20.608 -3.954  7.932   1.00 60.97 ? 19 G   B P     1 
ATOM   872  O  OP1   . G   B 1 19 ? -21.763 -4.884  7.809   1.00 62.01 ? 19 G   B OP1   1 
ATOM   873  O  OP2   . G   B 1 19 ? -20.854 -2.487  7.974   1.00 61.37 ? 19 G   B OP2   1 
ATOM   874  O  "O5'" . G   B 1 19 ? -19.793 -4.370  9.234   1.00 58.32 ? 19 G   B "O5'" 1 
ATOM   875  C  "C5'" . G   B 1 19 ? -19.649 -5.752  9.585   1.00 57.78 ? 19 G   B "C5'" 1 
ATOM   876  C  "C4'" . G   B 1 19 ? -18.729 -5.901  10.767  1.00 57.46 ? 19 G   B "C4'" 1 
ATOM   877  O  "O4'" . G   B 1 19 ? -17.428 -5.338  10.439  1.00 56.60 ? 19 G   B "O4'" 1 
ATOM   878  C  "C3'" . G   B 1 19 ? -19.128 -5.154  12.030  1.00 58.66 ? 19 G   B "C3'" 1 
ATOM   879  O  "O3'" . G   B 1 19 ? -20.145 -5.816  12.781  1.00 59.89 ? 19 G   B "O3'" 1 
ATOM   880  C  "C2'" . G   B 1 19 ? -17.800 -5.076  12.771  1.00 57.11 ? 19 G   B "C2'" 1 
ATOM   881  O  "O2'" . G   B 1 19 ? -17.454 -6.300  13.389  1.00 56.24 ? 19 G   B "O2'" 1 
ATOM   882  C  "C1'" . G   B 1 19 ? -16.835 -4.795  11.613  1.00 55.33 ? 19 G   B "C1'" 1 
ATOM   883  N  N9    . G   B 1 19 ? -16.605 -3.364  11.399  1.00 52.94 ? 19 G   B N9    1 
ATOM   884  C  C8    . G   B 1 19 ? -17.158 -2.570  10.419  1.00 50.63 ? 19 G   B C8    1 
ATOM   885  N  N7    . G   B 1 19 ? -16.762 -1.326  10.484  1.00 50.24 ? 19 G   B N7    1 
ATOM   886  C  C5    . G   B 1 19 ? -15.891 -1.296  11.567  1.00 49.69 ? 19 G   B C5    1 
ATOM   887  C  C6    . G   B 1 19 ? -15.152 -0.220  12.122  1.00 49.16 ? 19 G   B C6    1 
ATOM   888  O  O6    . G   B 1 19 ? -15.101 0.956   11.747  1.00 49.33 ? 19 G   B O6    1 
ATOM   889  N  N1    . G   B 1 19 ? -14.415 -0.622  13.226  1.00 48.66 ? 19 G   B N1    1 
ATOM   890  C  C2    . G   B 1 19 ? -14.391 -1.893  13.738  1.00 50.06 ? 19 G   B C2    1 
ATOM   891  N  N2    . G   B 1 19 ? -13.637 -2.070  14.834  1.00 50.00 ? 19 G   B N2    1 
ATOM   892  N  N3    . G   B 1 19 ? -15.063 -2.912  13.221  1.00 49.95 ? 19 G   B N3    1 
ATOM   893  C  C4    . G   B 1 19 ? -15.787 -2.543  12.146  1.00 50.35 ? 19 G   B C4    1 
ATOM   894  P  P     . C   B 1 20 ? -21.251 -4.943  13.566  1.00 61.41 ? 20 C   B P     1 
ATOM   895  O  OP1   . C   B 1 20 ? -22.410 -5.821  13.874  1.00 61.22 ? 20 C   B OP1   1 
ATOM   896  O  OP2   . C   B 1 20 ? -21.473 -3.684  12.796  1.00 61.72 ? 20 C   B OP2   1 
ATOM   897  O  "O5'" . C   B 1 20 ? -20.516 -4.554  14.926  1.00 60.25 ? 20 C   B "O5'" 1 
ATOM   898  C  "C5'" . C   B 1 20 ? -19.863 -5.560  15.721  1.00 59.00 ? 20 C   B "C5'" 1 
ATOM   899  C  "C4'" . C   B 1 20 ? -18.868 -4.927  16.677  1.00 58.78 ? 20 C   B "C4'" 1 
ATOM   900  O  "O4'" . C   B 1 20 ? -17.740 -4.378  15.938  1.00 57.44 ? 20 C   B "O4'" 1 
ATOM   901  C  "C3'" . C   B 1 20 ? -19.353 -3.741  17.498  1.00 58.34 ? 20 C   B "C3'" 1 
ATOM   902  O  "O3'" . C   B 1 20 ? -20.151 -4.105  18.612  1.00 60.34 ? 20 C   B "O3'" 1 
ATOM   903  C  "C2'" . C   B 1 20 ? -18.038 -3.102  17.918  1.00 56.80 ? 20 C   B "C2'" 1 
ATOM   904  O  "O2'" . C   B 1 20 ? -17.399 -3.811  18.958  1.00 54.53 ? 20 C   B "O2'" 1 
ATOM   905  C  "C1'" . C   B 1 20 ? -17.232 -3.237  16.625  1.00 56.36 ? 20 C   B "C1'" 1 
ATOM   906  N  N1    . C   B 1 20 ? -17.417 -2.051  15.769  1.00 54.57 ? 20 C   B N1    1 
ATOM   907  C  C2    . C   B 1 20 ? -16.627 -0.933  16.005  1.00 53.53 ? 20 C   B C2    1 
ATOM   908  O  O2    . C   B 1 20 ? -15.784 -0.987  16.899  1.00 53.97 ? 20 C   B O2    1 
ATOM   909  N  N3    . C   B 1 20 ? -16.798 0.174   15.255  1.00 52.28 ? 20 C   B N3    1 
ATOM   910  C  C4    . C   B 1 20 ? -17.719 0.187   14.291  1.00 52.48 ? 20 C   B C4    1 
ATOM   911  N  N4    . C   B 1 20 ? -17.862 1.305   13.581  1.00 50.83 ? 20 C   B N4    1 
ATOM   912  C  C5    . C   B 1 20 ? -18.537 -0.948  14.015  1.00 52.36 ? 20 C   B C5    1 
ATOM   913  C  C6    . C   B 1 20 ? -18.354 -2.036  14.772  1.00 53.22 ? 20 C   B C6    1 
ATOM   914  P  P     . A   B 1 21 ? -21.308 -3.108  19.109  1.00 60.26 ? 21 A   B P     1 
ATOM   915  O  OP1   . A   B 1 21 ? -22.083 -3.825  20.158  1.00 61.46 ? 21 A   B OP1   1 
ATOM   916  O  OP2   . A   B 1 21 ? -22.015 -2.559  17.917  1.00 58.98 ? 21 A   B OP2   1 
ATOM   917  O  "O5'" . A   B 1 21 ? -20.506 -1.918  19.807  1.00 58.57 ? 21 A   B "O5'" 1 
ATOM   918  C  "C5'" . A   B 1 21 ? -19.715 -2.157  20.983  1.00 56.40 ? 21 A   B "C5'" 1 
ATOM   919  C  "C4'" . A   B 1 21 ? -18.971 -0.904  21.383  1.00 56.11 ? 21 A   B "C4'" 1 
ATOM   920  O  "O4'" . A   B 1 21 ? -18.015 -0.544  20.346  1.00 53.59 ? 21 A   B "O4'" 1 
ATOM   921  C  "C3'" . A   B 1 21 ? -19.808 0.356   21.529  1.00 56.32 ? 21 A   B "C3'" 1 
ATOM   922  O  "O3'" . A   B 1 21 ? -20.505 0.422   22.764  1.00 58.10 ? 21 A   B "O3'" 1 
ATOM   923  C  "C2'" . A   B 1 21 ? -18.745 1.435   21.420  1.00 54.49 ? 21 A   B "C2'" 1 
ATOM   924  O  "O2'" . A   B 1 21 ? -17.967 1.508   22.593  1.00 54.66 ? 21 A   B "O2'" 1 
ATOM   925  C  "C1'" . A   B 1 21 ? -17.884 0.873   20.290  1.00 52.85 ? 21 A   B "C1'" 1 
ATOM   926  N  N9    . A   B 1 21 ? -18.367 1.334   18.985  1.00 49.76 ? 21 A   B N9    1 
ATOM   927  C  C8    . A   B 1 21 ? -19.217 0.686   18.120  1.00 48.46 ? 21 A   B C8    1 
ATOM   928  N  N7    . A   B 1 21 ? -19.489 1.372   17.034  1.00 47.48 ? 21 A   B N7    1 
ATOM   929  C  C5    . A   B 1 21 ? -18.764 2.545   17.191  1.00 46.69 ? 21 A   B C5    1 
ATOM   930  C  C6    . A   B 1 21 ? -18.626 3.685   16.382  1.00 45.66 ? 21 A   B C6    1 
ATOM   931  N  N6    . A   B 1 21 ? -19.223 3.829   15.200  1.00 44.38 ? 21 A   B N6    1 
ATOM   932  N  N1    . A   B 1 21 ? -17.836 4.688   16.832  1.00 44.73 ? 21 A   B N1    1 
ATOM   933  C  C2    . A   B 1 21 ? -17.219 4.533   18.010  1.00 45.93 ? 21 A   B C2    1 
ATOM   934  N  N3    . A   B 1 21 ? -17.262 3.501   18.858  1.00 47.28 ? 21 A   B N3    1 
ATOM   935  C  C4    . A   B 1 21 ? -18.066 2.531   18.386  1.00 47.41 ? 21 A   B C4    1 
ATOM   936  P  P     . A   B 1 22 ? -21.931 1.168   22.826  1.00 60.24 ? 22 A   B P     1 
ATOM   937  O  OP1   . A   B 1 22 ? -22.407 1.023   24.238  1.00 60.03 ? 22 A   B OP1   1 
ATOM   938  O  OP2   . A   B 1 22 ? -22.777 0.650   21.701  1.00 60.33 ? 22 A   B OP2   1 
ATOM   939  O  "O5'" . A   B 1 22 ? -21.602 2.711   22.536  1.00 55.99 ? 22 A   B "O5'" 1 
ATOM   940  C  "C5'" . A   B 1 22 ? -20.858 3.488   23.492  1.00 51.53 ? 22 A   B "C5'" 1 
ATOM   941  C  "C4'" . A   B 1 22 ? -20.430 4.820   22.907  1.00 48.71 ? 22 A   B "C4'" 1 
ATOM   942  O  "O4'" . A   B 1 22 ? -19.714 4.614   21.659  1.00 47.68 ? 22 A   B "O4'" 1 
ATOM   943  C  "C3'" . A   B 1 22 ? -21.505 5.820   22.512  1.00 47.24 ? 22 A   B "C3'" 1 
ATOM   944  O  "O3'" . A   B 1 22 ? -22.040 6.499   23.644  1.00 47.89 ? 22 A   B "O3'" 1 
ATOM   945  C  "C2'" . A   B 1 22 ? -20.709 6.771   21.623  1.00 46.09 ? 22 A   B "C2'" 1 
ATOM   946  O  "O2'" . A   B 1 22 ? -19.888 7.656   22.356  1.00 46.07 ? 22 A   B "O2'" 1 
ATOM   947  C  "C1'" . A   B 1 22 ? -19.816 5.788   20.861  1.00 43.92 ? 22 A   B "C1'" 1 
ATOM   948  N  N9    . A   B 1 22 ? -20.400 5.443   19.562  1.00 39.72 ? 22 A   B N9    1 
ATOM   949  C  C8    . A   B 1 22 ? -21.000 4.277   19.152  1.00 37.66 ? 22 A   B C8    1 
ATOM   950  N  N7    . A   B 1 22 ? -21.453 4.322   17.918  1.00 35.98 ? 22 A   B N7    1 
ATOM   951  C  C5    . A   B 1 22 ? -21.120 5.598   17.491  1.00 34.40 ? 22 A   B C5    1 
ATOM   952  C  C6    . A   B 1 22 ? -21.312 6.263   16.276  1.00 31.03 ? 22 A   B C6    1 
ATOM   953  N  N6    . A   B 1 22 ? -21.919 5.715   15.227  1.00 28.59 ? 22 A   B N6    1 
ATOM   954  N  N1    . A   B 1 22 ? -20.851 7.528   16.170  1.00 28.54 ? 22 A   B N1    1 
ATOM   955  C  C2    . A   B 1 22 ? -20.244 8.074   17.222  1.00 32.76 ? 22 A   B C2    1 
ATOM   956  N  N3    . A   B 1 22 ? -19.999 7.550   18.423  1.00 35.31 ? 22 A   B N3    1 
ATOM   957  C  C4    . A   B 1 22 ? -20.466 6.295   18.490  1.00 35.85 ? 22 A   B C4    1 
ATOM   958  P  P     . G   B 1 23 ? -23.532 7.096   23.589  1.00 47.65 ? 23 G   B P     1 
ATOM   959  O  OP1   . G   B 1 23 ? -23.878 7.432   24.986  1.00 48.96 ? 23 G   B OP1   1 
ATOM   960  O  OP2   . G   B 1 23 ? -24.397 6.153   22.819  1.00 47.20 ? 23 G   B OP2   1 
ATOM   961  O  "O5'" . G   B 1 23 ? -23.418 8.443   22.747  1.00 46.59 ? 23 G   B "O5'" 1 
ATOM   962  C  "C5'" . G   B 1 23 ? -22.542 9.500   23.160  1.00 46.93 ? 23 G   B "C5'" 1 
ATOM   963  C  "C4'" . G   B 1 23 ? -22.424 10.533  22.065  1.00 46.37 ? 23 G   B "C4'" 1 
ATOM   964  O  "O4'" . G   B 1 23 ? -21.860 9.904   20.885  1.00 46.53 ? 23 G   B "O4'" 1 
ATOM   965  C  "C3'" . G   B 1 23 ? -23.730 11.112  21.562  1.00 46.55 ? 23 G   B "C3'" 1 
ATOM   966  O  "O3'" . G   B 1 23 ? -24.280 12.123  22.408  1.00 49.69 ? 23 G   B "O3'" 1 
ATOM   967  C  "C2'" . G   B 1 23 ? -23.338 11.626  20.188  1.00 45.37 ? 23 G   B "C2'" 1 
ATOM   968  O  "O2'" . G   B 1 23 ? -22.635 12.845  20.269  1.00 47.35 ? 23 G   B "O2'" 1 
ATOM   969  C  "C1'" . G   B 1 23 ? -22.379 10.529  19.723  1.00 43.75 ? 23 G   B "C1'" 1 
ATOM   970  N  N9    . G   B 1 23 ? -22.994 9.511   18.871  1.00 40.48 ? 23 G   B N9    1 
ATOM   971  C  C8    . G   B 1 23 ? -23.406 8.248   19.235  1.00 38.08 ? 23 G   B C8    1 
ATOM   972  N  N7    . G   B 1 23 ? -23.909 7.565   18.241  1.00 37.64 ? 23 G   B N7    1 
ATOM   973  C  C5    . G   B 1 23 ? -23.829 8.427   17.153  1.00 36.33 ? 23 G   B C5    1 
ATOM   974  C  C6    . G   B 1 23 ? -24.215 8.244   15.798  1.00 34.73 ? 23 G   B C6    1 
ATOM   975  O  O6    . G   B 1 23 ? -24.724 7.255   15.264  1.00 34.87 ? 23 G   B O6    1 
ATOM   976  N  N1    . G   B 1 23 ? -23.955 9.372   15.038  1.00 35.86 ? 23 G   B N1    1 
ATOM   977  C  C2    . G   B 1 23 ? -23.399 10.534  15.506  1.00 35.64 ? 23 G   B C2    1 
ATOM   978  N  N2    . G   B 1 23 ? -23.234 11.495  14.604  1.00 35.81 ? 23 G   B N2    1 
ATOM   979  N  N3    . G   B 1 23 ? -23.034 10.727  16.762  1.00 36.44 ? 23 G   B N3    1 
ATOM   980  C  C4    . G   B 1 23 ? -23.273 9.636   17.527  1.00 37.78 ? 23 G   B C4    1 
HETATM 981  K  K     . K   C 2 .  ? 17.696  -1.582  -10.933 0.79 49.83 ? 24 K   A K     1 
HETATM 982  MG MG    . MG  D 3 .  ? -1.383  -0.717  -0.474  0.89 50.51 ? 25 MG  A MG    1 
HETATM 983  K  K     . K   E 2 .  ? -16.734 4.801   11.755  0.97 67.03 ? 24 K   B K     1 
HETATM 984  MG MG    . MG  F 3 .  ? -10.063 7.027   9.533   0.76 65.01 ? 25 MG  B MG    1 
HETATM 985  K  K     . K   G 2 .  ? -9.049  2.681   9.223   0.74 51.29 ? 26 K   B K     1 
HETATM 986  O  O     . HOH H 4 .  ? 6.345   1.137   -5.709  1.00 39.87 ? 26 HOH A O     1 
HETATM 987  O  O     . HOH H 4 .  ? 29.967  2.137   -22.279 1.00 63.65 ? 27 HOH A O     1 
HETATM 988  O  O     . HOH H 4 .  ? -6.779  -3.550  2.372   1.00 51.40 ? 28 HOH A O     1 
HETATM 989  O  O     . HOH H 4 .  ? 13.296  0.194   -6.363  1.00 35.38 ? 29 HOH A O     1 
HETATM 990  O  O     . HOH H 4 .  ? 16.364  -3.129  -10.075 1.00 64.02 ? 30 HOH A O     1 
HETATM 991  O  O     . HOH H 4 .  ? 31.279  3.698   -19.196 1.00 43.77 ? 31 HOH A O     1 
HETATM 992  O  O     . HOH H 4 .  ? 14.342  0.234   -10.287 1.00 49.75 ? 32 HOH A O     1 
HETATM 993  O  O     . HOH H 4 .  ? -4.929  -16.865 -8.368  1.00 60.77 ? 33 HOH A O     1 
HETATM 994  O  O     . HOH H 4 .  ? -6.591  6.890   -5.258  1.00 43.97 ? 34 HOH A O     1 
HETATM 995  O  O     . HOH H 4 .  ? 22.619  -6.348  -17.255 1.00 49.67 ? 35 HOH A O     1 
HETATM 996  O  O     . HOH H 4 .  ? 5.923   -1.612  -20.493 1.00 46.89 ? 36 HOH A O     1 
HETATM 997  O  O     . HOH H 4 .  ? 15.124  -2.900  -7.466  1.00 43.46 ? 37 HOH A O     1 
HETATM 998  O  O     . HOH H 4 .  ? -0.444  -9.312  -3.783  1.00 48.10 ? 38 HOH A O     1 
HETATM 999  O  O     . HOH H 4 .  ? 21.728  3.265   -18.089 1.00 47.06 ? 39 HOH A O     1 
HETATM 1000 O  O     . HOH H 4 .  ? 16.716  0.917   -11.145 1.00 40.06 ? 40 HOH A O     1 
HETATM 1001 O  O     . HOH H 4 .  ? 24.152  6.069   -13.302 1.00 70.73 ? 41 HOH A O     1 
HETATM 1002 O  O     . HOH H 4 .  ? 19.351  -4.211  -11.245 1.00 60.65 ? 42 HOH A O     1 
HETATM 1003 O  O     . HOH H 4 .  ? 9.310   0.530   -9.101  1.00 41.24 ? 43 HOH A O     1 
HETATM 1004 O  O     . HOH H 4 .  ? 21.862  -3.553  -3.966  1.00 66.73 ? 44 HOH A O     1 
HETATM 1005 O  O     . HOH H 4 .  ? 19.014  -9.199  -24.045 1.00 53.67 ? 45 HOH A O     1 
HETATM 1006 O  O     . HOH H 4 .  ? 21.498  -10.405 -21.869 1.00 60.67 ? 46 HOH A O     1 
HETATM 1007 O  O     . HOH H 4 .  ? 14.086  1.536   -20.140 1.00 43.06 ? 47 HOH A O     1 
HETATM 1008 O  O     . HOH H 4 .  ? -5.252  -4.169  4.342   1.00 43.08 ? 48 HOH A O     1 
HETATM 1009 O  O     . HOH H 4 .  ? -1.784  9.339   -2.227  1.00 43.83 ? 49 HOH A O     1 
HETATM 1010 O  O     . HOH H 4 .  ? -5.393  -0.920  3.643   1.00 43.45 ? 50 HOH A O     1 
HETATM 1011 O  O     . HOH H 4 .  ? 13.374  3.609   -7.708  1.00 43.71 ? 51 HOH A O     1 
HETATM 1012 O  O     . HOH H 4 .  ? -0.588  -2.210  -6.097  1.00 44.35 ? 52 HOH A O     1 
HETATM 1013 O  O     . HOH H 4 .  ? -3.135  -14.327 -11.284 1.00 42.99 ? 53 HOH A O     1 
HETATM 1014 O  O     . HOH H 4 .  ? 2.329   9.688   0.112   0.50 23.58 ? 54 HOH A O     1 
HETATM 1015 O  O     . HOH H 4 .  ? 7.985   7.060   -15.548 1.00 43.09 ? 55 HOH A O     1 
HETATM 1016 O  O     . HOH H 4 .  ? 8.116   2.649   -8.504  1.00 43.96 ? 56 HOH A O     1 
HETATM 1017 O  O     . HOH H 4 .  ? -9.838  7.090   -5.463  1.00 44.93 ? 57 HOH A O     1 
HETATM 1018 O  O     . HOH H 4 .  ? -3.029  -2.187  3.078   1.00 43.55 ? 58 HOH A O     1 
HETATM 1019 O  O     . HOH H 4 .  ? 5.760   -3.392  -6.594  1.00 43.70 ? 59 HOH A O     1 
HETATM 1020 O  O     . HOH H 4 .  ? -7.835  10.389  -4.303  1.00 44.05 ? 60 HOH A O     1 
HETATM 1021 O  O     . HOH H 4 .  ? 22.734  -3.959  -6.762  1.00 44.72 ? 61 HOH A O     1 
HETATM 1022 O  O     . HOH H 4 .  ? -10.967 1.155   -4.151  1.00 43.35 ? 62 HOH A O     1 
HETATM 1023 O  O     . HOH H 4 .  ? 17.172  3.014   -4.762  1.00 44.05 ? 63 HOH A O     1 
HETATM 1024 O  O     . HOH H 4 .  ? 24.486  -6.487  -11.129 1.00 44.04 ? 64 HOH A O     1 
HETATM 1025 O  O     . HOH H 4 .  ? -5.449  7.675   -2.424  1.00 44.21 ? 65 HOH A O     1 
HETATM 1026 O  O     . HOH H 4 .  ? -7.687  6.482   -2.981  1.00 43.39 ? 66 HOH A O     1 
HETATM 1027 O  O     . HOH H 4 .  ? 10.058  -7.229  -18.131 1.00 44.58 ? 67 HOH A O     1 
HETATM 1028 O  O     . HOH H 4 .  ? -2.843  -2.292  5.876   1.00 44.59 ? 68 HOH A O     1 
HETATM 1029 O  O     . HOH H 4 .  ? -2.845  -1.422  -5.737  1.00 44.36 ? 69 HOH A O     1 
HETATM 1030 O  O     . HOH H 4 .  ? -2.909  -2.061  0.064   1.00 45.52 ? 70 HOH A O     1 
HETATM 1031 O  O     . HOH H 4 .  ? 15.571  -0.404  -7.901  1.00 44.77 ? 71 HOH A O     1 
HETATM 1032 O  O     . HOH H 4 .  ? -1.214  -0.451  -9.259  1.00 44.34 ? 72 HOH A O     1 
HETATM 1033 O  O     . HOH H 4 .  ? 9.727   -2.644  -19.753 1.00 44.93 ? 73 HOH A O     1 
HETATM 1034 O  O     . HOH H 4 .  ? 6.590   5.223   -9.479  1.00 44.82 ? 74 HOH A O     1 
HETATM 1035 O  O     . HOH H 4 .  ? 16.589  9.123   -10.451 1.00 44.21 ? 75 HOH A O     1 
HETATM 1036 O  O     . HOH H 4 .  ? 20.990  -6.462  -12.822 1.00 44.65 ? 76 HOH A O     1 
HETATM 1037 O  O     . HOH H 4 .  ? -10.741 4.075   -3.832  1.00 44.91 ? 77 HOH A O     1 
HETATM 1038 O  O     . HOH H 4 .  ? 10.031  0.445   -5.769  1.00 44.77 ? 78 HOH A O     1 
HETATM 1039 O  O     . HOH H 4 .  ? 5.125   -6.947  -7.361  1.00 44.62 ? 79 HOH A O     1 
HETATM 1040 O  O     . HOH H 4 .  ? 26.619  5.730   -15.008 1.00 44.51 ? 80 HOH A O     1 
HETATM 1041 O  O     . HOH H 4 .  ? -6.662  -6.880  -9.559  1.00 44.60 ? 81 HOH A O     1 
HETATM 1042 O  O     . HOH H 4 .  ? 8.076   7.651   -9.365  1.00 44.58 ? 82 HOH A O     1 
HETATM 1043 O  O     . HOH H 4 .  ? -7.029  -5.976  1.558   1.00 44.94 ? 83 HOH A O     1 
HETATM 1044 O  O     . HOH H 4 .  ? 21.871  5.886   -3.814  1.00 44.50 ? 84 HOH A O     1 
HETATM 1045 O  O     . HOH H 4 .  ? 13.348  9.369   -13.981 1.00 43.91 ? 85 HOH A O     1 
HETATM 1046 O  O     . HOH I 4 .  ? 8.326   0.968   7.037   1.00 41.90 ? 27 HOH B O     1 
HETATM 1047 O  O     . HOH I 4 .  ? -0.187  11.226  5.304   1.00 53.40 ? 28 HOH B O     1 
HETATM 1048 O  O     . HOH I 4 .  ? -0.404  0.499   12.176  1.00 44.10 ? 29 HOH B O     1 
HETATM 1049 O  O     . HOH I 4 .  ? 1.474   -3.937  4.743   1.00 39.72 ? 30 HOH B O     1 
HETATM 1050 O  O     . HOH I 4 .  ? -4.201  9.216   -0.184  1.00 44.95 ? 31 HOH B O     1 
HETATM 1051 O  O     . HOH I 4 .  ? 1.125   -2.559  -0.542  1.00 51.52 ? 32 HOH B O     1 
HETATM 1052 O  O     . HOH I 4 .  ? -25.847 15.344  12.800  1.00 39.22 ? 33 HOH B O     1 
HETATM 1053 O  O     . HOH I 4 .  ? 3.967   8.503   3.456   0.50 41.40 ? 34 HOH B O     1 
HETATM 1054 O  O     . HOH I 4 .  ? 9.008   1.340   3.745   1.00 38.82 ? 35 HOH B O     1 
HETATM 1055 O  O     . HOH I 4 .  ? -6.531  -17.929 2.620   1.00 43.42 ? 36 HOH B O     1 
HETATM 1056 O  O     . HOH I 4 .  ? -1.549  -7.274  -1.229  1.00 54.54 ? 37 HOH B O     1 
HETATM 1057 O  O     . HOH I 4 .  ? -7.422  0.816   10.398  1.00 43.15 ? 38 HOH B O     1 
HETATM 1058 O  O     . HOH I 4 .  ? -2.904  -11.136 11.069  1.00 44.50 ? 39 HOH B O     1 
HETATM 1059 O  O     . HOH I 4 .  ? -18.032 8.611   20.280  1.00 63.84 ? 40 HOH B O     1 
HETATM 1060 O  O     . HOH I 4 .  ? -7.313  -13.429 3.737   1.00 55.19 ? 41 HOH B O     1 
HETATM 1061 O  O     . HOH I 4 .  ? -25.184 4.601   16.050  1.00 63.80 ? 42 HOH B O     1 
HETATM 1062 O  O     . HOH I 4 .  ? 2.900   -4.569  -3.304  1.00 72.49 ? 43 HOH B O     1 
HETATM 1063 O  O     . HOH I 4 .  ? -21.201 2.158   26.809  1.00 58.01 ? 44 HOH B O     1 
HETATM 1064 O  O     . HOH I 4 .  ? -6.396  11.991  8.845   1.00 44.06 ? 45 HOH B O     1 
HETATM 1065 O  O     . HOH I 4 .  ? -15.131 2.995   7.189   1.00 50.42 ? 46 HOH B O     1 
HETATM 1066 O  O     . HOH I 4 .  ? 1.345   -18.016 4.781   1.00 46.25 ? 47 HOH B O     1 
HETATM 1067 O  O     . HOH I 4 .  ? -26.724 10.654  23.824  1.00 43.07 ? 48 HOH B O     1 
HETATM 1068 O  O     . HOH I 4 .  ? -7.240  4.456   9.421   1.00 43.33 ? 49 HOH B O     1 
HETATM 1069 O  O     . HOH I 4 .  ? -9.508  3.921   11.710  1.00 43.38 ? 50 HOH B O     1 
HETATM 1070 O  O     . HOH I 4 .  ? -1.149  -3.039  -1.867  1.00 43.47 ? 51 HOH B O     1 
HETATM 1071 O  O     . HOH I 4 .  ? 1.711   -11.480 6.590   1.00 43.25 ? 52 HOH B O     1 
HETATM 1072 O  O     . HOH I 4 .  ? -5.980  10.934  0.249   1.00 43.79 ? 53 HOH B O     1 
HETATM 1073 O  O     . HOH I 4 .  ? -3.204  -12.350 13.607  1.00 43.84 ? 54 HOH B O     1 
HETATM 1074 O  O     . HOH I 4 .  ? -11.180 4.583   8.957   1.00 43.17 ? 55 HOH B O     1 
HETATM 1075 O  O     . HOH I 4 .  ? -16.626 2.410   10.198  1.00 43.36 ? 56 HOH B O     1 
HETATM 1076 O  O     . HOH I 4 .  ? -8.569  -4.999  4.902   1.00 43.79 ? 57 HOH B O     1 
HETATM 1077 O  O     . HOH I 4 .  ? 8.953   3.617   6.718   1.00 43.91 ? 58 HOH B O     1 
HETATM 1078 O  O     . HOH I 4 .  ? -6.025  2.600   6.698   1.00 43.68 ? 59 HOH B O     1 
HETATM 1079 O  O     . HOH I 4 .  ? 7.029   0.885   11.406  1.00 43.74 ? 60 HOH B O     1 
HETATM 1080 O  O     . HOH I 4 .  ? -9.643  13.468  4.526   1.00 43.50 ? 61 HOH B O     1 
HETATM 1081 O  O     . HOH I 4 .  ? 5.890   8.521   1.874   1.00 43.91 ? 62 HOH B O     1 
HETATM 1082 O  O     . HOH I 4 .  ? -18.276 13.475  17.243  1.00 44.07 ? 63 HOH B O     1 
HETATM 1083 O  O     . HOH I 4 .  ? 10.267  -3.029  4.225   1.00 44.37 ? 64 HOH B O     1 
HETATM 1084 O  O     . HOH I 4 .  ? 0.988   -10.879 -2.187  1.00 44.11 ? 65 HOH B O     1 
HETATM 1085 O  O     . HOH I 4 .  ? -14.887 6.389   12.648  1.00 43.73 ? 66 HOH B O     1 
HETATM 1086 O  O     . HOH I 4 .  ? -8.858  3.778   6.444   1.00 44.07 ? 67 HOH B O     1 
HETATM 1087 O  O     . HOH I 4 .  ? -20.063 -6.926  5.417   1.00 44.30 ? 68 HOH B O     1 
HETATM 1088 O  O     . HOH I 4 .  ? -6.675  8.185   9.731   1.00 44.29 ? 69 HOH B O     1 
HETATM 1089 O  O     . HOH I 4 .  ? -1.865  1.733   7.501   1.00 44.65 ? 70 HOH B O     1 
HETATM 1090 O  O     . HOH I 4 .  ? -9.050  -3.101  3.378   1.00 44.85 ? 71 HOH B O     1 
HETATM 1091 O  O     . HOH I 4 .  ? -23.388 -5.073  11.372  1.00 45.05 ? 72 HOH B O     1 
HETATM 1092 O  O     . HOH I 4 .  ? 3.404   1.759   12.308  1.00 44.97 ? 73 HOH B O     1 
HETATM 1093 O  O     . HOH I 4 .  ? -20.260 6.165   25.508  1.00 44.79 ? 74 HOH B O     1 
HETATM 1094 O  O     . HOH I 4 .  ? 3.354   -7.262  -3.673  1.00 44.85 ? 75 HOH B O     1 
HETATM 1095 O  O     . HOH I 4 .  ? -0.492  -11.776 14.008  1.00 44.93 ? 76 HOH B O     1 
HETATM 1096 O  O     . HOH I 4 .  ? -23.315 14.600  12.318  1.00 44.91 ? 77 HOH B O     1 
HETATM 1097 O  O     . HOH I 4 .  ? -13.446 -5.413  16.494  1.00 44.68 ? 78 HOH B O     1 
HETATM 1098 O  O     . HOH I 4 .  ? -23.400 9.354   26.990  1.00 44.22 ? 79 HOH B O     1 
# 
